data_5FKU
#
_entry.id   5FKU
#
_cell.length_a   1.000
_cell.length_b   1.000
_cell.length_c   1.000
_cell.angle_alpha   90.00
_cell.angle_beta   90.00
_cell.angle_gamma   90.00
#
_symmetry.space_group_name_H-M   'P 1'
#
loop_
_entity.id
_entity.type
_entity.pdbx_description
1 polymer 'DNA POLYMERASE III SUBUNIT ALPHA'
2 polymer 'DNA POLYMERASE III SUBUNIT BETA'
3 polymer 'DNA POLYMERASE III SUBUNIT EPSILON'
4 polymer 'DNA POLYMERASE III SUBUNIT TAU'
#
loop_
_entity_poly.entity_id
_entity_poly.type
_entity_poly.pdbx_seq_one_letter_code
_entity_poly.pdbx_strand_id
1 'polypeptide(L)'
;MSEPRFVHLRVHSDYSMIDGLAKTAPLVKKAAALGMPALAITDFTNLCGLVKFYGAGHGAGIKPIVGADFNVQCDLLGDE
LTHLTVLAANNTGYQNLTLLISKAYQRGYGAAGPIIDRDWLIELNEGLILLSGGRMGDVGRSLLRGNSALVDECVAFYEE
HFPDRYFLELIRTGRPDEESYLHAAVELAEARGLPVVATNDVRFIDSSDFDAHEIRVAIHDGFTLDDPKRPRNYSPQQYM
RSEEEMCELFADIPEALANTVEIAKRCNVTVRLGEYFLPQFPTGDMSTEDYLVKRAKEGLEERLAFLFPDEEERLKRRPE
YDERLETELQVINQMGFPGYFLIVMEFIQWSKDNGVPVGPGRGSGAGSLVAYALKITDLDPLEFDLLFERFLNPERVSMP
DFDVDFCMEKRDQVIEHVADMYGRDAVSQIITFGTMAAKAVIRDVGRVLGHPYGFVDRISKLIPPDPGMTLAKAFEAEPQ
LPEIYEADEEVKALIDMARKLEGVTRNAGKHAGGVVIAPTKITDFAPLYCDEEGKHPVTQFDKSDVEYAGLVKFDFLGLR
TLTIINWALEMINKRRAKNGEPPLDIAAIPLDDKKSFDMLQRSETTAVFQLESRGMKDLIKRLQPDCFEDMIALVALFRP
GPLQSGMVDNFIDRKHGREEISYPDVQWQHESLKPVLEPTYGIILYQEQVMQIAQVLSGYTLGGADMLRRAMGKKKPEEM
AKQRSVFAEGAEKNGINAELAMKIFDLVEKFAGYGFNKSHSAAYALVSYQTLWLKAHYPAEFMAAVMTADMDNTEKVVGL
VDECWRMGLKILPPDINSGLYHFHVNDDGEIVYGIGAIKGVGEGPIEAIIEARNKGGYFRELFDLCARTDTKKLNRRVLE
KLIMSGAFDRLGPHRAALMNSLGDALKAADQHAKAEAIGQLDLFGVLAEEPEQIEQSYASCQPWPEQVVLDGERETLGLY
LTGHPINQYLKEIERYVGGVRLKDMHPTERGKVITAAGLVVAARVMVTKRGNRIGICTLDDRSGRLEVMLFTDALDKYQQ
LLEKDRILIVSGQVSFDDFSGGLKMTAREVMDIDEAREKYARGLAISLTDRQIDDQLLNRLRQSLEPHRSGTIPVHLYYQ
RADARARLRFGATWRVSPSDRLLNDLRGLIGSEQVELEFD
;
A
2 'polypeptide(L)'
;MKFTVEREHLLKPLQQVSGPLGGRPTLPILGNLLLQVADGTLSLTGTDLEMEMVARVALVQPHEPGATTVPARKFFDICR
GLPEGAEIAVQLEGERMLVRSGRSRFSLSTLPAADFPNLDDWQSEVEFTLPQATMKRLIEATQFSMAHQDVRYYLNGMLF
ETEGEELRTVATDGHRLAVCSMPIGQSLPSHSVIVPRKGVIELMRMLDGGDNPLRVQIGSNNIRAHVGDFIFTSKLVDGR
FPDYRRVLPKNPDKHLEAGCDLLKQAFARAAILSNEKFRGVRLYVSENQLKITANNPEQEEAEEILDVTYSGAEMEIGFN
VSYVLDVLNALKCENVRMMLTDSVSSVQIEDAASQSAAYVVMPMRL
;
B,C
3 'polypeptide(L)'
;MSTAITRQIVLDTETTGMNQIGAHYEGHKIIEIGAVEVVNRRLTGNNFHVYLKPDRLVDPEAFGVHGIADEFLLDKPTFA
EVADEFMDYIRGAELVIHNAAFDIGFMDYEFSLLKRDIPKTNTFCKVTDSLAVARKMFPGKRNSLDALCARYEIDNSKRT
LHGALLDAQILAEVYLAMTGGQLSLPLAMEGETQQQQGEATIQRIVRQASKLRVVFATDEEIAAHEARLDLVQKKGGSCL
WRA
;
D
4 'polypeptide(L)'
;ALEHEKTPELAAKLAAEAIERDPWAAQVSQLSLPKLVEQVALNAWKEESDNAVCLHLRSSQRHLNNRGAQQKLAEALSML
KGSTVELTIVEDDNPAVRTPLEWRQAIYEEKLAQARESIIADNNIQTLRRFFDAELDEESIRPI
;
E
#
# COMPACT_ATOMS: atom_id res chain seq x y z
N MET A 1 -30.58 48.67 3.40
CA MET A 1 -30.65 49.64 4.54
C MET A 1 -29.74 49.25 5.74
N SER A 2 -30.14 48.22 6.53
CA SER A 2 -29.61 47.95 7.90
C SER A 2 -28.08 47.82 7.96
N GLU A 3 -27.53 46.70 7.59
CA GLU A 3 -26.37 46.80 6.75
C GLU A 3 -26.40 46.45 5.22
N PRO A 4 -27.16 45.39 4.86
CA PRO A 4 -26.78 44.54 3.70
C PRO A 4 -26.97 45.15 2.33
N ARG A 5 -25.89 45.16 1.56
CA ARG A 5 -25.90 45.35 0.11
C ARG A 5 -25.46 44.06 -0.58
N PHE A 6 -24.91 43.09 0.18
CA PHE A 6 -24.19 41.92 -0.38
C PHE A 6 -24.00 40.83 0.70
N VAL A 7 -24.14 39.56 0.28
CA VAL A 7 -23.70 38.41 1.09
C VAL A 7 -22.93 37.45 0.15
N HIS A 8 -22.00 36.68 0.72
CA HIS A 8 -21.18 35.74 -0.07
C HIS A 8 -21.98 34.47 -0.33
N LEU A 9 -22.10 34.07 -1.60
CA LEU A 9 -22.96 32.94 -1.99
C LEU A 9 -22.25 31.69 -2.49
N ARG A 10 -20.93 31.74 -2.64
CA ARG A 10 -20.14 30.55 -2.96
C ARG A 10 -18.89 30.51 -2.10
N VAL A 11 -18.92 29.61 -1.12
CA VAL A 11 -17.89 29.52 -0.11
C VAL A 11 -17.82 28.05 0.31
N HIS A 12 -16.60 27.50 0.48
CA HIS A 12 -16.40 26.13 0.97
C HIS A 12 -15.83 26.14 2.39
N SER A 13 -16.37 25.26 3.23
CA SER A 13 -15.73 24.91 4.49
C SER A 13 -14.77 23.78 4.24
N ASP A 14 -14.07 23.36 5.28
CA ASP A 14 -13.18 22.21 5.16
C ASP A 14 -13.93 20.92 4.83
N TYR A 15 -15.26 20.94 4.98
CA TYR A 15 -16.08 19.75 4.75
C TYR A 15 -16.17 19.32 3.29
N SER A 16 -15.79 20.22 2.37
CA SER A 16 -15.67 19.89 0.95
C SER A 16 -14.61 18.85 0.67
N MET A 17 -13.60 18.78 1.55
CA MET A 17 -12.52 17.79 1.53
C MET A 17 -11.54 17.82 0.33
N ILE A 18 -12.06 18.03 -0.87
CA ILE A 18 -11.24 18.38 -2.05
C ILE A 18 -10.52 19.73 -1.87
N ASP A 19 -11.19 20.62 -1.14
CA ASP A 19 -10.67 21.93 -0.80
C ASP A 19 -11.40 22.47 0.46
N GLY A 20 -11.31 23.77 0.74
CA GLY A 20 -11.72 24.31 2.05
C GLY A 20 -10.69 24.03 3.15
N LEU A 21 -10.72 24.81 4.23
CA LEU A 21 -9.68 24.70 5.28
C LEU A 21 -10.25 24.96 6.68
N ALA A 22 -10.97 26.08 6.83
CA ALA A 22 -11.57 26.45 8.10
C ALA A 22 -12.72 25.52 8.49
N LYS A 23 -12.79 25.25 9.78
CA LYS A 23 -13.86 24.49 10.37
C LYS A 23 -15.12 25.35 10.42
N THR A 24 -16.25 24.73 10.74
CA THR A 24 -17.54 25.36 10.47
C THR A 24 -17.86 26.53 11.39
N ALA A 25 -17.66 26.34 12.69
CA ALA A 25 -17.91 27.42 13.66
C ALA A 25 -17.04 28.65 13.42
N PRO A 26 -15.70 28.46 13.28
CA PRO A 26 -14.83 29.57 12.90
C PRO A 26 -15.25 30.32 11.62
N LEU A 27 -15.77 29.61 10.63
CA LEU A 27 -16.27 30.27 9.41
C LEU A 27 -17.46 31.17 9.73
N VAL A 28 -18.35 30.70 10.60
CA VAL A 28 -19.55 31.44 10.97
C VAL A 28 -19.17 32.69 11.77
N LYS A 29 -18.19 32.55 12.66
CA LYS A 29 -17.74 33.65 13.51
C LYS A 29 -17.02 34.76 12.74
N LYS A 30 -16.35 34.39 11.64
CA LYS A 30 -15.74 35.38 10.74
C LYS A 30 -16.79 36.18 9.98
N ALA A 31 -17.76 35.50 9.39
CA ALA A 31 -18.92 36.15 8.75
C ALA A 31 -19.55 37.23 9.66
N ALA A 32 -19.73 36.88 10.92
CA ALA A 32 -20.31 37.78 11.93
C ALA A 32 -19.36 38.91 12.33
N ALA A 33 -18.07 38.61 12.45
CA ALA A 33 -17.03 39.63 12.67
C ALA A 33 -16.97 40.62 11.51
N LEU A 34 -17.32 40.14 10.31
CA LEU A 34 -17.51 40.98 9.14
C LEU A 34 -18.85 41.72 9.10
N GLY A 35 -19.70 41.53 10.11
CA GLY A 35 -21.00 42.17 10.19
C GLY A 35 -21.98 41.72 9.13
N MET A 36 -21.92 40.44 8.74
CA MET A 36 -22.83 39.85 7.76
C MET A 36 -23.97 39.13 8.50
N PRO A 37 -25.23 39.27 8.02
CA PRO A 37 -26.41 38.77 8.74
C PRO A 37 -26.80 37.31 8.46
N ALA A 38 -26.28 36.73 7.37
CA ALA A 38 -26.57 35.35 6.98
C ALA A 38 -25.36 34.76 6.26
N LEU A 39 -25.43 33.49 5.85
CA LEU A 39 -24.26 32.84 5.29
C LEU A 39 -24.55 31.60 4.44
N ALA A 40 -24.15 31.63 3.16
CA ALA A 40 -24.25 30.46 2.29
C ALA A 40 -22.99 29.63 2.39
N ILE A 41 -23.15 28.33 2.58
CA ILE A 41 -22.04 27.40 2.45
C ILE A 41 -22.43 26.48 1.31
N THR A 42 -21.54 26.33 0.33
CA THR A 42 -21.79 25.43 -0.78
C THR A 42 -20.73 24.33 -0.90
N ASP A 43 -20.61 23.49 0.13
CA ASP A 43 -19.59 22.42 0.14
C ASP A 43 -19.71 21.43 -1.01
N PHE A 44 -18.57 20.82 -1.33
CA PHE A 44 -18.40 19.95 -2.49
C PHE A 44 -19.10 18.63 -2.28
N THR A 45 -20.20 18.43 -2.99
CA THR A 45 -20.92 17.15 -3.03
C THR A 45 -21.32 16.60 -1.65
N ASN A 46 -21.52 17.48 -0.67
CA ASN A 46 -21.94 17.04 0.67
C ASN A 46 -22.61 18.11 1.50
N LEU A 47 -23.26 17.65 2.56
CA LEU A 47 -23.92 18.47 3.54
C LEU A 47 -23.37 18.20 4.94
N CYS A 48 -22.11 17.79 5.01
CA CYS A 48 -21.50 17.32 6.24
C CYS A 48 -21.48 18.36 7.36
N GLY A 49 -21.29 19.63 6.96
CA GLY A 49 -21.25 20.75 7.89
C GLY A 49 -22.56 21.44 8.13
N LEU A 50 -23.63 20.95 7.51
CA LEU A 50 -24.96 21.54 7.55
C LEU A 50 -25.57 21.45 8.92
N VAL A 51 -25.47 20.27 9.52
CA VAL A 51 -25.94 20.02 10.89
C VAL A 51 -25.26 20.99 11.87
N LYS A 52 -23.97 21.19 11.67
CA LYS A 52 -23.18 22.07 12.53
C LYS A 52 -23.46 23.53 12.23
N PHE A 53 -23.74 23.81 10.97
CA PHE A 53 -24.11 25.13 10.53
C PHE A 53 -25.41 25.59 11.17
N TYR A 54 -26.41 24.73 11.11
CA TYR A 54 -27.70 25.03 11.72
C TYR A 54 -27.64 25.17 13.22
N GLY A 55 -26.90 24.32 13.90
CA GLY A 55 -26.63 24.49 15.33
C GLY A 55 -25.92 25.79 15.68
N ALA A 56 -24.97 26.23 14.85
CA ALA A 56 -24.25 27.49 15.07
C ALA A 56 -25.05 28.73 14.65
N GLY A 57 -25.92 28.57 13.65
CA GLY A 57 -26.81 29.62 13.19
C GLY A 57 -27.84 30.01 14.24
N HIS A 58 -28.52 28.99 14.77
CA HIS A 58 -29.43 29.10 15.93
C HIS A 58 -28.73 29.83 17.08
N GLY A 59 -27.52 29.40 17.44
CA GLY A 59 -26.84 29.89 18.63
C GLY A 59 -26.48 31.35 18.53
N ALA A 60 -26.14 31.78 17.32
CA ALA A 60 -25.65 33.15 17.08
C ALA A 60 -26.73 34.11 16.55
N GLY A 61 -27.97 33.62 16.37
CA GLY A 61 -29.05 34.38 15.71
C GLY A 61 -28.80 34.68 14.23
N ILE A 62 -27.98 33.84 13.60
CA ILE A 62 -27.59 33.98 12.18
C ILE A 62 -28.45 33.03 11.34
N LYS A 63 -28.96 33.52 10.22
CA LYS A 63 -29.71 32.68 9.30
C LYS A 63 -28.79 31.88 8.38
N PRO A 64 -28.86 30.54 8.45
CA PRO A 64 -28.11 29.72 7.49
C PRO A 64 -28.78 29.70 6.10
N ILE A 65 -27.97 29.76 5.03
CA ILE A 65 -28.45 29.76 3.64
C ILE A 65 -28.00 28.47 2.95
N VAL A 66 -28.91 27.84 2.21
CA VAL A 66 -28.73 26.49 1.68
C VAL A 66 -28.01 26.48 0.31
N GLY A 67 -26.90 25.75 0.21
CA GLY A 67 -26.18 25.58 -1.08
C GLY A 67 -25.14 24.47 -1.09
N ALA A 68 -24.73 24.02 -2.28
CA ALA A 68 -23.64 23.03 -2.47
C ALA A 68 -23.22 23.04 -3.91
N ASP A 69 -21.96 22.72 -4.18
CA ASP A 69 -21.44 22.75 -5.56
C ASP A 69 -21.11 21.37 -6.06
N PHE A 70 -21.31 21.15 -7.36
CA PHE A 70 -21.19 19.84 -8.01
C PHE A 70 -20.53 19.92 -9.39
N ASN A 71 -20.27 18.75 -9.98
CA ASN A 71 -19.83 18.63 -11.37
C ASN A 71 -20.87 17.95 -12.25
N VAL A 72 -21.10 18.53 -13.42
CA VAL A 72 -22.08 18.01 -14.37
C VAL A 72 -21.39 17.37 -15.57
N GLN A 73 -22.11 16.49 -16.25
CA GLN A 73 -21.71 15.97 -17.54
C GLN A 73 -22.89 15.94 -18.51
N CYS A 74 -22.89 16.82 -19.50
CA CYS A 74 -23.81 16.73 -20.65
C CYS A 74 -23.13 16.13 -21.91
N ASP A 75 -23.94 15.57 -22.81
CA ASP A 75 -23.43 14.98 -24.07
C ASP A 75 -22.82 16.01 -25.03
N LEU A 76 -23.23 17.28 -24.89
CA LEU A 76 -22.72 18.42 -25.69
C LEU A 76 -21.21 18.66 -25.58
N LEU A 77 -20.69 18.67 -24.34
CA LEU A 77 -19.25 18.87 -24.10
C LEU A 77 -18.46 17.59 -23.80
N GLY A 78 -19.11 16.44 -23.94
CA GLY A 78 -18.44 15.14 -23.83
C GLY A 78 -18.05 14.77 -22.41
N ASP A 79 -16.75 14.59 -22.18
CA ASP A 79 -16.18 14.18 -20.90
C ASP A 79 -15.86 15.36 -19.96
N GLU A 80 -15.79 16.57 -20.51
CA GLU A 80 -15.35 17.75 -19.77
C GLU A 80 -16.33 18.12 -18.65
N LEU A 81 -15.83 18.22 -17.41
CA LEU A 81 -16.67 18.57 -16.27
C LEU A 81 -16.72 20.06 -16.05
N THR A 82 -17.91 20.52 -15.70
CA THR A 82 -18.13 21.92 -15.34
C THR A 82 -18.56 22.07 -13.86
N HIS A 83 -18.45 23.29 -13.35
CA HIS A 83 -18.80 23.60 -11.96
C HIS A 83 -20.24 24.08 -11.85
N LEU A 84 -20.90 23.71 -10.77
CA LEU A 84 -22.31 24.05 -10.54
C LEU A 84 -22.52 24.31 -9.06
N THR A 85 -23.26 25.36 -8.73
CA THR A 85 -23.74 25.57 -7.36
C THR A 85 -25.23 25.33 -7.34
N VAL A 86 -25.66 24.44 -6.44
CA VAL A 86 -27.04 24.00 -6.38
C VAL A 86 -27.62 24.32 -5.01
N LEU A 87 -28.65 25.16 -4.99
CA LEU A 87 -29.31 25.57 -3.75
C LEU A 87 -30.65 24.83 -3.60
N ALA A 88 -30.97 24.36 -2.39
CA ALA A 88 -32.37 24.00 -2.05
C ALA A 88 -33.03 25.25 -1.49
N ALA A 89 -34.01 25.80 -2.22
CA ALA A 89 -34.72 27.02 -1.81
C ALA A 89 -35.87 26.76 -0.83
N ASN A 90 -36.44 25.55 -0.91
CA ASN A 90 -37.45 25.10 0.06
C ASN A 90 -37.32 23.60 0.28
N ASN A 91 -38.29 23.01 0.99
CA ASN A 91 -38.24 21.58 1.31
C ASN A 91 -38.57 20.65 0.17
N THR A 92 -39.35 21.12 -0.80
CA THR A 92 -39.54 20.38 -2.06
C THR A 92 -38.21 20.19 -2.78
N GLY A 93 -37.47 21.29 -2.94
CA GLY A 93 -36.12 21.29 -3.46
C GLY A 93 -35.15 20.42 -2.68
N TYR A 94 -35.18 20.55 -1.36
CA TYR A 94 -34.33 19.74 -0.46
C TYR A 94 -34.44 18.24 -0.72
N GLN A 95 -35.67 17.77 -0.92
CA GLN A 95 -35.94 16.36 -1.17
C GLN A 95 -35.52 15.97 -2.57
N ASN A 96 -35.74 16.88 -3.53
CA ASN A 96 -35.23 16.68 -4.88
C ASN A 96 -33.70 16.64 -4.93
N LEU A 97 -33.07 17.53 -4.17
CA LEU A 97 -31.61 17.57 -4.05
C LEU A 97 -31.06 16.32 -3.36
N THR A 98 -31.75 15.84 -2.33
CA THR A 98 -31.38 14.60 -1.66
C THR A 98 -31.43 13.40 -2.60
N LEU A 99 -32.44 13.38 -3.46
CA LEU A 99 -32.59 12.33 -4.49
C LEU A 99 -31.51 12.39 -5.57
N LEU A 100 -31.16 13.61 -5.94
CA LEU A 100 -30.17 13.86 -6.98
C LEU A 100 -28.79 13.41 -6.56
N ILE A 101 -28.42 13.76 -5.33
CA ILE A 101 -27.15 13.35 -4.71
C ILE A 101 -27.05 11.84 -4.62
N SER A 102 -28.10 11.19 -4.13
CA SER A 102 -28.14 9.74 -4.04
C SER A 102 -27.98 9.04 -5.39
N LYS A 103 -28.63 9.62 -6.38
CA LYS A 103 -28.61 9.13 -7.75
C LYS A 103 -27.20 9.20 -8.35
N ALA A 104 -26.48 10.29 -8.06
CA ALA A 104 -25.11 10.45 -8.53
C ALA A 104 -24.17 9.42 -7.94
N TYR A 105 -24.29 9.16 -6.64
CA TYR A 105 -23.44 8.16 -5.97
C TYR A 105 -23.79 6.74 -6.40
N GLN A 106 -25.07 6.46 -6.63
CA GLN A 106 -25.51 5.14 -7.10
C GLN A 106 -25.04 4.84 -8.52
N ARG A 107 -24.89 5.87 -9.34
CA ARG A 107 -24.36 5.72 -10.68
C ARG A 107 -22.87 5.28 -10.71
N GLY A 108 -22.11 5.60 -9.67
CA GLY A 108 -20.66 5.37 -9.66
C GLY A 108 -19.92 6.53 -10.31
N TYR A 109 -18.59 6.48 -10.27
CA TYR A 109 -17.75 7.60 -10.70
C TYR A 109 -16.31 7.16 -10.82
N GLY A 110 -15.43 8.07 -11.26
CA GLY A 110 -13.98 7.83 -11.38
C GLY A 110 -13.16 8.63 -10.39
N ALA A 111 -11.89 8.86 -10.69
CA ALA A 111 -11.00 9.61 -9.77
C ALA A 111 -11.49 11.03 -9.48
N ALA A 112 -12.18 11.64 -10.45
CA ALA A 112 -12.71 12.99 -10.29
C ALA A 112 -13.88 13.10 -9.31
N GLY A 113 -14.45 11.99 -8.87
CA GLY A 113 -15.56 12.02 -7.97
C GLY A 113 -16.86 11.91 -8.74
N PRO A 114 -17.98 11.82 -8.01
CA PRO A 114 -19.31 11.66 -8.60
C PRO A 114 -19.75 12.88 -9.41
N ILE A 115 -20.51 12.61 -10.47
CA ILE A 115 -20.92 13.61 -11.46
C ILE A 115 -22.41 13.48 -11.74
N ILE A 116 -23.05 14.58 -12.12
CA ILE A 116 -24.47 14.54 -12.49
C ILE A 116 -24.63 14.67 -13.99
N ASP A 117 -25.69 14.07 -14.53
CA ASP A 117 -26.15 14.37 -15.87
C ASP A 117 -26.97 15.64 -15.78
N ARG A 118 -26.70 16.58 -16.69
CA ARG A 118 -27.49 17.81 -16.77
C ARG A 118 -28.99 17.52 -16.80
N ASP A 119 -29.37 16.50 -17.57
CA ASP A 119 -30.79 16.21 -17.81
C ASP A 119 -31.52 15.55 -16.63
N TRP A 120 -30.78 15.16 -15.60
CA TRP A 120 -31.39 14.77 -14.32
C TRP A 120 -32.22 15.89 -13.73
N LEU A 121 -31.85 17.12 -14.07
CA LEU A 121 -32.58 18.31 -13.67
C LEU A 121 -33.95 18.48 -14.30
N ILE A 122 -34.30 17.65 -15.28
CA ILE A 122 -35.61 17.74 -15.90
C ILE A 122 -36.66 17.26 -14.91
N GLU A 123 -36.55 16.00 -14.52
CA GLU A 123 -37.51 15.40 -13.58
C GLU A 123 -37.26 15.90 -12.15
N LEU A 124 -35.98 16.05 -11.80
CA LEU A 124 -35.56 16.44 -10.44
C LEU A 124 -35.36 17.96 -10.39
N ASN A 125 -36.48 18.66 -10.23
CA ASN A 125 -36.63 20.03 -10.71
C ASN A 125 -37.23 21.00 -9.72
N GLU A 126 -38.42 20.68 -9.20
CA GLU A 126 -39.17 21.66 -8.42
C GLU A 126 -38.51 22.06 -7.09
N GLY A 127 -38.59 23.35 -6.76
CA GLY A 127 -38.04 23.88 -5.51
C GLY A 127 -36.55 24.14 -5.53
N LEU A 128 -35.91 24.03 -6.70
CA LEU A 128 -34.46 24.20 -6.86
C LEU A 128 -34.20 25.46 -7.71
N ILE A 129 -33.15 26.22 -7.35
CA ILE A 129 -32.72 27.41 -8.10
C ILE A 129 -31.26 27.18 -8.48
N LEU A 130 -30.90 27.52 -9.72
CA LEU A 130 -29.66 27.08 -10.34
C LEU A 130 -28.69 28.20 -10.60
N LEU A 131 -27.42 27.98 -10.29
CA LEU A 131 -26.35 28.92 -10.63
C LEU A 131 -25.46 28.28 -11.67
N SER A 132 -25.09 29.03 -12.71
CA SER A 132 -24.46 28.45 -13.90
C SER A 132 -23.05 27.89 -13.69
N GLY A 133 -22.35 28.34 -12.65
CA GLY A 133 -20.95 27.95 -12.44
C GLY A 133 -19.89 28.94 -12.89
N GLY A 134 -20.30 29.99 -13.60
CA GLY A 134 -19.37 31.03 -14.03
C GLY A 134 -18.58 30.62 -15.25
N ARG A 135 -17.31 31.03 -15.33
CA ARG A 135 -16.43 30.58 -16.42
C ARG A 135 -16.27 29.05 -16.45
N MET A 136 -16.35 28.43 -15.26
CA MET A 136 -16.22 26.98 -15.12
C MET A 136 -17.50 26.19 -15.34
N GLY A 137 -18.57 26.85 -15.75
CA GLY A 137 -19.87 26.22 -15.95
C GLY A 137 -20.06 25.83 -17.39
N ASP A 138 -21.25 25.29 -17.68
CA ASP A 138 -21.56 24.83 -19.03
C ASP A 138 -21.48 25.92 -20.04
N VAL A 139 -21.93 27.09 -19.60
CA VAL A 139 -22.19 28.18 -20.48
C VAL A 139 -20.90 29.01 -20.58
N GLY A 140 -20.22 29.17 -19.44
CA GLY A 140 -18.90 29.78 -19.41
C GLY A 140 -17.85 29.11 -20.28
N ARG A 141 -17.82 27.78 -20.23
CA ARG A 141 -16.88 27.01 -21.05
C ARG A 141 -17.19 27.12 -22.54
N SER A 142 -18.49 27.00 -22.88
CA SER A 142 -18.96 27.19 -24.25
C SER A 142 -18.69 28.61 -24.73
N LEU A 143 -18.89 29.61 -23.86
CA LEU A 143 -18.56 31.02 -24.19
C LEU A 143 -17.08 31.21 -24.51
N LEU A 144 -16.23 30.56 -23.72
CA LEU A 144 -14.78 30.68 -23.89
C LEU A 144 -14.28 30.01 -25.15
N ARG A 145 -14.91 28.89 -25.52
CA ARG A 145 -14.72 28.28 -26.83
C ARG A 145 -15.13 29.23 -27.95
N GLY A 146 -16.15 30.05 -27.70
CA GLY A 146 -16.72 30.90 -28.74
C GLY A 146 -17.59 30.10 -29.69
N ASN A 147 -18.23 29.04 -29.19
CA ASN A 147 -19.26 28.33 -29.96
C ASN A 147 -20.65 28.86 -29.57
N SER A 148 -21.10 29.82 -30.37
CA SER A 148 -22.33 30.57 -30.11
C SER A 148 -23.55 29.67 -30.18
N ALA A 149 -23.52 28.70 -31.09
CA ALA A 149 -24.61 27.71 -31.23
C ALA A 149 -24.72 26.82 -30.01
N LEU A 150 -23.56 26.36 -29.52
CA LEU A 150 -23.49 25.52 -28.33
C LEU A 150 -24.00 26.29 -27.11
N VAL A 151 -23.58 27.55 -26.97
CA VAL A 151 -24.02 28.43 -25.87
C VAL A 151 -25.56 28.55 -25.86
N ASP A 152 -26.11 28.86 -27.03
CA ASP A 152 -27.55 29.05 -27.17
C ASP A 152 -28.33 27.80 -26.82
N GLU A 153 -27.84 26.65 -27.26
CA GLU A 153 -28.49 25.37 -26.93
C GLU A 153 -28.44 25.06 -25.44
N CYS A 154 -27.32 25.38 -24.80
CA CYS A 154 -27.15 25.13 -23.36
C CYS A 154 -28.08 25.97 -22.50
N VAL A 155 -28.08 27.29 -22.71
CA VAL A 155 -28.97 28.20 -21.95
C VAL A 155 -30.44 27.84 -22.16
N ALA A 156 -30.79 27.57 -23.42
CA ALA A 156 -32.16 27.20 -23.81
C ALA A 156 -32.81 26.16 -22.87
N PHE A 157 -32.02 25.18 -22.43
CA PHE A 157 -32.48 24.18 -21.47
C PHE A 157 -32.98 24.82 -20.16
N TYR A 158 -32.22 25.77 -19.64
CA TYR A 158 -32.59 26.44 -18.38
C TYR A 158 -33.70 27.46 -18.56
N GLU A 159 -33.81 28.01 -19.76
CA GLU A 159 -34.90 28.93 -20.08
C GLU A 159 -36.24 28.17 -20.14
N GLU A 160 -36.20 26.91 -20.59
CA GLU A 160 -37.38 26.05 -20.60
C GLU A 160 -37.73 25.54 -19.20
N HIS A 161 -36.76 24.93 -18.53
CA HIS A 161 -37.04 24.23 -17.27
C HIS A 161 -36.84 25.04 -15.99
N PHE A 162 -36.18 26.20 -16.08
CA PHE A 162 -35.85 27.02 -14.88
C PHE A 162 -35.99 28.52 -15.11
N PRO A 163 -37.16 28.95 -15.63
CA PRO A 163 -37.37 30.39 -15.85
C PRO A 163 -37.27 31.18 -14.55
N ASP A 164 -36.52 32.28 -14.57
CA ASP A 164 -36.17 33.07 -13.37
C ASP A 164 -35.52 32.27 -12.22
N ARG A 165 -34.98 31.09 -12.51
CA ARG A 165 -34.41 30.25 -11.47
C ARG A 165 -33.07 29.67 -11.90
N TYR A 166 -32.40 30.38 -12.82
CA TYR A 166 -31.09 29.98 -13.30
C TYR A 166 -30.18 31.22 -13.38
N PHE A 167 -29.05 31.19 -12.68
CA PHE A 167 -28.22 32.38 -12.52
C PHE A 167 -26.83 32.25 -13.13
N LEU A 168 -26.36 33.32 -13.75
CA LEU A 168 -24.98 33.42 -14.17
C LEU A 168 -24.10 33.84 -13.01
N GLU A 169 -23.10 33.02 -12.71
CA GLU A 169 -22.06 33.39 -11.73
C GLU A 169 -20.97 34.30 -12.33
N LEU A 170 -20.71 35.42 -11.66
CA LEU A 170 -19.72 36.38 -12.14
C LEU A 170 -18.58 36.48 -11.12
N ILE A 171 -17.34 36.40 -11.60
CA ILE A 171 -16.17 36.29 -10.71
C ILE A 171 -14.99 37.12 -11.22
N ARG A 172 -14.53 38.07 -10.42
CA ARG A 172 -13.29 38.79 -10.68
C ARG A 172 -12.31 38.50 -9.56
N THR A 173 -11.49 37.47 -9.74
CA THR A 173 -10.45 37.08 -8.78
C THR A 173 -9.05 37.04 -9.41
N GLY A 174 -8.89 37.70 -10.57
CA GLY A 174 -7.59 37.77 -11.26
C GLY A 174 -7.05 36.46 -11.80
N ARG A 175 -7.93 35.57 -12.26
CA ARG A 175 -7.55 34.23 -12.78
C ARG A 175 -7.76 34.10 -14.32
N PRO A 176 -7.05 33.15 -14.98
CA PRO A 176 -7.08 33.07 -16.46
C PRO A 176 -8.50 33.04 -17.03
N ASP A 177 -8.76 33.94 -18.00
CA ASP A 177 -10.00 34.01 -18.80
C ASP A 177 -11.25 34.63 -18.12
N GLU A 178 -11.13 35.08 -16.87
CA GLU A 178 -12.29 35.55 -16.09
C GLU A 178 -12.93 36.80 -16.68
N GLU A 179 -12.13 37.79 -17.04
CA GLU A 179 -12.61 39.06 -17.57
C GLU A 179 -13.16 38.93 -19.00
N SER A 180 -12.46 38.14 -19.82
CA SER A 180 -12.92 37.84 -21.18
C SER A 180 -14.28 37.11 -21.15
N TYR A 181 -14.38 36.09 -20.29
CA TYR A 181 -15.66 35.37 -20.09
C TYR A 181 -16.74 36.33 -19.59
N LEU A 182 -16.39 37.12 -18.57
CA LEU A 182 -17.32 38.06 -17.92
C LEU A 182 -17.91 39.00 -18.94
N HIS A 183 -17.06 39.55 -19.80
CA HIS A 183 -17.51 40.51 -20.79
C HIS A 183 -18.52 39.86 -21.75
N ALA A 184 -18.19 38.65 -22.22
CA ALA A 184 -19.07 37.87 -23.11
C ALA A 184 -20.34 37.34 -22.42
N ALA A 185 -20.26 37.02 -21.12
CA ALA A 185 -21.42 36.54 -20.35
C ALA A 185 -22.43 37.64 -20.07
N VAL A 186 -21.94 38.87 -19.82
CA VAL A 186 -22.78 40.06 -19.62
C VAL A 186 -23.57 40.38 -20.89
N GLU A 187 -22.92 40.22 -22.04
CA GLU A 187 -23.60 40.37 -23.34
C GLU A 187 -24.65 39.28 -23.57
N LEU A 188 -24.31 38.04 -23.25
CA LEU A 188 -25.28 36.94 -23.31
C LEU A 188 -26.47 37.16 -22.36
N ALA A 189 -26.17 37.57 -21.13
CA ALA A 189 -27.19 37.83 -20.09
C ALA A 189 -28.23 38.89 -20.47
N GLU A 190 -27.78 39.96 -21.12
CA GLU A 190 -28.69 40.99 -21.63
C GLU A 190 -29.46 40.48 -22.85
N ALA A 191 -28.79 39.75 -23.73
CA ALA A 191 -29.40 39.19 -24.94
C ALA A 191 -30.49 38.14 -24.66
N ARG A 192 -30.43 37.47 -23.50
CA ARG A 192 -31.37 36.40 -23.14
C ARG A 192 -32.42 36.74 -22.07
N GLY A 193 -32.25 37.90 -21.42
CA GLY A 193 -33.12 38.35 -20.34
C GLY A 193 -32.86 37.60 -19.06
N LEU A 194 -31.65 37.06 -18.93
CA LEU A 194 -31.31 36.18 -17.82
C LEU A 194 -30.60 36.95 -16.71
N PRO A 195 -30.76 36.49 -15.44
CA PRO A 195 -30.13 37.17 -14.31
C PRO A 195 -28.74 36.66 -13.92
N VAL A 196 -27.93 37.55 -13.35
CA VAL A 196 -26.57 37.23 -12.86
C VAL A 196 -26.48 37.39 -11.34
N VAL A 197 -25.61 36.62 -10.68
CA VAL A 197 -25.23 36.89 -9.28
C VAL A 197 -23.70 36.76 -9.13
N ALA A 198 -23.12 37.64 -8.32
CA ALA A 198 -21.67 37.65 -8.08
C ALA A 198 -21.36 36.96 -6.77
N THR A 199 -20.26 36.20 -6.74
CA THR A 199 -19.74 35.62 -5.51
C THR A 199 -18.25 35.89 -5.43
N ASN A 200 -17.62 35.57 -4.30
CA ASN A 200 -16.18 35.62 -4.25
C ASN A 200 -15.53 34.25 -4.24
N ASP A 201 -16.33 33.20 -4.37
CA ASP A 201 -15.80 31.84 -4.46
C ASP A 201 -14.76 31.68 -3.35
N VAL A 202 -15.18 31.91 -2.11
CA VAL A 202 -14.26 32.00 -0.97
C VAL A 202 -13.77 30.61 -0.52
N ARG A 203 -12.47 30.46 -0.31
CA ARG A 203 -11.92 29.24 0.25
C ARG A 203 -11.20 29.40 1.58
N PHE A 204 -10.92 30.63 2.01
CA PHE A 204 -10.17 30.85 3.25
C PHE A 204 -10.52 32.15 3.96
N ILE A 205 -10.12 32.23 5.23
CA ILE A 205 -10.39 33.39 6.05
C ILE A 205 -9.52 34.58 5.62
N ASP A 206 -8.20 34.41 5.66
CA ASP A 206 -7.23 35.51 5.40
C ASP A 206 -6.36 35.19 4.20
N SER A 207 -5.86 36.24 3.54
CA SER A 207 -5.06 36.10 2.33
C SER A 207 -3.80 35.23 2.48
N SER A 208 -3.22 35.20 3.69
CA SER A 208 -2.06 34.34 3.97
C SER A 208 -2.43 32.87 4.13
N ASP A 209 -3.74 32.58 4.17
CA ASP A 209 -4.23 31.20 4.16
C ASP A 209 -4.27 30.57 2.77
N PHE A 210 -3.99 31.34 1.72
CA PHE A 210 -4.03 30.83 0.35
C PHE A 210 -3.05 29.68 0.17
N ASP A 211 -1.85 29.86 0.71
CA ASP A 211 -0.77 28.89 0.62
C ASP A 211 -1.17 27.55 1.25
N ALA A 212 -1.83 27.63 2.40
CA ALA A 212 -2.33 26.47 3.13
C ALA A 212 -3.46 25.73 2.39
N HIS A 213 -4.37 26.48 1.75
CA HIS A 213 -5.41 25.91 0.90
C HIS A 213 -4.79 25.21 -0.31
N GLU A 214 -3.71 25.79 -0.86
CA GLU A 214 -3.06 25.18 -2.01
C GLU A 214 -2.55 23.80 -1.60
N ILE A 215 -1.96 23.77 -0.41
CA ILE A 215 -1.43 22.54 0.17
C ILE A 215 -2.54 21.55 0.52
N ARG A 216 -3.66 22.05 1.04
CA ARG A 216 -4.85 21.24 1.32
C ARG A 216 -5.37 20.51 0.09
N VAL A 217 -5.48 21.24 -1.01
CA VAL A 217 -5.93 20.66 -2.28
C VAL A 217 -4.95 19.56 -2.73
N ALA A 218 -3.66 19.91 -2.73
CA ALA A 218 -2.59 18.99 -3.14
C ALA A 218 -2.52 17.69 -2.30
N ILE A 219 -2.86 17.77 -1.03
CA ILE A 219 -2.97 16.60 -0.17
C ILE A 219 -4.11 15.69 -0.61
N HIS A 220 -5.23 16.30 -0.97
CA HIS A 220 -6.37 15.56 -1.50
C HIS A 220 -6.00 14.89 -2.83
N ASP A 221 -5.46 15.70 -3.75
CA ASP A 221 -5.08 15.21 -5.08
C ASP A 221 -3.89 14.22 -5.06
N GLY A 222 -3.04 14.30 -4.04
CA GLY A 222 -1.90 13.38 -3.88
C GLY A 222 -0.61 13.93 -4.41
N PHE A 223 -0.56 15.25 -4.67
CA PHE A 223 0.59 15.92 -5.29
C PHE A 223 1.28 16.89 -4.33
N THR A 224 2.45 17.34 -4.73
CA THR A 224 3.19 18.33 -3.95
C THR A 224 3.02 19.69 -4.64
N LEU A 225 3.10 20.77 -3.85
CA LEU A 225 2.86 22.18 -4.30
C LEU A 225 3.56 22.52 -5.63
N ASP A 226 4.85 22.23 -5.69
CA ASP A 226 5.69 22.69 -6.79
C ASP A 226 5.75 21.70 -7.96
N ASP A 227 4.91 20.67 -7.93
CA ASP A 227 4.73 19.76 -9.07
C ASP A 227 4.08 20.48 -10.27
N PRO A 228 4.77 20.51 -11.45
CA PRO A 228 4.25 21.12 -12.68
C PRO A 228 2.89 20.58 -13.14
N LYS A 229 2.64 19.29 -12.87
CA LYS A 229 1.38 18.62 -13.24
C LYS A 229 0.16 19.08 -12.42
N ARG A 230 0.42 19.78 -11.32
CA ARG A 230 -0.64 20.23 -10.44
C ARG A 230 -1.54 21.31 -11.07
N PRO A 231 -2.87 21.12 -11.04
CA PRO A 231 -3.76 22.18 -11.56
C PRO A 231 -3.69 23.46 -10.72
N ARG A 232 -3.59 24.61 -11.37
CA ARG A 232 -3.50 25.90 -10.68
C ARG A 232 -4.70 26.82 -10.98
N ASN A 233 -5.88 26.39 -10.54
CA ASN A 233 -7.13 27.08 -10.83
C ASN A 233 -7.53 28.15 -9.81
N TYR A 234 -6.68 28.42 -8.80
CA TYR A 234 -7.10 29.23 -7.63
C TYR A 234 -6.15 30.41 -7.35
N SER A 235 -6.62 31.44 -6.65
CA SER A 235 -5.88 32.70 -6.52
C SER A 235 -5.88 33.17 -5.07
N PRO A 236 -4.93 34.05 -4.71
CA PRO A 236 -4.91 34.62 -3.36
C PRO A 236 -6.10 35.53 -2.98
N GLN A 237 -6.93 35.91 -3.95
CA GLN A 237 -8.10 36.74 -3.69
C GLN A 237 -9.29 35.97 -3.11
N GLN A 238 -9.18 34.64 -3.03
CA GLN A 238 -10.28 33.76 -2.60
C GLN A 238 -10.41 33.62 -1.09
N TYR A 239 -10.36 34.75 -0.40
CA TYR A 239 -10.46 34.82 1.05
C TYR A 239 -11.80 35.43 1.40
N MET A 240 -12.12 35.50 2.69
CA MET A 240 -13.37 36.13 3.15
C MET A 240 -13.29 37.65 3.04
N ARG A 241 -13.52 38.15 1.83
CA ARG A 241 -13.64 39.57 1.63
C ARG A 241 -14.89 40.11 2.34
N SER A 242 -14.78 41.31 2.88
CA SER A 242 -15.91 41.97 3.52
C SER A 242 -16.95 42.45 2.48
N GLU A 243 -18.06 42.96 3.00
CA GLU A 243 -19.12 43.57 2.18
C GLU A 243 -18.57 44.71 1.34
N GLU A 244 -17.86 45.63 2.00
CA GLU A 244 -17.28 46.79 1.35
C GLU A 244 -16.26 46.42 0.28
N GLU A 245 -15.38 45.46 0.58
CA GLU A 245 -14.37 45.01 -0.39
C GLU A 245 -14.99 44.46 -1.67
N MET A 246 -16.08 43.69 -1.53
CA MET A 246 -16.84 43.23 -2.69
C MET A 246 -17.60 44.37 -3.39
N CYS A 247 -18.15 45.30 -2.61
CA CYS A 247 -18.81 46.49 -3.18
C CYS A 247 -17.90 47.34 -4.09
N GLU A 248 -16.61 47.40 -3.77
CA GLU A 248 -15.64 48.15 -4.57
C GLU A 248 -15.10 47.36 -5.77
N LEU A 249 -14.89 46.05 -5.57
CA LEU A 249 -14.49 45.12 -6.64
C LEU A 249 -15.46 45.16 -7.84
N PHE A 250 -16.73 45.39 -7.54
CA PHE A 250 -17.80 45.33 -8.52
C PHE A 250 -18.66 46.59 -8.56
N ALA A 251 -18.04 47.74 -8.26
CA ALA A 251 -18.71 49.04 -8.33
C ALA A 251 -19.15 49.40 -9.76
N ASP A 252 -18.73 48.61 -10.74
CA ASP A 252 -19.20 48.71 -12.12
C ASP A 252 -20.41 47.82 -12.45
N ILE A 253 -20.64 46.77 -11.65
CA ILE A 253 -21.81 45.88 -11.81
C ILE A 253 -22.54 45.76 -10.44
N PRO A 254 -23.27 46.82 -10.02
CA PRO A 254 -24.00 46.79 -8.73
C PRO A 254 -25.10 45.71 -8.64
N GLU A 255 -25.76 45.45 -9.76
CA GLU A 255 -26.71 44.33 -9.91
C GLU A 255 -26.18 43.01 -9.35
N ALA A 256 -24.87 42.77 -9.54
CA ALA A 256 -24.24 41.50 -9.17
C ALA A 256 -24.21 41.28 -7.66
N LEU A 257 -23.92 42.37 -6.93
CA LEU A 257 -23.96 42.40 -5.47
C LEU A 257 -25.40 42.28 -4.96
N ALA A 258 -26.25 43.17 -5.47
CA ALA A 258 -27.65 43.24 -5.11
C ALA A 258 -28.41 41.93 -5.38
N ASN A 259 -28.05 41.23 -6.46
CA ASN A 259 -28.68 39.93 -6.74
C ASN A 259 -28.33 38.85 -5.74
N THR A 260 -27.24 39.02 -4.97
CA THR A 260 -26.92 38.08 -3.88
C THR A 260 -27.90 38.22 -2.72
N VAL A 261 -28.14 39.47 -2.34
CA VAL A 261 -29.09 39.85 -1.31
C VAL A 261 -30.47 39.33 -1.70
N GLU A 262 -30.95 39.67 -2.89
CA GLU A 262 -32.24 39.18 -3.40
C GLU A 262 -32.41 37.65 -3.38
N ILE A 263 -31.45 36.93 -3.96
CA ILE A 263 -31.52 35.45 -3.99
C ILE A 263 -31.57 34.87 -2.56
N ALA A 264 -30.72 35.38 -1.69
CA ALA A 264 -30.66 34.94 -0.31
C ALA A 264 -31.98 35.08 0.45
N LYS A 265 -32.79 36.08 0.10
CA LYS A 265 -34.07 36.30 0.79
C LYS A 265 -35.16 35.37 0.25
N ARG A 266 -35.07 35.03 -1.04
CA ARG A 266 -35.95 34.01 -1.64
C ARG A 266 -35.71 32.56 -1.16
N CYS A 267 -34.59 32.32 -0.48
CA CYS A 267 -34.18 30.97 -0.10
C CYS A 267 -34.49 30.74 1.36
N ASN A 268 -35.52 29.95 1.63
CA ASN A 268 -36.00 29.74 2.99
C ASN A 268 -36.36 28.28 3.24
N VAL A 269 -35.41 27.50 3.76
CA VAL A 269 -35.68 26.10 4.07
C VAL A 269 -35.81 25.89 5.56
N THR A 270 -36.91 25.28 6.00
CA THR A 270 -37.09 24.84 7.38
C THR A 270 -36.70 23.36 7.52
N VAL A 271 -35.61 23.11 8.24
CA VAL A 271 -35.28 21.75 8.71
C VAL A 271 -35.31 21.86 10.22
N ARG A 272 -36.30 21.24 10.87
CA ARG A 272 -36.29 21.12 12.34
C ARG A 272 -35.35 20.01 12.84
N LEU A 273 -34.56 20.34 13.86
CA LEU A 273 -33.50 19.46 14.35
C LEU A 273 -33.64 19.13 15.82
N GLY A 274 -33.12 17.97 16.20
CA GLY A 274 -33.03 17.57 17.60
C GLY A 274 -34.27 16.93 18.15
N GLU A 275 -35.20 16.52 17.28
CA GLU A 275 -36.52 16.07 17.71
C GLU A 275 -37.03 14.98 16.78
N TYR A 276 -37.59 13.92 17.37
CA TYR A 276 -37.65 12.60 16.77
C TYR A 276 -38.86 12.28 15.94
N PHE A 277 -38.73 11.12 15.29
CA PHE A 277 -39.73 10.50 14.45
C PHE A 277 -39.68 9.01 14.78
N LEU A 278 -40.85 8.46 15.05
CA LEU A 278 -40.93 7.13 15.59
C LEU A 278 -41.40 6.13 14.50
N PRO A 279 -41.22 4.83 14.77
CA PRO A 279 -41.48 3.63 13.99
C PRO A 279 -41.92 2.41 14.83
N GLN A 280 -42.25 1.38 14.08
CA GLN A 280 -43.11 0.33 14.61
C GLN A 280 -42.78 -1.14 14.27
N PHE A 281 -43.82 -1.96 14.23
CA PHE A 281 -43.69 -3.40 14.35
C PHE A 281 -45.08 -3.99 14.12
N PRO A 282 -45.16 -5.19 13.49
CA PRO A 282 -46.53 -5.69 13.32
C PRO A 282 -47.18 -6.09 14.66
N THR A 283 -48.15 -5.28 15.05
CA THR A 283 -48.80 -5.45 16.35
C THR A 283 -50.27 -5.82 16.11
N GLY A 284 -50.63 -6.17 14.86
CA GLY A 284 -52.02 -6.39 14.46
C GLY A 284 -52.85 -5.12 14.64
N ASP A 285 -54.08 -5.29 15.09
CA ASP A 285 -54.95 -4.16 15.49
C ASP A 285 -54.72 -3.74 16.97
N MET A 286 -53.64 -4.23 17.59
CA MET A 286 -53.32 -3.91 18.98
C MET A 286 -52.41 -2.69 19.05
N SER A 287 -52.50 -1.98 20.16
CA SER A 287 -51.52 -0.97 20.50
C SER A 287 -50.10 -1.59 20.53
N THR A 288 -49.11 -0.75 20.27
CA THR A 288 -47.72 -1.17 20.38
C THR A 288 -47.37 -1.20 21.88
N GLU A 289 -47.82 -0.19 22.61
CA GLU A 289 -47.88 -0.21 24.09
C GLU A 289 -48.33 -1.57 24.67
N ASP A 290 -49.47 -2.04 24.23
CA ASP A 290 -50.12 -3.24 24.79
C ASP A 290 -49.42 -4.54 24.38
N TYR A 291 -48.89 -4.55 23.17
CA TYR A 291 -48.02 -5.62 22.69
C TYR A 291 -46.78 -5.76 23.59
N LEU A 292 -46.18 -4.64 23.96
CA LEU A 292 -45.05 -4.60 24.89
C LEU A 292 -45.42 -5.11 26.26
N VAL A 293 -46.54 -4.65 26.80
CA VAL A 293 -46.99 -5.08 28.13
C VAL A 293 -47.08 -6.63 28.14
N LYS A 294 -47.70 -7.16 27.08
CA LYS A 294 -47.86 -8.61 26.93
C LYS A 294 -46.52 -9.38 26.89
N ARG A 295 -45.68 -9.04 25.92
CA ARG A 295 -44.37 -9.68 25.77
C ARG A 295 -43.44 -9.50 26.98
N ALA A 296 -43.60 -8.42 27.75
CA ALA A 296 -42.78 -8.19 28.94
C ALA A 296 -43.21 -9.01 30.14
N LYS A 297 -44.54 -9.14 30.37
CA LYS A 297 -45.05 -10.00 31.45
C LYS A 297 -44.62 -11.46 31.24
N GLU A 298 -44.70 -11.86 29.97
CA GLU A 298 -44.46 -13.21 29.52
C GLU A 298 -42.96 -13.49 29.35
N GLY A 299 -42.18 -12.46 29.04
CA GLY A 299 -40.73 -12.54 29.03
C GLY A 299 -40.20 -12.67 30.44
N LEU A 300 -40.83 -11.91 31.36
CA LEU A 300 -40.53 -12.03 32.80
C LEU A 300 -40.78 -13.44 33.32
N GLU A 301 -41.81 -14.09 32.79
CA GLU A 301 -42.15 -15.46 33.18
C GLU A 301 -41.07 -16.47 32.80
N GLU A 302 -40.45 -16.29 31.63
CA GLU A 302 -39.35 -17.15 31.17
C GLU A 302 -38.16 -17.03 32.10
N ARG A 303 -37.75 -15.79 32.32
CA ARG A 303 -36.58 -15.51 33.11
C ARG A 303 -36.75 -16.01 34.54
N LEU A 304 -37.92 -15.76 35.12
CA LEU A 304 -38.23 -16.22 36.48
C LEU A 304 -38.15 -17.73 36.65
N ALA A 305 -38.59 -18.50 35.64
CA ALA A 305 -38.50 -19.97 35.68
C ALA A 305 -37.07 -20.48 35.42
N PHE A 306 -36.27 -19.69 34.71
CA PHE A 306 -34.84 -19.98 34.57
C PHE A 306 -34.10 -19.67 35.87
N LEU A 307 -34.35 -18.51 36.47
CA LEU A 307 -33.64 -18.09 37.69
C LEU A 307 -34.09 -18.89 38.91
N PHE A 308 -35.40 -19.04 39.07
CA PHE A 308 -35.96 -19.74 40.23
C PHE A 308 -36.87 -20.88 39.74
N PRO A 309 -36.25 -22.01 39.33
CA PRO A 309 -37.06 -23.12 38.83
C PRO A 309 -37.84 -23.87 39.94
N ASP A 310 -37.64 -23.48 41.19
CA ASP A 310 -38.55 -23.83 42.28
C ASP A 310 -39.67 -22.78 42.42
N GLU A 311 -40.91 -23.20 42.20
CA GLU A 311 -42.08 -22.30 42.20
C GLU A 311 -42.42 -21.67 43.56
N GLU A 312 -42.04 -22.31 44.65
CA GLU A 312 -42.20 -21.72 45.99
C GLU A 312 -41.30 -20.50 46.12
N GLU A 313 -40.03 -20.65 45.77
CA GLU A 313 -39.06 -19.54 45.77
C GLU A 313 -39.47 -18.42 44.82
N ARG A 314 -39.91 -18.79 43.62
CA ARG A 314 -40.35 -17.79 42.64
C ARG A 314 -41.47 -16.91 43.21
N LEU A 315 -42.39 -17.49 43.97
CA LEU A 315 -43.47 -16.70 44.60
C LEU A 315 -42.95 -15.70 45.64
N LYS A 316 -42.07 -16.14 46.55
CA LYS A 316 -41.51 -15.28 47.63
C LYS A 316 -40.57 -14.17 47.08
N ARG A 317 -39.82 -14.51 46.04
CA ARG A 317 -38.85 -13.59 45.44
C ARG A 317 -39.48 -12.62 44.41
N ARG A 318 -40.69 -12.96 43.95
CA ARG A 318 -41.36 -12.29 42.84
C ARG A 318 -41.78 -10.81 42.98
N PRO A 319 -42.39 -10.40 44.12
CA PRO A 319 -42.91 -9.01 44.22
C PRO A 319 -41.97 -7.89 43.74
N GLU A 320 -40.71 -7.94 44.20
CA GLU A 320 -39.62 -7.03 43.77
C GLU A 320 -39.53 -6.81 42.25
N TYR A 321 -39.70 -7.90 41.50
CA TYR A 321 -39.55 -7.93 40.04
C TYR A 321 -40.77 -7.29 39.37
N ASP A 322 -41.95 -7.66 39.84
CA ASP A 322 -43.21 -7.12 39.35
C ASP A 322 -43.31 -5.62 39.59
N GLU A 323 -42.88 -5.19 40.77
CA GLU A 323 -42.85 -3.76 41.11
C GLU A 323 -41.83 -3.01 40.25
N ARG A 324 -40.63 -3.59 40.08
CA ARG A 324 -39.64 -3.03 39.14
C ARG A 324 -40.22 -2.98 37.74
N LEU A 325 -40.86 -4.07 37.31
CA LEU A 325 -41.37 -4.18 35.95
C LEU A 325 -42.36 -3.07 35.65
N GLU A 326 -43.40 -2.93 36.48
CA GLU A 326 -44.43 -1.89 36.23
C GLU A 326 -43.93 -0.47 36.43
N THR A 327 -42.94 -0.28 37.29
CA THR A 327 -42.37 1.07 37.48
C THR A 327 -41.64 1.51 36.20
N GLU A 328 -40.85 0.61 35.62
CA GLU A 328 -40.23 0.84 34.33
C GLU A 328 -41.27 0.99 33.23
N LEU A 329 -42.19 0.04 33.15
CA LEU A 329 -43.25 0.08 32.15
C LEU A 329 -43.97 1.41 32.07
N GLN A 330 -44.19 2.01 33.23
CA GLN A 330 -44.85 3.32 33.32
C GLN A 330 -44.04 4.41 32.63
N VAL A 331 -42.75 4.44 32.88
CA VAL A 331 -41.89 5.48 32.31
C VAL A 331 -41.67 5.28 30.79
N ILE A 332 -41.50 4.03 30.37
CA ILE A 332 -41.31 3.70 28.96
C ILE A 332 -42.52 4.11 28.11
N ASN A 333 -43.71 3.83 28.62
CA ASN A 333 -44.94 4.08 27.88
C ASN A 333 -45.35 5.56 27.92
N GLN A 334 -45.13 6.21 29.05
CA GLN A 334 -45.44 7.62 29.24
C GLN A 334 -44.44 8.54 28.53
N MET A 335 -43.26 8.03 28.23
CA MET A 335 -42.28 8.75 27.42
C MET A 335 -42.41 8.44 25.93
N GLY A 336 -43.22 7.42 25.59
CA GLY A 336 -43.55 7.09 24.20
C GLY A 336 -42.51 6.22 23.49
N PHE A 337 -41.90 5.34 24.27
CA PHE A 337 -40.92 4.37 23.81
C PHE A 337 -41.22 2.99 23.16
N PRO A 338 -42.43 2.42 23.43
CA PRO A 338 -42.62 0.98 23.31
C PRO A 338 -42.27 0.34 21.95
N GLY A 339 -42.55 1.03 20.84
CA GLY A 339 -42.27 0.45 19.50
C GLY A 339 -40.79 0.21 19.30
N TYR A 340 -40.02 1.20 19.74
CA TYR A 340 -38.58 1.17 19.61
C TYR A 340 -37.96 -0.01 20.36
N PHE A 341 -38.34 -0.19 21.63
CA PHE A 341 -37.82 -1.30 22.39
C PHE A 341 -38.22 -2.64 21.81
N LEU A 342 -39.42 -2.73 21.24
CA LEU A 342 -39.92 -3.96 20.57
C LEU A 342 -39.09 -4.37 19.37
N ILE A 343 -38.75 -3.38 18.55
CA ILE A 343 -37.95 -3.60 17.35
C ILE A 343 -36.62 -4.23 17.75
N VAL A 344 -35.94 -3.50 18.64
CA VAL A 344 -34.62 -3.84 19.15
C VAL A 344 -34.62 -5.22 19.83
N MET A 345 -35.58 -5.53 20.71
CA MET A 345 -35.58 -6.82 21.39
C MET A 345 -35.76 -7.94 20.39
N GLU A 346 -36.56 -7.72 19.35
CA GLU A 346 -36.80 -8.78 18.40
C GLU A 346 -35.54 -9.03 17.62
N PHE A 347 -34.96 -7.92 17.19
CA PHE A 347 -33.69 -7.94 16.48
C PHE A 347 -32.59 -8.68 17.25
N ILE A 348 -32.49 -8.41 18.56
CA ILE A 348 -31.47 -9.02 19.41
C ILE A 348 -31.70 -10.51 19.54
N GLN A 349 -32.97 -10.90 19.66
CA GLN A 349 -33.35 -12.30 19.76
C GLN A 349 -33.05 -13.07 18.50
N TRP A 350 -33.53 -12.55 17.37
CA TRP A 350 -33.29 -13.20 16.11
C TRP A 350 -31.78 -13.42 15.86
N SER A 351 -30.96 -12.42 16.12
CA SER A 351 -29.50 -12.59 15.92
C SER A 351 -28.84 -13.59 16.89
N LYS A 352 -29.47 -13.89 18.03
CA LYS A 352 -28.99 -14.95 18.92
C LYS A 352 -29.36 -16.32 18.38
N ASP A 353 -30.59 -16.45 17.88
CA ASP A 353 -31.09 -17.69 17.25
C ASP A 353 -30.23 -18.12 16.08
N ASN A 354 -29.96 -17.16 15.21
CA ASN A 354 -29.00 -17.29 14.13
C ASN A 354 -27.59 -17.02 14.70
N GLY A 355 -26.53 -17.26 13.92
CA GLY A 355 -25.14 -17.10 14.39
C GLY A 355 -24.55 -15.70 14.28
N VAL A 356 -25.18 -14.72 14.93
CA VAL A 356 -24.76 -13.30 14.87
C VAL A 356 -24.22 -12.85 16.26
N PRO A 357 -22.87 -12.75 16.39
CA PRO A 357 -22.26 -12.20 17.60
C PRO A 357 -22.77 -10.78 17.94
N VAL A 358 -23.21 -10.59 19.18
CA VAL A 358 -23.61 -9.27 19.70
C VAL A 358 -22.51 -8.70 20.58
N GLY A 359 -22.22 -7.42 20.44
CA GLY A 359 -21.05 -6.82 21.08
C GLY A 359 -21.26 -6.73 22.57
N PRO A 360 -20.18 -6.49 23.36
CA PRO A 360 -20.34 -6.51 24.82
C PRO A 360 -21.16 -5.35 25.35
N GLY A 361 -21.16 -4.24 24.60
CA GLY A 361 -21.75 -3.00 25.04
C GLY A 361 -23.25 -3.11 25.26
N ARG A 362 -23.73 -2.38 26.26
CA ARG A 362 -25.15 -2.29 26.53
C ARG A 362 -25.52 -0.86 26.99
N GLY A 363 -24.62 0.11 26.82
CA GLY A 363 -24.69 1.39 27.51
C GLY A 363 -24.82 1.18 29.01
N SER A 364 -25.80 1.84 29.60
CA SER A 364 -26.23 1.54 30.96
C SER A 364 -27.49 0.66 30.95
N GLY A 365 -27.71 -0.05 29.84
CA GLY A 365 -28.92 -0.83 29.63
C GLY A 365 -29.09 -2.04 30.51
N ALA A 366 -27.97 -2.51 31.09
CA ALA A 366 -27.95 -3.57 32.10
C ALA A 366 -28.78 -3.27 33.38
N GLY A 367 -29.03 -1.98 33.65
CA GLY A 367 -29.91 -1.54 34.73
C GLY A 367 -31.41 -1.63 34.48
N SER A 368 -31.80 -2.12 33.28
CA SER A 368 -33.19 -2.41 32.96
C SER A 368 -33.47 -3.90 33.09
N LEU A 369 -34.37 -4.24 34.01
CA LEU A 369 -34.76 -5.61 34.25
C LEU A 369 -35.71 -6.03 33.14
N VAL A 370 -36.42 -5.05 32.58
CA VAL A 370 -37.28 -5.30 31.42
C VAL A 370 -36.43 -5.69 30.22
N ALA A 371 -35.33 -4.98 29.97
CA ALA A 371 -34.40 -5.36 28.90
C ALA A 371 -33.96 -6.80 29.10
N TYR A 372 -33.58 -7.12 30.33
CA TYR A 372 -33.18 -8.47 30.70
C TYR A 372 -34.31 -9.50 30.50
N ALA A 373 -35.49 -9.18 31.01
CA ALA A 373 -36.68 -10.02 30.87
C ALA A 373 -36.99 -10.35 29.41
N LEU A 374 -36.82 -9.33 28.57
CA LEU A 374 -37.08 -9.44 27.14
C LEU A 374 -35.93 -10.02 26.34
N LYS A 375 -34.83 -10.38 27.01
CA LYS A 375 -33.62 -10.92 26.40
C LYS A 375 -32.87 -9.88 25.54
N ILE A 376 -33.11 -8.60 25.82
CA ILE A 376 -32.40 -7.48 25.20
C ILE A 376 -31.00 -7.48 25.81
N THR A 377 -30.93 -7.69 27.12
CA THR A 377 -29.69 -7.69 27.85
C THR A 377 -29.41 -9.07 28.43
N ASP A 378 -28.23 -9.19 29.05
CA ASP A 378 -27.77 -10.43 29.63
C ASP A 378 -27.59 -10.37 31.17
N LEU A 379 -27.92 -9.25 31.84
CA LEU A 379 -27.59 -9.06 33.27
C LEU A 379 -28.81 -8.87 34.14
N ASP A 380 -28.84 -9.50 35.31
CA ASP A 380 -29.94 -9.31 36.25
C ASP A 380 -29.69 -8.06 37.09
N PRO A 381 -30.42 -6.96 36.81
CA PRO A 381 -30.16 -5.74 37.56
C PRO A 381 -30.58 -5.77 39.02
N LEU A 382 -31.59 -6.57 39.36
CA LEU A 382 -32.03 -6.69 40.74
C LEU A 382 -31.05 -7.46 41.60
N GLU A 383 -30.30 -8.38 40.99
CA GLU A 383 -29.29 -9.11 41.72
C GLU A 383 -28.16 -8.19 42.12
N PHE A 384 -27.78 -7.29 41.23
CA PHE A 384 -26.58 -6.47 41.42
C PHE A 384 -26.84 -4.98 41.69
N ASP A 385 -28.07 -4.64 42.09
CA ASP A 385 -28.47 -3.27 42.42
C ASP A 385 -28.17 -2.27 41.29
N LEU A 386 -28.51 -2.68 40.06
CA LEU A 386 -28.31 -1.85 38.86
C LEU A 386 -29.57 -1.00 38.63
N LEU A 387 -29.38 0.26 38.26
CA LEU A 387 -30.47 1.25 38.31
C LEU A 387 -30.82 1.75 36.91
N PHE A 388 -32.11 1.62 36.63
CA PHE A 388 -32.69 1.94 35.36
C PHE A 388 -32.61 3.43 35.08
N GLU A 389 -32.73 4.25 36.11
CA GLU A 389 -32.77 5.69 35.97
C GLU A 389 -31.44 6.36 35.56
N ARG A 390 -30.34 5.61 35.56
CA ARG A 390 -29.10 6.10 34.89
C ARG A 390 -29.21 6.02 33.37
N PHE A 391 -30.06 5.11 32.92
CA PHE A 391 -30.18 4.71 31.53
C PHE A 391 -31.34 5.40 30.83
N LEU A 392 -32.49 5.44 31.49
CA LEU A 392 -33.57 6.36 31.11
C LEU A 392 -34.15 7.01 32.36
N ASN A 393 -33.98 8.33 32.47
CA ASN A 393 -34.48 9.09 33.61
C ASN A 393 -35.82 9.78 33.28
N PRO A 394 -36.94 9.38 33.91
CA PRO A 394 -38.27 10.00 33.69
C PRO A 394 -38.40 11.47 34.10
N GLU A 395 -37.61 11.89 35.09
CA GLU A 395 -37.65 13.27 35.61
C GLU A 395 -36.66 14.17 34.86
N ARG A 396 -36.39 13.81 33.60
CA ARG A 396 -35.50 14.58 32.73
C ARG A 396 -35.74 14.11 31.29
N VAL A 397 -35.99 15.01 30.34
CA VAL A 397 -36.11 14.50 28.97
C VAL A 397 -34.74 13.86 28.63
N SER A 398 -34.80 12.52 28.58
CA SER A 398 -33.65 11.68 28.33
C SER A 398 -34.01 10.92 27.10
N MET A 399 -33.12 11.01 26.12
CA MET A 399 -33.40 10.54 24.78
C MET A 399 -33.30 9.01 24.73
N PRO A 400 -33.37 8.39 23.52
CA PRO A 400 -33.13 6.99 23.44
C PRO A 400 -31.72 6.62 23.02
N ASP A 401 -30.77 7.32 23.63
CA ASP A 401 -29.32 7.21 23.42
C ASP A 401 -28.85 5.76 23.48
N PHE A 402 -29.77 4.85 23.69
CA PHE A 402 -29.48 3.56 24.23
C PHE A 402 -28.28 2.88 23.52
N ASP A 403 -27.92 3.29 22.29
CA ASP A 403 -26.55 3.09 21.73
C ASP A 403 -26.18 1.60 21.79
N VAL A 404 -27.03 0.80 21.16
CA VAL A 404 -26.83 -0.64 21.20
C VAL A 404 -25.90 -1.06 20.07
N ASP A 405 -24.99 -1.97 20.39
CA ASP A 405 -24.03 -2.51 19.41
C ASP A 405 -24.14 -4.01 19.14
N PHE A 406 -23.48 -4.44 18.05
CA PHE A 406 -23.39 -5.84 17.64
C PHE A 406 -22.04 -6.05 16.93
N CYS A 407 -21.62 -7.29 16.69
CA CYS A 407 -20.29 -7.53 16.06
C CYS A 407 -20.31 -7.22 14.55
N MET A 408 -19.33 -6.40 14.17
CA MET A 408 -19.27 -5.72 12.88
C MET A 408 -19.03 -6.68 11.72
N GLU A 409 -18.30 -7.75 12.03
CA GLU A 409 -18.18 -8.94 11.15
C GLU A 409 -19.49 -9.46 10.54
N LYS A 410 -20.58 -9.33 11.28
CA LYS A 410 -21.83 -9.98 10.89
C LYS A 410 -22.93 -8.99 10.49
N ARG A 411 -22.49 -7.78 10.15
CA ARG A 411 -23.31 -6.70 9.64
C ARG A 411 -24.23 -7.06 8.47
N ASP A 412 -23.75 -7.90 7.55
CA ASP A 412 -24.48 -8.19 6.31
C ASP A 412 -25.71 -9.02 6.59
N GLN A 413 -25.54 -9.99 7.49
CA GLN A 413 -26.64 -10.79 7.99
C GLN A 413 -27.71 -9.93 8.68
N VAL A 414 -27.27 -8.96 9.47
CA VAL A 414 -28.20 -8.06 10.21
C VAL A 414 -28.88 -7.01 9.31
N ILE A 415 -28.09 -6.37 8.42
CA ILE A 415 -28.63 -5.48 7.40
C ILE A 415 -29.77 -6.20 6.70
N GLU A 416 -29.52 -7.47 6.34
CA GLU A 416 -30.49 -8.28 5.63
C GLU A 416 -31.80 -8.46 6.39
N HIS A 417 -31.69 -8.84 7.66
CA HIS A 417 -32.90 -9.05 8.48
C HIS A 417 -33.72 -7.76 8.63
N VAL A 418 -33.02 -6.64 8.80
CA VAL A 418 -33.69 -5.37 9.12
C VAL A 418 -34.18 -4.66 7.85
N ALA A 419 -33.69 -5.10 6.70
CA ALA A 419 -34.25 -4.70 5.40
C ALA A 419 -35.55 -5.47 5.13
N ASP A 420 -35.55 -6.77 5.39
CA ASP A 420 -36.77 -7.60 5.25
C ASP A 420 -37.88 -7.10 6.14
N MET A 421 -37.46 -6.57 7.28
CA MET A 421 -38.33 -6.05 8.31
C MET A 421 -38.92 -4.69 7.90
N TYR A 422 -38.05 -3.72 7.61
CA TYR A 422 -38.45 -2.31 7.49
C TYR A 422 -38.26 -1.66 6.12
N GLY A 423 -37.52 -2.31 5.23
CA GLY A 423 -37.23 -1.81 3.89
C GLY A 423 -35.77 -1.45 3.71
N ARG A 424 -35.14 -1.99 2.67
CA ARG A 424 -33.77 -1.62 2.27
C ARG A 424 -33.55 -0.11 2.11
N ASP A 425 -34.56 0.64 1.70
CA ASP A 425 -34.39 2.10 1.54
C ASP A 425 -34.53 2.86 2.86
N ALA A 426 -35.10 2.20 3.87
CA ALA A 426 -35.27 2.79 5.19
C ALA A 426 -34.11 2.46 6.12
N VAL A 427 -33.05 1.89 5.54
CA VAL A 427 -31.92 1.40 6.28
C VAL A 427 -30.66 1.94 5.63
N SER A 428 -29.75 2.44 6.45
CA SER A 428 -28.49 2.95 5.96
C SER A 428 -27.41 2.89 7.02
N GLN A 429 -26.18 2.82 6.52
CA GLN A 429 -24.98 2.91 7.32
C GLN A 429 -24.70 4.40 7.60
N ILE A 430 -23.86 4.66 8.61
CA ILE A 430 -23.49 6.03 9.02
C ILE A 430 -22.01 6.24 8.81
N ILE A 431 -21.63 7.32 8.12
CA ILE A 431 -20.21 7.56 7.87
C ILE A 431 -19.52 8.05 9.15
N THR A 432 -18.22 7.75 9.29
CA THR A 432 -17.39 8.31 10.37
C THR A 432 -16.61 9.47 9.76
N PHE A 433 -15.26 9.50 9.85
CA PHE A 433 -14.47 10.55 9.21
C PHE A 433 -12.99 10.25 9.17
N GLY A 434 -12.32 10.65 8.08
CA GLY A 434 -10.85 10.77 8.06
C GLY A 434 -10.44 12.22 8.30
N THR A 435 -9.78 12.50 9.42
CA THR A 435 -9.34 13.85 9.79
C THR A 435 -7.85 13.80 9.95
N MET A 436 -7.25 14.95 10.22
CA MET A 436 -5.82 15.09 10.25
C MET A 436 -5.24 14.95 11.66
N ALA A 437 -4.92 13.71 12.05
CA ALA A 437 -4.25 13.44 13.32
C ALA A 437 -2.78 13.83 13.25
N ALA A 438 -2.13 13.93 14.41
CA ALA A 438 -0.78 14.50 14.54
C ALA A 438 0.25 13.86 13.60
N LYS A 439 0.36 12.54 13.66
CA LYS A 439 1.27 11.79 12.78
C LYS A 439 0.95 12.01 11.30
N ALA A 440 -0.32 11.88 10.96
CA ALA A 440 -0.78 11.96 9.57
C ALA A 440 -0.56 13.33 8.94
N VAL A 441 -1.00 14.37 9.65
CA VAL A 441 -0.86 15.76 9.17
C VAL A 441 0.60 16.12 8.95
N ILE A 442 1.51 15.63 9.79
CA ILE A 442 2.91 15.96 9.60
C ILE A 442 3.41 15.27 8.34
N ARG A 443 3.16 13.97 8.24
CA ARG A 443 3.49 13.15 7.07
C ARG A 443 2.98 13.80 5.78
N ASP A 444 1.72 14.21 5.79
CA ASP A 444 1.07 14.66 4.56
C ASP A 444 1.55 16.06 4.15
N VAL A 445 1.68 16.97 5.11
CA VAL A 445 2.21 18.32 4.86
C VAL A 445 3.66 18.25 4.41
N GLY A 446 4.46 17.41 5.06
CA GLY A 446 5.87 17.24 4.72
C GLY A 446 6.15 16.79 3.30
N ARG A 447 5.33 15.85 2.81
CA ARG A 447 5.44 15.36 1.42
C ARG A 447 5.05 16.43 0.41
N VAL A 448 3.98 17.15 0.71
CA VAL A 448 3.55 18.27 -0.11
C VAL A 448 4.55 19.45 -0.10
N LEU A 449 5.27 19.64 1.01
CA LEU A 449 6.40 20.59 1.09
C LEU A 449 7.67 20.07 0.40
N GLY A 450 7.64 18.85 -0.11
CA GLY A 450 8.63 18.38 -1.06
C GLY A 450 9.87 17.75 -0.45
N HIS A 451 9.76 17.34 0.81
CA HIS A 451 10.84 16.61 1.45
C HIS A 451 10.75 15.14 1.05
N PRO A 452 11.89 14.41 1.05
CA PRO A 452 11.79 12.96 0.90
C PRO A 452 11.26 12.34 2.18
N TYR A 453 10.72 11.12 2.10
CA TYR A 453 10.10 10.48 3.26
C TYR A 453 11.01 10.44 4.51
N GLY A 454 12.31 10.24 4.29
CA GLY A 454 13.30 10.15 5.37
C GLY A 454 13.38 11.39 6.23
N PHE A 455 13.48 12.56 5.58
CA PHE A 455 13.57 13.85 6.27
C PHE A 455 12.41 14.04 7.24
N VAL A 456 11.20 13.85 6.72
CA VAL A 456 9.97 14.17 7.45
C VAL A 456 9.69 13.16 8.56
N ASP A 457 10.00 11.88 8.32
CA ASP A 457 9.78 10.83 9.32
C ASP A 457 10.69 10.99 10.54
N ARG A 458 11.88 11.57 10.30
CA ARG A 458 12.82 11.98 11.35
C ARG A 458 12.15 12.98 12.32
N ILE A 459 11.18 13.75 11.81
CA ILE A 459 10.41 14.69 12.62
C ILE A 459 9.17 14.03 13.24
N SER A 460 8.39 13.29 12.47
CA SER A 460 7.10 12.75 12.95
C SER A 460 7.23 11.70 14.05
N LYS A 461 8.34 10.95 14.01
CA LYS A 461 8.63 10.00 15.07
C LYS A 461 8.93 10.66 16.45
N LEU A 462 9.15 11.97 16.49
CA LEU A 462 9.30 12.73 17.75
C LEU A 462 7.96 13.19 18.35
N ILE A 463 6.89 13.13 17.54
CA ILE A 463 5.55 13.48 17.99
C ILE A 463 5.05 12.34 18.87
N PRO A 464 4.68 12.62 20.15
CA PRO A 464 4.16 11.58 21.04
C PRO A 464 2.97 10.78 20.46
N PRO A 465 2.77 9.54 20.95
CA PRO A 465 1.78 8.58 20.41
C PRO A 465 0.32 8.99 20.53
N ASP A 466 -0.03 9.82 21.52
CA ASP A 466 -1.34 9.78 22.17
C ASP A 466 -2.49 9.89 21.14
N PRO A 467 -3.68 9.32 21.46
CA PRO A 467 -4.76 9.35 20.47
C PRO A 467 -5.22 10.76 20.05
N GLY A 468 -5.34 11.67 21.00
CA GLY A 468 -5.84 13.02 20.72
C GLY A 468 -4.81 14.09 20.42
N MET A 469 -3.63 13.72 19.91
CA MET A 469 -2.47 14.64 19.86
C MET A 469 -2.74 15.95 19.07
N THR A 470 -2.32 17.07 19.67
CA THR A 470 -2.41 18.42 19.11
C THR A 470 -1.03 19.06 19.20
N LEU A 471 -0.85 20.18 18.51
CA LEU A 471 0.43 20.90 18.50
C LEU A 471 0.80 21.43 19.88
N ALA A 472 -0.20 22.00 20.58
CA ALA A 472 -0.01 22.49 21.94
C ALA A 472 0.43 21.36 22.88
N LYS A 473 -0.24 20.20 22.80
CA LYS A 473 0.16 19.01 23.57
C LYS A 473 1.54 18.49 23.19
N ALA A 474 1.88 18.56 21.90
CA ALA A 474 3.14 18.04 21.38
C ALA A 474 4.30 18.83 21.93
N PHE A 475 4.14 20.16 21.98
CA PHE A 475 5.15 21.09 22.52
C PHE A 475 5.47 20.89 24.01
N GLU A 476 4.47 20.43 24.78
CA GLU A 476 4.62 20.20 26.22
C GLU A 476 5.16 18.81 26.55
N ALA A 477 4.92 17.85 25.66
CA ALA A 477 5.36 16.46 25.85
C ALA A 477 6.79 16.23 25.34
N GLU A 478 7.21 17.03 24.36
CA GLU A 478 8.48 16.82 23.68
C GLU A 478 9.28 18.13 23.58
N PRO A 479 10.31 18.31 24.44
CA PRO A 479 11.15 19.54 24.39
C PRO A 479 12.02 19.75 23.13
N GLN A 480 12.24 18.68 22.36
CA GLN A 480 13.00 18.76 21.11
C GLN A 480 12.21 19.49 20.03
N LEU A 481 10.89 19.47 20.14
CA LEU A 481 10.00 20.18 19.21
C LEU A 481 10.20 21.70 19.22
N PRO A 482 10.05 22.41 20.39
CA PRO A 482 10.44 23.82 20.43
C PRO A 482 11.82 24.11 19.82
N GLU A 483 12.79 23.29 20.21
CA GLU A 483 14.16 23.46 19.81
C GLU A 483 14.44 23.35 18.30
N ILE A 484 13.92 22.32 17.65
CA ILE A 484 14.11 22.16 16.19
C ILE A 484 13.27 23.16 15.40
N TYR A 485 12.14 23.59 15.95
CA TYR A 485 11.35 24.66 15.35
C TYR A 485 12.18 25.95 15.16
N GLU A 486 12.89 26.35 16.22
CA GLU A 486 13.69 27.58 16.18
C GLU A 486 15.01 27.41 15.39
N ALA A 487 15.51 26.17 15.34
CA ALA A 487 16.77 25.85 14.67
C ALA A 487 16.64 25.42 13.19
N ASP A 488 15.42 25.16 12.72
CA ASP A 488 15.20 24.60 11.37
C ASP A 488 14.03 25.27 10.63
N GLU A 489 14.39 26.04 9.62
CA GLU A 489 13.44 26.84 8.83
C GLU A 489 12.38 25.95 8.18
N GLU A 490 12.80 24.76 7.73
CA GLU A 490 11.88 23.78 7.10
C GLU A 490 10.84 23.23 8.06
N VAL A 491 11.27 22.96 9.30
CA VAL A 491 10.39 22.49 10.39
C VAL A 491 9.40 23.59 10.77
N LYS A 492 9.87 24.83 10.86
CA LYS A 492 9.01 25.98 11.14
C LYS A 492 7.89 26.16 10.10
N ALA A 493 8.29 26.30 8.84
CA ALA A 493 7.35 26.31 7.70
C ALA A 493 6.35 25.16 7.76
N LEU A 494 6.83 23.98 8.13
CA LEU A 494 5.98 22.79 8.21
C LEU A 494 4.95 22.83 9.35
N ILE A 495 5.40 23.21 10.54
CA ILE A 495 4.52 23.29 11.72
C ILE A 495 3.54 24.47 11.62
N ASP A 496 3.98 25.58 11.03
CA ASP A 496 3.10 26.73 10.82
C ASP A 496 1.94 26.35 9.92
N MET A 497 2.21 25.48 8.95
CA MET A 497 1.18 24.99 8.06
C MET A 497 0.34 23.89 8.69
N ALA A 498 0.97 22.97 9.39
CA ALA A 498 0.26 21.97 10.19
C ALA A 498 -0.70 22.60 11.24
N ARG A 499 -0.32 23.77 11.77
CA ARG A 499 -1.20 24.53 12.68
C ARG A 499 -2.49 25.03 12.03
N LYS A 500 -2.39 25.42 10.76
CA LYS A 500 -3.57 25.87 10.01
C LYS A 500 -4.54 24.74 9.64
N LEU A 501 -4.02 23.52 9.54
CA LEU A 501 -4.79 22.36 9.07
C LEU A 501 -5.11 21.38 10.20
N GLU A 502 -4.74 21.72 11.42
CA GLU A 502 -4.94 20.84 12.57
C GLU A 502 -6.42 20.50 12.75
N GLY A 503 -6.70 19.20 12.76
CA GLY A 503 -8.05 18.66 12.99
C GLY A 503 -8.91 18.51 11.75
N VAL A 504 -8.42 18.97 10.61
CA VAL A 504 -9.24 19.09 9.42
C VAL A 504 -9.55 17.72 8.80
N THR A 505 -10.79 17.56 8.32
CA THR A 505 -11.26 16.31 7.73
C THR A 505 -10.67 16.06 6.33
N ARG A 506 -10.15 14.86 6.14
CA ARG A 506 -9.51 14.45 4.90
C ARG A 506 -10.39 13.66 3.92
N ASN A 507 -11.13 12.67 4.42
CA ASN A 507 -11.93 11.78 3.54
C ASN A 507 -12.96 10.94 4.28
N ALA A 508 -13.77 10.20 3.54
CA ALA A 508 -14.92 9.54 4.12
C ALA A 508 -14.60 8.49 5.16
N GLY A 509 -13.81 7.43 4.83
CA GLY A 509 -13.37 6.46 5.82
C GLY A 509 -13.45 4.99 5.44
N LYS A 510 -12.40 4.25 5.78
CA LYS A 510 -12.33 2.82 5.49
C LYS A 510 -13.52 2.09 6.11
N HIS A 511 -13.91 2.50 7.32
CA HIS A 511 -15.07 1.94 8.01
C HIS A 511 -16.18 2.98 8.21
N ALA A 512 -17.39 2.48 8.43
CA ALA A 512 -18.52 3.33 8.80
C ALA A 512 -18.56 3.52 10.32
N GLY A 513 -19.45 4.39 10.79
CA GLY A 513 -19.65 4.66 12.23
C GLY A 513 -20.71 3.85 12.95
N GLY A 514 -21.77 3.46 12.22
CA GLY A 514 -22.89 2.71 12.81
C GLY A 514 -24.05 2.51 11.86
N VAL A 515 -25.11 1.86 12.35
CA VAL A 515 -26.33 1.63 11.57
C VAL A 515 -27.48 2.38 12.22
N VAL A 516 -28.20 3.10 11.40
CA VAL A 516 -29.25 3.98 11.86
C VAL A 516 -30.57 3.48 11.28
N ILE A 517 -31.65 3.74 12.01
CA ILE A 517 -32.99 3.27 11.67
C ILE A 517 -33.91 4.47 11.55
N ALA A 518 -34.38 4.72 10.33
CA ALA A 518 -35.39 5.73 10.10
C ALA A 518 -36.77 5.08 10.10
N PRO A 519 -37.82 5.88 10.40
CA PRO A 519 -39.20 5.43 10.26
C PRO A 519 -39.72 5.42 8.81
N THR A 520 -39.05 6.17 7.93
CA THR A 520 -39.32 6.23 6.50
C THR A 520 -38.00 6.12 5.72
N LYS A 521 -38.04 6.33 4.40
CA LYS A 521 -36.80 6.24 3.63
C LYS A 521 -35.76 7.19 4.21
N ILE A 522 -34.52 6.74 4.17
CA ILE A 522 -33.44 7.55 4.71
C ILE A 522 -33.32 8.92 4.01
N THR A 523 -33.61 8.95 2.72
CA THR A 523 -33.61 10.21 1.95
C THR A 523 -34.57 11.27 2.47
N ASP A 524 -35.56 10.88 3.28
CA ASP A 524 -36.38 11.85 4.01
C ASP A 524 -35.59 12.67 5.00
N PHE A 525 -34.36 12.26 5.32
CA PHE A 525 -33.54 12.91 6.32
C PHE A 525 -32.16 13.35 5.83
N ALA A 526 -31.48 12.53 5.02
CA ALA A 526 -30.14 12.85 4.54
C ALA A 526 -29.91 12.35 3.11
N PRO A 527 -28.89 12.88 2.40
CA PRO A 527 -28.43 12.22 1.16
C PRO A 527 -27.48 11.09 1.49
N LEU A 528 -27.18 10.23 0.52
CA LEU A 528 -26.19 9.17 0.73
C LEU A 528 -24.81 9.53 0.22
N TYR A 529 -23.82 8.90 0.87
CA TYR A 529 -22.50 8.67 0.30
C TYR A 529 -22.38 7.16 0.13
N CYS A 530 -21.72 6.74 -0.94
CA CYS A 530 -21.50 5.32 -1.27
C CYS A 530 -20.08 5.12 -1.76
N ASP A 531 -19.63 3.87 -1.85
CA ASP A 531 -18.29 3.55 -2.32
C ASP A 531 -18.18 3.71 -3.85
N GLU A 532 -17.05 3.29 -4.41
CA GLU A 532 -16.73 3.50 -5.82
C GLU A 532 -17.64 2.71 -6.78
N GLU A 533 -18.30 1.68 -6.25
CA GLU A 533 -19.26 0.89 -6.99
C GLU A 533 -20.69 1.26 -6.63
N GLY A 534 -20.87 2.43 -5.99
CA GLY A 534 -22.16 2.85 -5.47
C GLY A 534 -22.78 1.90 -4.46
N LYS A 535 -21.94 1.21 -3.69
CA LYS A 535 -22.40 0.24 -2.69
C LYS A 535 -22.08 0.80 -1.32
N HIS A 536 -22.48 0.09 -0.27
CA HIS A 536 -22.25 0.54 1.11
C HIS A 536 -22.68 1.99 1.31
N PRO A 537 -23.99 2.28 1.17
CA PRO A 537 -24.53 3.62 1.36
C PRO A 537 -24.41 4.11 2.80
N VAL A 538 -23.94 5.33 3.00
CA VAL A 538 -23.76 5.88 4.34
C VAL A 538 -24.33 7.28 4.40
N THR A 539 -24.81 7.65 5.59
CA THR A 539 -25.34 8.97 5.81
C THR A 539 -24.21 9.98 5.73
N GLN A 540 -24.48 11.11 5.09
CA GLN A 540 -23.46 12.15 4.92
C GLN A 540 -23.19 12.89 6.24
N PHE A 541 -24.09 12.79 7.21
CA PHE A 541 -23.86 13.35 8.55
C PHE A 541 -23.25 12.23 9.40
N ASP A 542 -22.31 12.62 10.28
CA ASP A 542 -21.60 11.65 11.11
C ASP A 542 -22.42 11.27 12.35
N LYS A 543 -21.84 10.37 13.14
CA LYS A 543 -22.32 9.87 14.44
C LYS A 543 -23.21 10.83 15.24
N SER A 544 -22.58 11.87 15.76
CA SER A 544 -23.26 12.78 16.65
C SER A 544 -24.29 13.60 15.91
N ASP A 545 -23.95 14.01 14.71
CA ASP A 545 -24.79 14.91 13.95
C ASP A 545 -26.03 14.23 13.42
N VAL A 546 -25.88 13.00 12.95
CA VAL A 546 -26.98 12.28 12.33
C VAL A 546 -28.08 11.98 13.34
N GLU A 547 -27.66 11.68 14.58
CA GLU A 547 -28.61 11.36 15.61
C GLU A 547 -29.26 12.63 16.15
N TYR A 548 -28.50 13.70 16.22
CA TYR A 548 -29.03 14.99 16.65
C TYR A 548 -30.05 15.55 15.67
N ALA A 549 -29.92 15.19 14.40
CA ALA A 549 -30.93 15.44 13.38
C ALA A 549 -32.10 14.45 13.40
N GLY A 550 -32.19 13.63 14.44
CA GLY A 550 -33.43 12.94 14.76
C GLY A 550 -33.60 11.47 14.45
N LEU A 551 -32.63 10.77 13.88
CA LEU A 551 -32.78 9.28 13.69
C LEU A 551 -31.97 8.44 14.71
N VAL A 552 -32.56 7.36 15.21
CA VAL A 552 -31.93 6.52 16.25
C VAL A 552 -30.82 5.65 15.64
N LYS A 553 -29.67 5.57 16.33
CA LYS A 553 -28.53 4.83 15.81
C LYS A 553 -28.05 3.66 16.70
N PHE A 554 -27.38 2.72 16.03
CA PHE A 554 -26.88 1.50 16.65
C PHE A 554 -25.45 1.25 16.22
N ASP A 555 -24.54 1.17 17.17
CA ASP A 555 -23.12 1.17 16.87
C ASP A 555 -22.65 -0.14 16.21
N PHE A 556 -21.67 0.00 15.31
CA PHE A 556 -20.89 -1.15 14.84
C PHE A 556 -19.79 -1.41 15.84
N LEU A 557 -19.49 -2.69 16.06
CA LEU A 557 -18.47 -3.04 17.06
C LEU A 557 -17.53 -4.11 16.49
N GLY A 558 -16.24 -3.82 16.56
CA GLY A 558 -15.23 -4.64 15.88
C GLY A 558 -14.72 -5.79 16.72
N LEU A 559 -14.98 -5.75 18.02
CA LEU A 559 -14.27 -6.64 18.94
C LEU A 559 -14.66 -8.07 18.61
N ARG A 560 -13.72 -8.98 18.76
CA ARG A 560 -13.89 -10.35 18.33
C ARG A 560 -13.95 -11.33 19.54
N THR A 561 -14.39 -10.81 20.68
CA THR A 561 -14.55 -11.61 21.87
C THR A 561 -15.78 -12.50 21.74
N LEU A 562 -16.85 -12.01 21.12
CA LEU A 562 -18.01 -12.87 20.84
C LEU A 562 -17.74 -13.91 19.75
N THR A 563 -16.88 -13.58 18.79
CA THR A 563 -16.39 -14.59 17.85
C THR A 563 -15.66 -15.71 18.58
N ILE A 564 -14.83 -15.34 19.54
CA ILE A 564 -14.16 -16.28 20.44
C ILE A 564 -15.14 -17.18 21.19
N ILE A 565 -16.09 -16.57 21.88
CA ILE A 565 -17.11 -17.34 22.60
C ILE A 565 -17.84 -18.28 21.65
N ASN A 566 -18.36 -17.73 20.56
CA ASN A 566 -18.92 -18.53 19.47
C ASN A 566 -18.10 -19.78 19.16
N TRP A 567 -16.82 -19.60 18.81
CA TRP A 567 -15.95 -20.72 18.44
C TRP A 567 -15.70 -21.71 19.55
N ALA A 568 -15.53 -21.21 20.76
CA ALA A 568 -15.39 -22.02 21.94
C ALA A 568 -16.65 -22.83 22.26
N LEU A 569 -17.84 -22.24 22.07
CA LEU A 569 -19.13 -22.97 22.20
C LEU A 569 -19.29 -24.10 21.17
N GLU A 570 -18.90 -23.82 19.93
CA GLU A 570 -18.88 -24.87 18.88
C GLU A 570 -18.01 -26.06 19.30
N MET A 571 -16.87 -25.73 19.89
CA MET A 571 -15.85 -26.69 20.25
C MET A 571 -16.26 -27.45 21.50
N ILE A 572 -16.93 -26.79 22.44
CA ILE A 572 -17.51 -27.44 23.62
C ILE A 572 -18.59 -28.38 23.23
N ASN A 573 -19.49 -27.92 22.37
CA ASN A 573 -20.66 -28.70 22.00
C ASN A 573 -20.36 -29.90 21.09
N LYS A 574 -19.19 -29.89 20.45
CA LYS A 574 -18.63 -31.07 19.79
C LYS A 574 -18.32 -32.17 20.79
N ARG A 575 -17.78 -31.78 21.94
CA ARG A 575 -17.55 -32.68 23.07
C ARG A 575 -18.85 -33.32 23.52
N ARG A 576 -19.99 -32.86 22.98
CA ARG A 576 -21.22 -33.53 23.32
C ARG A 576 -21.28 -34.96 22.78
N ALA A 577 -21.15 -35.15 21.47
CA ALA A 577 -21.46 -36.44 20.90
C ALA A 577 -20.37 -37.44 21.31
N LYS A 578 -19.18 -36.90 21.60
CA LYS A 578 -18.04 -37.63 22.11
C LYS A 578 -18.34 -38.32 23.43
N ASN A 579 -19.23 -37.74 24.23
CA ASN A 579 -19.75 -38.43 25.43
C ASN A 579 -21.21 -38.12 25.75
N GLY A 580 -22.03 -37.85 24.73
CA GLY A 580 -23.48 -37.61 24.94
C GLY A 580 -23.90 -36.62 26.03
N GLU A 581 -23.09 -35.58 26.26
CA GLU A 581 -23.34 -34.58 27.33
C GLU A 581 -24.12 -33.43 26.76
N PRO A 582 -25.10 -32.88 27.52
CA PRO A 582 -25.92 -31.78 26.99
C PRO A 582 -25.07 -30.60 26.53
N PRO A 583 -25.52 -29.87 25.48
CA PRO A 583 -24.74 -28.71 25.02
C PRO A 583 -24.73 -27.61 26.09
N LEU A 584 -23.70 -26.77 26.08
CA LEU A 584 -23.39 -25.99 27.28
C LEU A 584 -23.86 -24.57 27.12
N ASP A 585 -24.47 -24.03 28.17
CA ASP A 585 -25.11 -22.72 28.14
C ASP A 585 -24.32 -21.81 29.06
N ILE A 586 -23.49 -20.96 28.47
CA ILE A 586 -22.68 -20.04 29.26
C ILE A 586 -23.53 -19.15 30.17
N ALA A 587 -24.75 -18.83 29.76
CA ALA A 587 -25.71 -18.12 30.61
C ALA A 587 -26.16 -18.91 31.84
N ALA A 588 -26.10 -20.24 31.76
CA ALA A 588 -26.54 -21.09 32.87
C ALA A 588 -25.47 -21.45 33.91
N ILE A 589 -24.32 -20.79 33.88
CA ILE A 589 -23.24 -21.10 34.84
C ILE A 589 -23.55 -20.52 36.24
N PRO A 590 -23.09 -21.20 37.32
CA PRO A 590 -23.23 -20.68 38.68
C PRO A 590 -22.32 -19.49 38.90
N LEU A 591 -22.72 -18.63 39.84
CA LEU A 591 -22.12 -17.30 40.07
C LEU A 591 -20.99 -17.24 41.13
N ASP A 592 -20.61 -18.40 41.69
CA ASP A 592 -19.62 -18.51 42.78
C ASP A 592 -18.51 -19.55 42.47
N ASP A 593 -18.34 -19.85 41.18
CA ASP A 593 -17.57 -21.01 40.70
C ASP A 593 -16.13 -21.00 41.20
N LYS A 594 -15.71 -22.10 41.81
CA LYS A 594 -14.39 -22.14 42.46
C LYS A 594 -13.24 -22.26 41.47
N LYS A 595 -13.31 -23.19 40.52
CA LYS A 595 -12.38 -23.24 39.39
C LYS A 595 -12.08 -21.84 38.83
N SER A 596 -13.15 -21.09 38.53
CA SER A 596 -13.02 -19.70 38.05
C SER A 596 -12.18 -18.86 39.00
N PHE A 597 -12.59 -18.79 40.26
CA PHE A 597 -11.87 -17.97 41.24
C PHE A 597 -10.48 -18.54 41.60
N ASP A 598 -10.30 -19.85 41.49
CA ASP A 598 -8.97 -20.45 41.66
C ASP A 598 -8.00 -19.90 40.62
N MET A 599 -8.38 -20.00 39.34
CA MET A 599 -7.56 -19.51 38.24
C MET A 599 -7.28 -18.02 38.29
N LEU A 600 -8.29 -17.26 38.72
CA LEU A 600 -8.15 -15.82 38.91
C LEU A 600 -7.18 -15.46 40.05
N GLN A 601 -7.28 -16.17 41.16
CA GLN A 601 -6.35 -15.95 42.28
C GLN A 601 -4.93 -16.38 41.94
N ARG A 602 -4.80 -17.27 40.95
CA ARG A 602 -3.51 -17.61 40.32
C ARG A 602 -3.02 -16.57 39.30
N SER A 603 -3.78 -15.48 39.10
CA SER A 603 -3.40 -14.35 38.23
C SER A 603 -3.21 -14.72 36.74
N GLU A 604 -3.87 -15.79 36.30
CA GLU A 604 -3.70 -16.29 34.94
C GLU A 604 -4.72 -15.67 34.00
N THR A 605 -4.76 -14.33 34.01
CA THR A 605 -5.80 -13.53 33.35
C THR A 605 -5.34 -12.74 32.11
N THR A 606 -4.25 -13.16 31.48
CA THR A 606 -3.95 -12.64 30.16
C THR A 606 -4.88 -13.45 29.26
N ALA A 607 -5.35 -12.79 28.20
CA ALA A 607 -6.42 -13.29 27.36
C ALA A 607 -7.79 -13.39 28.04
N VAL A 608 -7.89 -12.91 29.27
CA VAL A 608 -9.16 -12.73 29.95
C VAL A 608 -9.55 -11.28 29.71
N PHE A 609 -10.73 -11.12 29.11
CA PHE A 609 -11.07 -9.96 28.33
C PHE A 609 -11.01 -8.68 29.15
N GLN A 610 -10.26 -7.69 28.66
CA GLN A 610 -10.04 -6.38 29.31
C GLN A 610 -9.08 -6.35 30.47
N LEU A 611 -8.69 -7.51 31.00
CA LEU A 611 -7.93 -7.59 32.27
C LEU A 611 -6.52 -8.20 32.10
N GLU A 612 -5.93 -7.95 30.93
CA GLU A 612 -4.70 -8.60 30.47
C GLU A 612 -3.45 -7.80 30.86
N SER A 613 -3.66 -6.54 31.26
CA SER A 613 -2.59 -5.66 31.74
C SER A 613 -1.77 -6.31 32.86
N ARG A 614 -0.48 -5.97 32.89
CA ARG A 614 0.41 -6.46 33.90
C ARG A 614 0.05 -5.77 35.19
N GLY A 615 -0.19 -4.46 35.12
CA GLY A 615 -0.67 -3.71 36.27
C GLY A 615 -1.90 -4.35 36.91
N MET A 616 -2.85 -4.71 36.07
CA MET A 616 -4.10 -5.32 36.51
C MET A 616 -3.84 -6.68 37.20
N LYS A 617 -2.92 -7.44 36.63
CA LYS A 617 -2.44 -8.67 37.23
C LYS A 617 -1.64 -8.43 38.52
N ASP A 618 -0.93 -7.31 38.63
CA ASP A 618 -0.30 -6.94 39.89
C ASP A 618 -1.35 -6.80 40.96
N LEU A 619 -2.42 -6.09 40.62
CA LEU A 619 -3.54 -5.83 41.54
C LEU A 619 -4.24 -7.12 41.96
N ILE A 620 -4.52 -7.96 40.98
CA ILE A 620 -5.18 -9.25 41.23
C ILE A 620 -4.37 -10.08 42.22
N LYS A 621 -3.06 -10.06 42.05
CA LYS A 621 -2.14 -10.83 42.89
C LYS A 621 -2.27 -10.44 44.33
N ARG A 622 -2.17 -9.13 44.58
CA ARG A 622 -2.26 -8.57 45.92
C ARG A 622 -3.65 -8.74 46.52
N LEU A 623 -4.67 -8.57 45.68
CA LEU A 623 -6.04 -8.59 46.17
C LEU A 623 -6.58 -10.00 46.37
N GLN A 624 -6.23 -10.93 45.50
CA GLN A 624 -6.79 -12.30 45.54
C GLN A 624 -8.33 -12.26 45.55
N PRO A 625 -8.91 -11.73 44.47
CA PRO A 625 -10.34 -11.43 44.41
C PRO A 625 -11.18 -12.69 44.31
N ASP A 626 -12.19 -12.77 45.17
CA ASP A 626 -12.87 -14.04 45.46
C ASP A 626 -14.39 -14.04 45.23
N CYS A 627 -14.92 -13.02 44.56
CA CYS A 627 -16.37 -12.95 44.31
C CYS A 627 -16.65 -12.08 43.11
N PHE A 628 -17.88 -12.18 42.60
CA PHE A 628 -18.26 -11.49 41.38
C PHE A 628 -18.29 -9.97 41.53
N GLU A 629 -18.70 -9.51 42.70
CA GLU A 629 -18.66 -8.07 43.03
C GLU A 629 -17.29 -7.45 42.79
N ASP A 630 -16.27 -8.21 43.18
CA ASP A 630 -14.88 -7.81 42.96
C ASP A 630 -14.58 -7.71 41.47
N MET A 631 -15.09 -8.67 40.70
CA MET A 631 -14.97 -8.64 39.25
C MET A 631 -15.63 -7.43 38.63
N ILE A 632 -16.78 -7.03 39.17
CA ILE A 632 -17.44 -5.82 38.67
C ILE A 632 -16.56 -4.60 38.95
N ALA A 633 -15.87 -4.63 40.07
CA ALA A 633 -15.08 -3.50 40.52
C ALA A 633 -13.79 -3.25 39.71
N LEU A 634 -13.22 -4.31 39.16
CA LEU A 634 -11.83 -4.31 38.66
C LEU A 634 -11.49 -3.24 37.68
N VAL A 635 -12.35 -3.05 36.70
CA VAL A 635 -12.08 -2.10 35.63
C VAL A 635 -12.22 -0.66 36.13
N ALA A 636 -13.08 -0.47 37.12
CA ALA A 636 -13.27 0.86 37.72
C ALA A 636 -12.13 1.21 38.65
N LEU A 637 -11.59 0.20 39.33
CA LEU A 637 -10.43 0.40 40.18
C LEU A 637 -9.15 0.59 39.37
N PHE A 638 -9.01 -0.11 38.26
CA PHE A 638 -7.79 -0.14 37.47
C PHE A 638 -7.67 1.07 36.57
N ARG A 639 -7.45 2.22 37.19
CA ARG A 639 -7.35 3.50 36.51
C ARG A 639 -6.43 4.41 37.31
N PRO A 640 -5.90 5.47 36.66
CA PRO A 640 -4.97 6.38 37.34
C PRO A 640 -5.54 7.07 38.58
N GLY A 641 -6.82 7.45 38.53
CA GLY A 641 -7.48 8.11 39.65
C GLY A 641 -7.55 7.24 40.89
N PRO A 642 -8.28 6.11 40.83
CA PRO A 642 -8.44 5.15 41.93
C PRO A 642 -7.14 4.67 42.58
N LEU A 643 -6.13 4.40 41.75
CA LEU A 643 -4.80 3.98 42.24
C LEU A 643 -4.07 5.10 42.97
N GLN A 644 -4.12 6.31 42.41
CA GLN A 644 -3.46 7.48 42.99
C GLN A 644 -4.43 8.31 43.82
N SER A 645 -5.38 7.65 44.47
CA SER A 645 -6.15 8.25 45.54
C SER A 645 -6.27 7.36 46.78
N GLY A 646 -5.62 6.18 46.77
CA GLY A 646 -5.63 5.28 47.90
C GLY A 646 -6.92 4.52 48.18
N MET A 647 -7.95 4.72 47.36
CA MET A 647 -9.25 4.07 47.59
C MET A 647 -9.19 2.58 47.30
N VAL A 648 -8.33 2.21 46.35
CA VAL A 648 -8.06 0.82 46.00
C VAL A 648 -7.49 0.07 47.22
N ASP A 649 -6.48 0.69 47.85
CA ASP A 649 -5.83 0.14 49.03
C ASP A 649 -6.77 0.06 50.23
N ASN A 650 -7.59 1.11 50.42
CA ASN A 650 -8.63 1.13 51.46
C ASN A 650 -9.59 -0.02 51.27
N PHE A 651 -10.06 -0.15 50.04
CA PHE A 651 -11.01 -1.19 49.67
C PHE A 651 -10.46 -2.57 49.98
N ILE A 652 -9.27 -2.86 49.46
CA ILE A 652 -8.54 -4.12 49.71
C ILE A 652 -8.32 -4.36 51.22
N ASP A 653 -7.87 -3.34 51.94
CA ASP A 653 -7.62 -3.49 53.39
C ASP A 653 -8.90 -3.76 54.21
N ARG A 654 -9.96 -3.02 53.91
CA ARG A 654 -11.21 -3.15 54.67
C ARG A 654 -11.86 -4.50 54.34
N LYS A 655 -11.64 -5.00 53.13
CA LYS A 655 -12.12 -6.33 52.75
C LYS A 655 -11.55 -7.46 53.61
N HIS A 656 -10.24 -7.39 53.90
CA HIS A 656 -9.54 -8.50 54.59
C HIS A 656 -9.29 -8.27 56.09
N GLY A 657 -10.09 -7.40 56.70
CA GLY A 657 -10.04 -7.18 58.15
C GLY A 657 -8.87 -6.38 58.67
N ARG A 658 -8.11 -5.75 57.77
CA ARG A 658 -6.93 -4.96 58.16
C ARG A 658 -7.27 -3.56 58.70
N GLU A 659 -8.52 -3.13 58.49
CA GLU A 659 -9.00 -1.85 59.00
C GLU A 659 -10.48 -2.00 59.31
N GLU A 660 -10.95 -1.32 60.37
CA GLU A 660 -12.39 -1.24 60.71
C GLU A 660 -13.21 -0.76 59.51
N ILE A 661 -14.30 -1.49 59.23
CA ILE A 661 -15.23 -1.12 58.17
C ILE A 661 -16.23 -0.11 58.73
N SER A 662 -16.40 0.97 57.99
CA SER A 662 -17.33 2.02 58.35
C SER A 662 -18.21 2.31 57.15
N TYR A 663 -19.36 2.92 57.41
CA TYR A 663 -20.39 3.10 56.37
C TYR A 663 -20.78 4.58 56.18
N PRO A 664 -19.90 5.41 55.60
CA PRO A 664 -18.61 5.06 55.00
C PRO A 664 -17.37 5.41 55.85
N ASP A 665 -17.52 6.36 56.79
CA ASP A 665 -16.39 6.89 57.57
C ASP A 665 -16.55 6.57 59.06
N VAL A 666 -15.43 6.52 59.78
CA VAL A 666 -15.38 6.24 61.24
C VAL A 666 -16.37 7.10 62.05
N GLN A 667 -16.28 8.42 61.83
CA GLN A 667 -17.20 9.38 62.44
C GLN A 667 -18.49 9.45 61.64
N TRP A 668 -18.33 9.77 60.36
CA TRP A 668 -19.46 10.07 59.47
C TRP A 668 -19.93 8.79 58.77
N GLN A 669 -20.67 7.99 59.52
CA GLN A 669 -21.29 6.77 59.03
C GLN A 669 -22.66 6.62 59.63
N HIS A 670 -23.47 5.78 59.00
CA HIS A 670 -24.78 5.46 59.50
C HIS A 670 -25.23 4.09 58.99
N GLU A 671 -25.81 3.33 59.90
CA GLU A 671 -26.23 1.95 59.61
C GLU A 671 -27.32 1.79 58.55
N SER A 672 -28.13 2.82 58.31
CA SER A 672 -29.05 2.83 57.17
C SER A 672 -28.36 2.80 55.80
N LEU A 673 -27.06 3.08 55.77
CA LEU A 673 -26.29 3.01 54.54
C LEU A 673 -25.74 1.62 54.25
N LYS A 674 -25.85 0.73 55.23
CA LYS A 674 -25.37 -0.63 55.13
C LYS A 674 -25.94 -1.39 53.94
N PRO A 675 -27.27 -1.39 53.71
CA PRO A 675 -27.75 -2.11 52.52
C PRO A 675 -27.22 -1.56 51.20
N VAL A 676 -27.02 -0.24 51.16
CA VAL A 676 -26.48 0.43 49.98
C VAL A 676 -25.00 0.13 49.78
N LEU A 677 -24.24 0.18 50.87
CA LEU A 677 -22.79 0.04 50.79
C LEU A 677 -22.26 -1.35 51.08
N GLU A 678 -23.12 -2.28 51.49
CA GLU A 678 -22.80 -3.70 51.70
C GLU A 678 -21.84 -4.30 50.68
N PRO A 679 -22.19 -4.26 49.37
CA PRO A 679 -21.36 -4.93 48.36
C PRO A 679 -19.89 -4.46 48.27
N THR A 680 -19.64 -3.22 48.68
CA THR A 680 -18.34 -2.59 48.54
C THR A 680 -17.67 -2.34 49.90
N TYR A 681 -18.15 -2.99 50.96
CA TYR A 681 -17.57 -2.87 52.32
C TYR A 681 -17.44 -1.43 52.83
N GLY A 682 -18.47 -0.64 52.54
CA GLY A 682 -18.52 0.76 52.97
C GLY A 682 -17.73 1.74 52.11
N ILE A 683 -17.16 1.27 51.01
CA ILE A 683 -16.44 2.15 50.07
C ILE A 683 -17.41 2.66 49.00
N ILE A 684 -17.37 3.97 48.73
CA ILE A 684 -18.18 4.61 47.70
C ILE A 684 -17.48 4.35 46.37
N LEU A 685 -17.95 3.36 45.60
CA LEU A 685 -17.31 3.11 44.29
C LEU A 685 -18.08 3.65 43.08
N TYR A 686 -19.42 3.53 43.12
CA TYR A 686 -20.21 3.69 41.91
C TYR A 686 -21.14 4.84 41.87
N GLN A 687 -21.44 5.21 40.64
CA GLN A 687 -22.46 6.18 40.31
C GLN A 687 -23.81 5.76 40.87
N GLU A 688 -24.09 4.46 40.79
CA GLU A 688 -25.35 3.91 41.27
C GLU A 688 -25.49 3.97 42.80
N GLN A 689 -24.37 3.91 43.51
CA GLN A 689 -24.35 4.02 44.97
C GLN A 689 -24.67 5.45 45.40
N VAL A 690 -24.10 6.44 44.70
CA VAL A 690 -24.49 7.84 44.86
C VAL A 690 -26.02 7.98 44.81
N MET A 691 -26.65 7.36 43.82
CA MET A 691 -28.09 7.47 43.63
C MET A 691 -28.90 6.75 44.72
N GLN A 692 -28.46 5.54 45.09
CA GLN A 692 -29.07 4.80 46.22
C GLN A 692 -28.96 5.54 47.57
N ILE A 693 -27.87 6.29 47.78
CA ILE A 693 -27.69 7.09 49.01
C ILE A 693 -28.71 8.22 49.09
N ALA A 694 -28.96 8.91 47.97
CA ALA A 694 -29.99 9.97 47.88
C ALA A 694 -31.40 9.41 48.10
N GLN A 695 -31.66 8.22 47.54
CA GLN A 695 -32.94 7.52 47.78
C GLN A 695 -33.12 7.13 49.26
N VAL A 696 -32.16 6.39 49.80
CA VAL A 696 -32.29 5.78 51.15
C VAL A 696 -32.12 6.81 52.26
N LEU A 697 -31.02 7.57 52.21
CA LEU A 697 -30.66 8.50 53.28
C LEU A 697 -31.64 9.67 53.33
N SER A 698 -31.89 10.27 52.16
CA SER A 698 -32.60 11.54 52.10
C SER A 698 -33.91 11.54 51.31
N GLY A 699 -34.50 10.36 51.07
CA GLY A 699 -35.84 10.23 50.47
C GLY A 699 -36.03 10.72 49.03
N TYR A 700 -34.95 10.74 48.25
CA TYR A 700 -35.02 11.15 46.85
C TYR A 700 -35.83 10.14 46.06
N THR A 701 -36.49 10.60 45.00
CA THR A 701 -36.95 9.71 43.95
C THR A 701 -35.71 9.23 43.21
N LEU A 702 -35.85 8.11 42.52
CA LEU A 702 -34.75 7.52 41.74
C LEU A 702 -34.29 8.49 40.64
N GLY A 703 -35.26 9.26 40.11
CA GLY A 703 -35.01 10.19 39.02
C GLY A 703 -34.40 11.48 39.51
N GLY A 704 -34.83 11.94 40.68
CA GLY A 704 -34.19 13.05 41.37
C GLY A 704 -32.80 12.70 41.84
N ALA A 705 -32.59 11.43 42.20
CA ALA A 705 -31.28 10.92 42.59
C ALA A 705 -30.28 10.92 41.42
N ASP A 706 -30.75 10.49 40.25
CA ASP A 706 -29.95 10.58 39.03
C ASP A 706 -29.63 12.03 38.64
N MET A 707 -30.53 12.95 38.98
CA MET A 707 -30.28 14.37 38.73
C MET A 707 -29.22 14.96 39.66
N LEU A 708 -29.09 14.39 40.86
CA LEU A 708 -28.02 14.80 41.78
C LEU A 708 -26.65 14.35 41.26
N ARG A 709 -26.57 13.11 40.81
CA ARG A 709 -25.32 12.60 40.25
C ARG A 709 -24.87 13.41 39.04
N ARG A 710 -25.83 13.75 38.18
CA ARG A 710 -25.56 14.59 37.02
C ARG A 710 -25.02 15.95 37.42
N ALA A 711 -25.66 16.58 38.40
CA ALA A 711 -25.22 17.88 38.93
C ALA A 711 -23.83 17.80 39.58
N MET A 712 -23.48 16.67 40.17
CA MET A 712 -22.13 16.48 40.71
C MET A 712 -21.06 16.33 39.62
N GLY A 713 -21.42 15.89 38.42
CA GLY A 713 -20.49 15.83 37.30
C GLY A 713 -20.12 17.21 36.78
N LYS A 714 -21.10 18.08 36.71
CA LYS A 714 -20.96 19.44 36.16
C LYS A 714 -20.25 20.39 37.13
N LYS A 715 -20.50 20.20 38.42
CA LYS A 715 -19.77 20.86 39.52
C LYS A 715 -20.04 22.37 39.63
N LYS A 716 -21.24 22.79 39.23
CA LYS A 716 -21.57 24.22 39.13
C LYS A 716 -21.77 24.87 40.49
N PRO A 717 -21.58 26.22 40.58
CA PRO A 717 -21.73 26.87 41.90
C PRO A 717 -23.15 26.91 42.47
N GLU A 718 -24.12 27.40 41.68
CA GLU A 718 -25.51 27.53 42.05
C GLU A 718 -26.09 26.15 42.32
N GLU A 719 -25.77 25.23 41.43
CA GLU A 719 -26.56 24.03 41.31
C GLU A 719 -26.52 23.22 42.58
N MET A 720 -25.33 23.10 43.18
CA MET A 720 -25.17 22.27 44.37
C MET A 720 -25.94 22.88 45.50
N ALA A 721 -25.84 24.20 45.62
CA ALA A 721 -26.44 24.93 46.73
C ALA A 721 -27.88 24.49 47.03
N LYS A 722 -28.65 24.20 45.98
CA LYS A 722 -30.04 23.78 46.12
C LYS A 722 -30.20 22.34 46.59
N GLN A 723 -29.42 21.45 45.99
CA GLN A 723 -29.51 20.03 46.29
C GLN A 723 -28.97 19.78 47.69
N ARG A 724 -27.89 20.50 48.05
CA ARG A 724 -27.33 20.57 49.41
C ARG A 724 -28.41 20.81 50.50
N SER A 725 -29.41 21.62 50.14
CA SER A 725 -30.57 21.89 51.01
C SER A 725 -31.61 20.76 50.99
N VAL A 726 -31.89 20.21 49.80
CA VAL A 726 -32.83 19.09 49.68
C VAL A 726 -32.28 17.88 50.45
N PHE A 727 -30.98 17.61 50.29
CA PHE A 727 -30.28 16.53 51.00
C PHE A 727 -30.24 16.68 52.53
N ALA A 728 -30.33 17.92 53.00
CA ALA A 728 -30.35 18.21 54.43
C ALA A 728 -31.72 17.86 55.05
N GLU A 729 -32.79 18.37 54.45
CA GLU A 729 -34.16 18.12 54.90
C GLU A 729 -34.69 16.73 54.56
N GLY A 730 -34.03 16.06 53.61
CA GLY A 730 -34.35 14.69 53.29
C GLY A 730 -33.84 13.75 54.37
N ALA A 731 -32.62 14.02 54.85
CA ALA A 731 -32.04 13.26 55.97
C ALA A 731 -32.80 13.55 57.26
N GLU A 732 -33.11 14.83 57.51
CA GLU A 732 -33.95 15.24 58.64
C GLU A 732 -35.27 14.46 58.66
N LYS A 733 -35.90 14.34 57.49
CA LYS A 733 -37.18 13.61 57.30
C LYS A 733 -37.04 12.11 57.61
N ASN A 734 -35.85 11.53 57.41
CA ASN A 734 -35.58 10.16 57.85
C ASN A 734 -35.01 10.07 59.28
N GLY A 735 -35.11 11.16 60.06
CA GLY A 735 -34.56 11.20 61.42
C GLY A 735 -33.03 11.21 61.56
N ILE A 736 -32.31 11.28 60.45
CA ILE A 736 -30.84 11.22 60.43
C ILE A 736 -30.23 12.60 60.75
N ASN A 737 -29.15 12.58 61.53
CA ASN A 737 -28.42 13.78 61.95
C ASN A 737 -27.95 14.65 60.77
N ALA A 738 -28.12 15.97 60.92
CA ALA A 738 -27.88 16.93 59.84
C ALA A 738 -26.41 17.06 59.50
N GLU A 739 -25.56 17.15 60.52
CA GLU A 739 -24.12 17.35 60.34
C GLU A 739 -23.51 16.14 59.69
N LEU A 740 -23.96 14.96 60.13
CA LEU A 740 -23.57 13.69 59.52
C LEU A 740 -23.96 13.63 58.06
N ALA A 741 -25.20 14.02 57.75
CA ALA A 741 -25.75 13.99 56.39
C ALA A 741 -24.92 14.87 55.46
N MET A 742 -24.59 16.06 55.95
CA MET A 742 -23.83 17.01 55.16
C MET A 742 -22.35 16.64 55.04
N LYS A 743 -21.77 16.09 56.10
CA LYS A 743 -20.35 15.69 56.06
C LYS A 743 -20.13 14.48 55.14
N ILE A 744 -21.13 13.59 55.07
CA ILE A 744 -21.14 12.47 54.12
C ILE A 744 -21.36 12.95 52.67
N PHE A 745 -22.18 13.98 52.50
CA PHE A 745 -22.39 14.63 51.21
C PHE A 745 -21.08 15.16 50.62
N ASP A 746 -20.25 15.77 51.47
CA ASP A 746 -18.91 16.23 51.07
C ASP A 746 -18.04 15.09 50.54
N LEU A 747 -18.10 13.94 51.22
CA LEU A 747 -17.35 12.76 50.79
C LEU A 747 -17.91 12.16 49.50
N VAL A 748 -19.23 12.03 49.42
CA VAL A 748 -19.89 11.59 48.19
C VAL A 748 -19.37 12.43 47.01
N GLU A 749 -19.39 13.75 47.17
CA GLU A 749 -19.04 14.69 46.09
C GLU A 749 -17.56 14.63 45.69
N LYS A 750 -16.70 14.42 46.67
CA LYS A 750 -15.28 14.17 46.43
C LYS A 750 -15.08 12.94 45.54
N PHE A 751 -15.64 11.81 45.97
CA PHE A 751 -15.47 10.54 45.27
C PHE A 751 -16.34 10.38 44.03
N ALA A 752 -17.35 11.23 43.88
CA ALA A 752 -18.19 11.25 42.68
C ALA A 752 -17.40 11.57 41.42
N GLY A 753 -16.30 12.31 41.57
CA GLY A 753 -15.38 12.59 40.46
C GLY A 753 -14.85 11.37 39.71
N TYR A 754 -14.45 10.37 40.49
CA TYR A 754 -14.01 9.08 39.96
C TYR A 754 -15.17 8.07 39.80
N GLY A 755 -16.26 8.26 40.54
CA GLY A 755 -17.40 7.32 40.54
C GLY A 755 -17.76 6.67 39.20
N PHE A 756 -17.64 5.35 39.09
CA PHE A 756 -17.83 4.66 37.79
C PHE A 756 -19.25 4.12 37.61
N ASN A 757 -19.67 4.01 36.35
CA ASN A 757 -20.94 3.44 35.95
C ASN A 757 -20.92 1.95 36.14
N LYS A 758 -21.57 1.48 37.20
CA LYS A 758 -21.66 0.07 37.51
C LYS A 758 -22.28 -0.76 36.36
N SER A 759 -23.39 -0.32 35.78
CA SER A 759 -24.04 -1.06 34.70
C SER A 759 -23.19 -1.18 33.45
N HIS A 760 -22.36 -0.19 33.18
CA HIS A 760 -21.48 -0.24 32.05
C HIS A 760 -20.32 -1.15 32.38
N SER A 761 -19.82 -1.04 33.61
CA SER A 761 -18.73 -1.91 34.05
C SER A 761 -19.18 -3.37 34.10
N ALA A 762 -20.40 -3.60 34.56
CA ALA A 762 -20.98 -4.93 34.71
C ALA A 762 -21.19 -5.66 33.40
N ALA A 763 -21.78 -5.00 32.39
CA ALA A 763 -21.97 -5.61 31.06
C ALA A 763 -20.67 -6.19 30.51
N TYR A 764 -19.60 -5.42 30.64
CA TYR A 764 -18.28 -5.84 30.21
C TYR A 764 -17.68 -6.91 31.19
N ALA A 765 -17.83 -6.70 32.49
CA ALA A 765 -17.27 -7.64 33.47
C ALA A 765 -17.87 -9.04 33.37
N LEU A 766 -19.14 -9.11 32.98
CA LEU A 766 -19.81 -10.36 32.68
C LEU A 766 -19.07 -11.13 31.61
N VAL A 767 -18.59 -10.40 30.60
CA VAL A 767 -17.85 -11.03 29.52
C VAL A 767 -16.50 -11.52 30.01
N SER A 768 -15.83 -10.76 30.86
CA SER A 768 -14.61 -11.24 31.49
C SER A 768 -14.86 -12.56 32.27
N TYR A 769 -15.92 -12.60 33.07
CA TYR A 769 -16.23 -13.81 33.84
C TYR A 769 -16.53 -15.02 32.96
N GLN A 770 -17.13 -14.76 31.82
CA GLN A 770 -17.43 -15.80 30.88
C GLN A 770 -16.15 -16.38 30.30
N THR A 771 -15.23 -15.49 29.92
CA THR A 771 -13.93 -15.90 29.39
C THR A 771 -13.14 -16.64 30.45
N LEU A 772 -13.30 -16.21 31.70
CA LEU A 772 -12.65 -16.84 32.84
C LEU A 772 -13.16 -18.25 33.09
N TRP A 773 -14.48 -18.42 33.07
CA TRP A 773 -15.09 -19.69 33.41
C TRP A 773 -14.76 -20.77 32.37
N LEU A 774 -14.95 -20.41 31.10
CA LEU A 774 -14.61 -21.26 29.94
C LEU A 774 -13.17 -21.81 29.96
N LYS A 775 -12.26 -20.87 30.18
CA LYS A 775 -10.83 -21.15 30.25
C LYS A 775 -10.55 -22.05 31.42
N ALA A 776 -11.26 -21.94 32.52
CA ALA A 776 -11.03 -22.77 33.70
C ALA A 776 -11.60 -24.16 33.55
N HIS A 777 -12.71 -24.28 32.83
CA HIS A 777 -13.40 -25.56 32.69
C HIS A 777 -13.04 -26.33 31.46
N TYR A 778 -12.80 -25.60 30.36
CA TYR A 778 -12.36 -26.22 29.13
C TYR A 778 -11.43 -25.31 28.31
N PRO A 779 -10.38 -24.76 28.99
CA PRO A 779 -9.40 -24.04 28.18
C PRO A 779 -8.85 -24.86 27.01
N ALA A 780 -9.02 -26.19 27.05
CA ALA A 780 -8.64 -27.03 25.97
C ALA A 780 -9.32 -26.65 24.66
N GLU A 781 -10.31 -25.78 24.73
CA GLU A 781 -10.93 -25.26 23.54
C GLU A 781 -10.91 -23.76 23.52
N PHE A 782 -11.16 -23.19 24.70
CA PHE A 782 -11.19 -21.78 24.82
C PHE A 782 -9.89 -21.22 24.30
N MET A 783 -8.77 -21.86 24.68
CA MET A 783 -7.46 -21.39 24.27
C MET A 783 -7.34 -21.44 22.77
N ALA A 784 -7.86 -22.50 22.17
CA ALA A 784 -7.84 -22.69 20.73
C ALA A 784 -8.56 -21.56 20.06
N ALA A 785 -9.71 -21.22 20.65
CA ALA A 785 -10.52 -20.13 20.15
C ALA A 785 -9.76 -18.81 20.26
N VAL A 786 -9.08 -18.61 21.38
CA VAL A 786 -8.34 -17.38 21.57
C VAL A 786 -7.27 -17.25 20.53
N MET A 787 -6.58 -18.34 20.27
CA MET A 787 -5.56 -18.35 19.26
C MET A 787 -6.14 -17.99 17.94
N THR A 788 -7.24 -18.65 17.61
CA THR A 788 -7.88 -18.46 16.31
C THR A 788 -8.25 -17.00 16.13
N ALA A 789 -8.85 -16.39 17.15
CA ALA A 789 -9.28 -14.99 17.03
C ALA A 789 -8.16 -14.06 16.61
N ASP A 790 -7.03 -14.14 17.28
CA ASP A 790 -5.93 -13.24 17.00
C ASP A 790 -4.81 -13.98 16.33
N MET A 791 -5.16 -14.81 15.35
CA MET A 791 -4.18 -15.51 14.54
C MET A 791 -3.37 -14.52 13.74
N ASP A 792 -4.00 -13.42 13.33
CA ASP A 792 -3.38 -12.41 12.47
C ASP A 792 -2.21 -11.76 13.15
N ASN A 793 -2.34 -11.51 14.46
CA ASN A 793 -1.26 -10.85 15.17
C ASN A 793 -0.24 -11.85 15.64
N THR A 794 0.97 -11.74 15.11
CA THR A 794 2.04 -12.65 15.51
C THR A 794 2.42 -12.43 16.96
N GLU A 795 2.44 -11.18 17.40
CA GLU A 795 2.80 -10.89 18.78
C GLU A 795 1.81 -11.49 19.77
N LYS A 796 0.53 -11.29 19.51
CA LYS A 796 -0.52 -11.80 20.39
C LYS A 796 -0.52 -13.32 20.36
N VAL A 797 -0.41 -13.88 19.16
CA VAL A 797 -0.35 -15.33 18.98
C VAL A 797 0.77 -15.85 19.85
N VAL A 798 1.91 -15.19 19.84
CA VAL A 798 3.01 -15.60 20.66
C VAL A 798 2.66 -15.52 22.13
N GLY A 799 2.01 -14.45 22.56
CA GLY A 799 1.57 -14.37 23.97
C GLY A 799 0.68 -15.56 24.36
N LEU A 800 -0.28 -15.82 23.49
CA LEU A 800 -1.26 -16.87 23.72
C LEU A 800 -0.58 -18.22 23.83
N VAL A 801 0.38 -18.47 22.94
CA VAL A 801 1.05 -19.74 22.92
C VAL A 801 1.78 -19.92 24.21
N ASP A 802 2.42 -18.87 24.72
CA ASP A 802 3.21 -18.98 25.93
C ASP A 802 2.33 -19.45 27.05
N GLU A 803 1.12 -18.90 27.04
CA GLU A 803 0.13 -19.28 28.01
C GLU A 803 -0.29 -20.73 27.86
N CYS A 804 -0.54 -21.13 26.61
CA CYS A 804 -0.95 -22.50 26.28
C CYS A 804 0.04 -23.44 26.84
N TRP A 805 1.29 -23.20 26.47
CA TRP A 805 2.39 -24.10 26.74
C TRP A 805 2.54 -24.37 28.19
N ARG A 806 2.54 -23.29 28.96
CA ARG A 806 2.68 -23.40 30.39
C ARG A 806 1.56 -24.26 30.96
N MET A 807 0.38 -24.13 30.37
CA MET A 807 -0.77 -24.90 30.80
C MET A 807 -0.75 -26.39 30.44
N GLY A 808 -0.01 -26.76 29.40
CA GLY A 808 -0.07 -28.13 28.88
C GLY A 808 0.68 -28.33 27.57
N LEU A 809 0.21 -29.28 26.76
CA LEU A 809 0.97 -29.82 25.61
C LEU A 809 0.09 -30.22 24.44
N LYS A 810 0.73 -30.44 23.30
CA LYS A 810 0.15 -30.85 22.03
C LYS A 810 -1.04 -29.97 21.74
N ILE A 811 -0.93 -29.03 20.83
CA ILE A 811 0.27 -28.49 20.23
C ILE A 811 0.96 -29.50 19.33
N LEU A 812 1.09 -29.13 18.08
CA LEU A 812 1.54 -30.03 17.06
C LEU A 812 1.84 -29.21 15.81
N PRO A 813 2.73 -29.73 14.95
CA PRO A 813 2.93 -29.08 13.66
C PRO A 813 1.66 -29.20 12.79
N PRO A 814 1.52 -28.36 11.75
CA PRO A 814 0.39 -28.55 10.83
C PRO A 814 0.39 -29.93 10.15
N ASP A 815 -0.78 -30.39 9.74
CA ASP A 815 -0.86 -31.63 9.00
C ASP A 815 -1.92 -31.60 7.93
N ILE A 816 -1.49 -31.90 6.72
CA ILE A 816 -2.36 -31.84 5.56
C ILE A 816 -3.48 -32.86 5.66
N ASN A 817 -3.19 -34.01 6.27
CA ASN A 817 -4.21 -35.05 6.46
C ASN A 817 -5.26 -34.69 7.50
N SER A 818 -4.82 -34.24 8.67
CA SER A 818 -5.74 -33.98 9.79
C SER A 818 -6.33 -32.56 9.82
N GLY A 819 -5.54 -31.55 9.42
CA GLY A 819 -5.88 -30.13 9.63
C GLY A 819 -7.22 -29.66 9.10
N LEU A 820 -7.86 -28.77 9.85
CA LEU A 820 -9.09 -28.11 9.42
C LEU A 820 -8.74 -26.72 8.93
N TYR A 821 -9.78 -25.95 8.61
CA TYR A 821 -9.66 -24.54 8.28
C TYR A 821 -8.87 -23.77 9.30
N HIS A 822 -9.24 -23.81 10.57
CA HIS A 822 -8.46 -23.11 11.57
C HIS A 822 -7.88 -24.07 12.56
N PHE A 823 -7.43 -23.57 13.71
CA PHE A 823 -6.78 -24.41 14.69
C PHE A 823 -7.86 -25.32 15.21
N HIS A 824 -7.54 -26.58 15.35
CA HIS A 824 -8.53 -27.59 15.70
C HIS A 824 -8.03 -28.45 16.82
N VAL A 825 -8.96 -28.99 17.61
CA VAL A 825 -8.63 -29.88 18.68
C VAL A 825 -9.04 -31.29 18.31
N ASN A 826 -8.05 -32.15 18.15
CA ASN A 826 -8.34 -33.58 18.14
C ASN A 826 -8.66 -33.91 19.57
N ASP A 827 -9.13 -35.13 19.80
CA ASP A 827 -9.52 -35.55 21.14
C ASP A 827 -8.36 -35.34 22.10
N ASP A 828 -7.27 -36.05 21.86
CA ASP A 828 -6.10 -35.96 22.71
C ASP A 828 -5.37 -34.67 22.46
N GLY A 829 -5.09 -34.41 21.19
CA GLY A 829 -4.37 -33.21 20.76
C GLY A 829 -5.12 -32.02 21.25
N GLU A 830 -4.57 -31.35 22.25
CA GLU A 830 -5.15 -30.10 22.71
C GLU A 830 -5.38 -29.25 21.48
N ILE A 831 -4.40 -29.19 20.60
CA ILE A 831 -4.46 -28.27 19.50
C ILE A 831 -3.71 -28.79 18.30
N VAL A 832 -4.26 -28.54 17.10
CA VAL A 832 -3.48 -28.65 15.87
C VAL A 832 -3.63 -27.37 15.06
N TYR A 833 -2.56 -26.99 14.36
CA TYR A 833 -2.50 -25.77 13.55
C TYR A 833 -3.69 -25.54 12.66
N GLY A 834 -4.11 -24.29 12.58
CA GLY A 834 -5.07 -23.84 11.62
C GLY A 834 -4.24 -23.45 10.44
N ILE A 835 -4.84 -23.57 9.27
CA ILE A 835 -4.07 -23.51 8.04
C ILE A 835 -3.75 -22.07 7.67
N GLY A 836 -4.72 -21.21 7.97
CA GLY A 836 -4.63 -19.80 7.69
C GLY A 836 -3.46 -19.17 8.40
N ALA A 837 -3.00 -19.80 9.49
CA ALA A 837 -1.76 -19.44 10.19
C ALA A 837 -0.56 -19.22 9.26
N ILE A 838 -0.42 -20.09 8.25
CA ILE A 838 0.73 -19.99 7.38
C ILE A 838 0.71 -18.72 6.53
N LYS A 839 1.84 -18.02 6.53
CA LYS A 839 1.98 -16.70 5.89
C LYS A 839 1.90 -16.81 4.36
N GLY A 840 2.79 -17.61 3.80
CA GLY A 840 2.99 -17.69 2.36
C GLY A 840 1.87 -18.36 1.60
N VAL A 841 1.23 -19.36 2.20
CA VAL A 841 0.26 -20.16 1.44
C VAL A 841 -0.93 -19.29 1.18
N GLY A 842 -1.43 -19.39 -0.05
CA GLY A 842 -2.61 -18.69 -0.48
C GLY A 842 -3.85 -19.31 0.14
N GLU A 843 -4.94 -18.60 -0.07
CA GLU A 843 -6.26 -19.05 0.32
C GLU A 843 -6.69 -20.19 -0.59
N GLY A 844 -6.44 -20.06 -1.88
CA GLY A 844 -6.84 -21.09 -2.84
C GLY A 844 -6.17 -22.41 -2.52
N PRO A 845 -4.86 -22.37 -2.25
CA PRO A 845 -4.20 -23.62 -1.90
C PRO A 845 -4.72 -24.26 -0.60
N ILE A 846 -5.08 -23.47 0.41
CA ILE A 846 -5.58 -24.05 1.65
C ILE A 846 -6.88 -24.80 1.41
N GLU A 847 -7.77 -24.18 0.64
CA GLU A 847 -9.03 -24.82 0.32
C GLU A 847 -8.78 -26.04 -0.55
N ALA A 848 -7.82 -25.91 -1.47
CA ALA A 848 -7.49 -27.03 -2.36
C ALA A 848 -7.07 -28.24 -1.55
N ILE A 849 -6.19 -28.01 -0.57
CA ILE A 849 -5.66 -29.10 0.27
C ILE A 849 -6.82 -29.80 0.96
N ILE A 850 -7.68 -29.01 1.58
CA ILE A 850 -8.79 -29.59 2.32
C ILE A 850 -9.75 -30.29 1.39
N GLU A 851 -9.99 -29.70 0.21
CA GLU A 851 -10.90 -30.28 -0.75
C GLU A 851 -10.38 -31.64 -1.17
N ALA A 852 -9.10 -31.72 -1.50
CA ALA A 852 -8.49 -32.97 -1.92
C ALA A 852 -8.58 -34.00 -0.80
N ARG A 853 -8.38 -33.55 0.44
CA ARG A 853 -8.54 -34.44 1.60
C ARG A 853 -9.96 -34.97 1.72
N ASN A 854 -10.93 -34.14 1.32
CA ASN A 854 -12.33 -34.54 1.34
C ASN A 854 -12.66 -35.62 0.32
N LYS A 855 -12.27 -35.39 -0.93
CA LYS A 855 -12.56 -36.31 -2.03
C LYS A 855 -11.82 -37.61 -1.82
N GLY A 856 -10.51 -37.53 -1.60
CA GLY A 856 -9.73 -38.69 -1.22
C GLY A 856 -9.93 -38.93 0.26
N GLY A 857 -9.27 -39.94 0.81
CA GLY A 857 -9.23 -40.13 2.25
C GLY A 857 -8.10 -39.29 2.82
N TYR A 858 -7.41 -39.83 3.83
CA TYR A 858 -6.13 -39.26 4.25
C TYR A 858 -5.09 -39.55 3.16
N PHE A 859 -4.21 -38.59 2.93
CA PHE A 859 -3.20 -38.75 1.88
C PHE A 859 -2.17 -39.76 2.37
N ARG A 860 -1.91 -40.75 1.52
CA ARG A 860 -1.04 -41.87 1.85
C ARG A 860 0.47 -41.52 1.80
N GLU A 861 0.85 -40.73 0.80
CA GLU A 861 2.22 -40.28 0.65
C GLU A 861 2.26 -38.90 0.02
N LEU A 862 3.48 -38.35 -0.05
CA LEU A 862 3.77 -37.10 -0.75
C LEU A 862 3.28 -37.16 -2.18
N PHE A 863 3.63 -38.26 -2.86
CA PHE A 863 3.25 -38.46 -4.23
C PHE A 863 1.74 -38.46 -4.32
N ASP A 864 1.10 -39.19 -3.40
CA ASP A 864 -0.33 -39.35 -3.42
C ASP A 864 -1.02 -38.02 -3.27
N LEU A 865 -0.43 -37.15 -2.45
CA LEU A 865 -0.95 -35.81 -2.31
C LEU A 865 -0.85 -35.03 -3.60
N CYS A 866 0.33 -35.08 -4.23
CA CYS A 866 0.58 -34.30 -5.43
C CYS A 866 -0.32 -34.73 -6.59
N ALA A 867 -0.55 -36.04 -6.74
CA ALA A 867 -1.46 -36.53 -7.79
C ALA A 867 -2.91 -36.08 -7.57
N ARG A 868 -3.39 -36.18 -6.33
CA ARG A 868 -4.79 -35.81 -6.05
C ARG A 868 -5.02 -34.32 -6.20
N THR A 869 -4.06 -33.51 -5.77
CA THR A 869 -4.18 -32.07 -5.99
C THR A 869 -3.15 -31.64 -6.99
N ASP A 870 -3.60 -31.28 -8.20
CA ASP A 870 -2.66 -31.01 -9.28
C ASP A 870 -1.77 -29.83 -8.93
N THR A 871 -0.69 -29.70 -9.69
CA THR A 871 0.25 -28.61 -9.51
C THR A 871 -0.45 -27.28 -9.71
N LYS A 872 -1.49 -27.27 -10.55
CA LYS A 872 -2.20 -26.04 -10.83
C LYS A 872 -2.71 -25.43 -9.52
N LYS A 873 -3.36 -26.24 -8.69
CA LYS A 873 -3.88 -25.75 -7.41
C LYS A 873 -2.77 -25.51 -6.40
N LEU A 874 -1.97 -26.55 -6.14
CA LEU A 874 -0.89 -26.49 -5.15
C LEU A 874 0.44 -26.39 -5.83
N ASN A 875 0.95 -25.16 -5.94
CA ASN A 875 2.17 -24.87 -6.67
C ASN A 875 3.39 -25.40 -5.94
N ARG A 876 4.49 -25.57 -6.68
CA ARG A 876 5.77 -25.97 -6.08
C ARG A 876 6.22 -25.03 -4.97
N ARG A 877 6.08 -23.73 -5.20
CA ARG A 877 6.39 -22.73 -4.16
C ARG A 877 5.56 -23.01 -2.92
N VAL A 878 4.27 -23.29 -3.14
CA VAL A 878 3.36 -23.60 -2.04
C VAL A 878 3.87 -24.84 -1.31
N LEU A 879 4.13 -25.94 -2.04
CA LEU A 879 4.65 -27.19 -1.46
C LEU A 879 5.90 -26.95 -0.59
N GLU A 880 6.80 -26.09 -1.05
CA GLU A 880 8.04 -25.83 -0.30
C GLU A 880 7.75 -25.23 1.09
N LYS A 881 6.83 -24.26 1.15
CA LYS A 881 6.49 -23.72 2.46
C LYS A 881 5.80 -24.77 3.34
N LEU A 882 4.96 -25.62 2.77
CA LEU A 882 4.32 -26.68 3.56
C LEU A 882 5.34 -27.57 4.21
N ILE A 883 6.43 -27.91 3.52
CA ILE A 883 7.46 -28.73 4.16
C ILE A 883 8.11 -27.93 5.27
N MET A 884 8.39 -26.66 5.01
CA MET A 884 9.09 -25.83 5.97
C MET A 884 8.25 -25.62 7.23
N SER A 885 6.93 -25.58 7.06
CA SER A 885 6.03 -25.53 8.20
C SER A 885 6.07 -26.80 9.05
N GLY A 886 6.39 -27.93 8.44
CA GLY A 886 6.37 -29.25 9.09
C GLY A 886 5.08 -29.99 8.77
N ALA A 887 4.36 -29.50 7.75
CA ALA A 887 3.07 -30.05 7.32
C ALA A 887 3.18 -31.52 6.93
N PHE A 888 4.28 -31.87 6.26
CA PHE A 888 4.50 -33.24 5.75
C PHE A 888 5.18 -34.21 6.73
N ASP A 889 5.73 -33.69 7.83
CA ASP A 889 6.72 -34.43 8.65
C ASP A 889 6.37 -35.88 8.92
N ARG A 890 5.10 -36.14 9.27
CA ARG A 890 4.60 -37.49 9.53
C ARG A 890 4.96 -38.45 8.42
N LEU A 891 4.62 -38.05 7.19
CA LEU A 891 4.71 -38.94 6.06
C LEU A 891 6.15 -39.07 5.62
N GLY A 892 6.75 -37.93 5.28
CA GLY A 892 8.11 -37.92 4.80
C GLY A 892 8.95 -37.67 6.00
N PRO A 893 9.35 -38.75 6.69
CA PRO A 893 10.16 -38.50 7.85
C PRO A 893 11.40 -37.72 7.41
N HIS A 894 11.96 -38.04 6.24
CA HIS A 894 13.08 -37.29 5.67
C HIS A 894 12.57 -36.03 4.99
N ARG A 895 12.76 -34.89 5.64
CA ARG A 895 12.27 -33.61 5.15
C ARG A 895 13.04 -33.23 3.92
N ALA A 896 14.35 -33.39 4.03
CA ALA A 896 15.26 -33.13 2.94
C ALA A 896 14.84 -33.98 1.77
N ALA A 897 14.51 -35.24 2.03
CA ALA A 897 14.06 -36.12 0.95
C ALA A 897 12.80 -35.61 0.34
N LEU A 898 11.86 -35.19 1.17
CA LEU A 898 10.60 -34.69 0.64
C LEU A 898 10.73 -33.42 -0.17
N MET A 899 11.60 -32.48 0.23
CA MET A 899 11.78 -31.24 -0.53
C MET A 899 12.23 -31.56 -1.96
N ASN A 900 13.21 -32.45 -2.08
CA ASN A 900 13.73 -32.86 -3.38
C ASN A 900 12.74 -33.69 -4.21
N SER A 901 12.00 -34.58 -3.56
CA SER A 901 11.10 -35.50 -4.25
C SER A 901 9.86 -34.83 -4.87
N LEU A 902 9.58 -33.55 -4.53
CA LEU A 902 8.36 -32.84 -5.02
C LEU A 902 8.25 -32.79 -6.53
N GLY A 903 9.29 -32.20 -7.13
CA GLY A 903 9.35 -31.96 -8.56
C GLY A 903 9.16 -33.22 -9.38
N ASP A 904 9.90 -34.29 -9.07
CA ASP A 904 9.80 -35.54 -9.84
C ASP A 904 8.40 -36.12 -9.68
N ALA A 905 7.86 -36.07 -8.46
CA ALA A 905 6.53 -36.60 -8.20
C ALA A 905 5.44 -35.78 -8.92
N LEU A 906 5.65 -34.47 -8.96
CA LEU A 906 4.77 -33.57 -9.70
C LEU A 906 4.78 -33.89 -11.20
N LYS A 907 5.96 -34.22 -11.74
CA LYS A 907 6.11 -34.44 -13.19
C LYS A 907 5.25 -35.58 -13.62
N ALA A 908 5.26 -36.67 -12.86
CA ALA A 908 4.44 -37.83 -13.17
C ALA A 908 2.96 -37.44 -13.19
N ALA A 909 2.52 -36.72 -12.17
CA ALA A 909 1.11 -36.32 -12.09
C ALA A 909 0.69 -35.47 -13.28
N ASP A 910 1.55 -34.54 -13.67
CA ASP A 910 1.25 -33.71 -14.83
C ASP A 910 1.18 -34.58 -16.08
N GLN A 911 2.09 -35.54 -16.20
CA GLN A 911 2.10 -36.48 -17.33
C GLN A 911 0.83 -37.28 -17.41
N HIS A 912 0.21 -37.56 -16.26
CA HIS A 912 -1.12 -38.18 -16.22
C HIS A 912 -2.18 -37.22 -16.77
N ALA A 913 -2.06 -35.95 -16.39
CA ALA A 913 -2.96 -34.88 -16.85
C ALA A 913 -2.85 -34.66 -18.36
N LYS A 914 -1.62 -34.61 -18.84
CA LYS A 914 -1.28 -34.47 -20.27
C LYS A 914 -1.85 -35.60 -21.10
N ALA A 915 -1.70 -36.82 -20.57
CA ALA A 915 -2.23 -38.03 -21.20
C ALA A 915 -3.72 -37.81 -21.42
N GLU A 916 -4.27 -36.93 -20.60
CA GLU A 916 -5.66 -36.66 -20.59
C GLU A 916 -6.13 -35.57 -21.57
N ALA A 917 -5.45 -34.42 -21.59
CA ALA A 917 -5.95 -33.26 -22.34
C ALA A 917 -4.83 -32.47 -23.00
N ILE A 918 -4.88 -31.15 -22.84
CA ILE A 918 -4.84 -30.21 -23.95
C ILE A 918 -3.47 -29.87 -24.48
N GLY A 919 -2.48 -30.70 -24.14
CA GLY A 919 -1.11 -30.31 -24.36
C GLY A 919 -0.73 -30.32 -25.81
N GLN A 920 0.48 -29.82 -26.08
CA GLN A 920 1.27 -30.37 -27.14
C GLN A 920 1.72 -31.68 -26.56
N LEU A 921 1.83 -32.69 -27.41
CA LEU A 921 2.40 -33.99 -27.02
C LEU A 921 3.89 -34.04 -27.35
N ASP A 922 4.62 -35.05 -26.87
CA ASP A 922 6.08 -34.98 -27.01
C ASP A 922 6.78 -36.15 -27.67
N LEU A 923 7.97 -35.84 -28.18
CA LEU A 923 8.74 -36.77 -29.02
C LEU A 923 9.07 -38.01 -28.20
N PHE A 924 9.86 -37.83 -27.15
CA PHE A 924 10.33 -38.90 -26.27
C PHE A 924 10.01 -38.33 -24.86
N GLY A 925 10.92 -38.39 -23.89
CA GLY A 925 11.99 -39.36 -23.92
C GLY A 925 12.91 -39.62 -22.79
N VAL A 926 12.78 -38.87 -21.69
CA VAL A 926 13.73 -38.86 -20.57
C VAL A 926 15.23 -38.71 -20.94
N TYR A 938 21.78 -35.65 11.29
CA TYR A 938 20.57 -36.45 11.37
C TYR A 938 19.77 -36.47 10.08
N ALA A 939 19.81 -37.60 9.42
CA ALA A 939 18.81 -37.91 8.41
C ALA A 939 18.74 -39.43 8.39
N SER A 940 17.52 -39.94 8.54
CA SER A 940 17.30 -41.24 9.14
C SER A 940 15.80 -41.29 9.33
N CYS A 941 15.30 -42.34 9.96
CA CYS A 941 13.97 -42.23 10.56
C CYS A 941 13.78 -40.86 11.24
N GLN A 942 14.78 -40.42 12.03
CA GLN A 942 14.87 -39.04 12.53
C GLN A 942 14.87 -38.06 11.38
N PRO A 943 13.96 -37.09 11.48
CA PRO A 943 13.90 -35.95 10.62
C PRO A 943 15.05 -34.99 10.77
N TRP A 944 14.93 -33.98 9.92
CA TRP A 944 15.73 -32.79 9.95
C TRP A 944 16.04 -32.41 11.38
N PRO A 945 17.24 -31.88 11.60
CA PRO A 945 17.61 -31.65 12.99
C PRO A 945 16.74 -30.61 13.65
N GLU A 946 16.50 -30.85 14.93
CA GLU A 946 15.68 -30.06 15.85
C GLU A 946 15.97 -28.56 15.78
N GLN A 947 17.23 -28.21 15.98
CA GLN A 947 17.65 -26.80 16.07
C GLN A 947 17.24 -26.10 14.78
N VAL A 948 17.71 -26.70 13.70
CA VAL A 948 17.54 -26.18 12.37
C VAL A 948 16.07 -26.23 11.95
N VAL A 949 15.38 -27.33 12.28
CA VAL A 949 13.95 -27.47 11.91
C VAL A 949 13.16 -26.41 12.58
N LEU A 950 13.45 -26.19 13.87
CA LEU A 950 12.67 -25.25 14.64
C LEU A 950 12.94 -23.84 14.15
N ASP A 951 14.18 -23.61 13.73
CA ASP A 951 14.54 -22.32 13.13
C ASP A 951 13.66 -22.01 11.92
N GLY A 952 13.51 -22.98 11.03
CA GLY A 952 12.72 -22.82 9.83
C GLY A 952 11.27 -22.55 10.14
N GLU A 953 10.74 -23.26 11.13
CA GLU A 953 9.33 -23.13 11.49
C GLU A 953 9.03 -21.71 11.87
N ARG A 954 9.90 -21.09 12.68
CA ARG A 954 9.66 -19.70 13.09
C ARG A 954 9.54 -18.80 11.89
N GLU A 955 10.46 -18.97 10.94
CA GLU A 955 10.49 -18.15 9.75
C GLU A 955 9.17 -18.27 9.03
N THR A 956 8.68 -19.49 8.91
CA THR A 956 7.44 -19.75 8.19
C THR A 956 6.16 -19.46 8.98
N LEU A 957 6.10 -19.89 10.25
CA LEU A 957 4.87 -19.78 11.07
C LEU A 957 4.88 -18.61 12.01
N GLY A 958 6.05 -18.31 12.58
CA GLY A 958 6.18 -17.20 13.49
C GLY A 958 6.87 -17.54 14.79
N LEU A 959 6.90 -18.83 15.17
CA LEU A 959 7.34 -19.24 16.50
C LEU A 959 8.12 -20.52 16.43
N TYR A 960 8.83 -20.78 17.52
CA TYR A 960 9.56 -22.01 17.75
C TYR A 960 8.65 -23.09 18.28
N LEU A 961 8.78 -24.30 17.78
CA LEU A 961 8.03 -25.47 18.29
C LEU A 961 8.84 -26.33 19.24
N THR A 962 8.21 -26.92 20.27
CA THR A 962 8.90 -27.49 21.43
C THR A 962 9.58 -26.50 22.43
N GLY A 963 9.31 -25.20 22.27
CA GLY A 963 9.76 -24.08 22.99
C GLY A 963 11.11 -23.75 22.43
N HIS A 964 11.62 -22.61 22.82
CA HIS A 964 12.84 -22.10 22.23
C HIS A 964 14.08 -22.98 22.18
N PRO A 965 15.07 -22.65 21.32
CA PRO A 965 16.27 -23.47 21.39
C PRO A 965 16.87 -23.57 22.81
N ILE A 966 16.41 -22.70 23.71
CA ILE A 966 16.77 -22.75 25.13
C ILE A 966 15.56 -22.42 26.01
N ASN A 967 14.42 -23.01 25.67
CA ASN A 967 13.18 -22.80 26.41
C ASN A 967 12.95 -23.81 27.52
N GLN A 968 12.80 -23.31 28.73
CA GLN A 968 12.61 -24.14 29.92
C GLN A 968 12.70 -23.43 31.28
N TYR A 969 13.36 -22.26 31.43
CA TYR A 969 13.18 -21.52 32.70
C TYR A 969 13.77 -20.13 32.99
N LEU A 970 15.04 -19.89 33.37
CA LEU A 970 15.53 -18.61 33.98
C LEU A 970 14.69 -17.63 34.88
N LYS A 971 13.54 -18.06 35.35
CA LYS A 971 12.47 -17.16 35.83
C LYS A 971 12.83 -16.19 36.94
N GLU A 972 13.65 -16.63 37.89
CA GLU A 972 13.80 -15.84 39.13
C GLU A 972 14.42 -14.47 38.86
N ILE A 973 15.25 -14.37 37.83
CA ILE A 973 15.73 -13.07 37.37
C ILE A 973 14.58 -12.34 36.67
N GLU A 974 13.95 -13.11 35.79
CA GLU A 974 13.03 -12.67 34.73
C GLU A 974 11.59 -12.38 35.12
N ARG A 975 10.85 -11.85 34.12
CA ARG A 975 9.36 -11.75 34.09
C ARG A 975 8.63 -12.24 32.80
N TYR A 976 9.37 -12.51 31.71
CA TYR A 976 8.87 -13.00 30.39
C TYR A 976 7.68 -12.31 29.76
N VAL A 977 7.56 -11.01 29.88
CA VAL A 977 6.33 -10.38 29.44
C VAL A 977 6.51 -9.40 28.29
N GLY A 978 7.66 -8.75 28.23
CA GLY A 978 7.99 -7.91 27.09
C GLY A 978 7.12 -6.65 27.01
N GLY A 979 6.67 -6.33 25.80
CA GLY A 979 5.91 -5.11 25.54
C GLY A 979 4.59 -5.01 26.30
N VAL A 980 3.92 -6.14 26.39
CA VAL A 980 2.69 -6.16 27.13
C VAL A 980 2.92 -5.77 28.58
N ARG A 981 4.01 -6.21 29.21
CA ARG A 981 4.37 -5.72 30.58
C ARG A 981 4.78 -4.26 30.55
N LEU A 982 5.56 -3.87 29.54
CA LEU A 982 6.22 -2.55 29.53
C LEU A 982 5.22 -1.38 29.58
N LYS A 983 4.09 -1.50 28.87
CA LYS A 983 3.01 -0.49 28.90
C LYS A 983 2.77 0.07 30.32
N ASP A 984 2.36 -0.80 31.23
CA ASP A 984 2.14 -0.39 32.61
C ASP A 984 3.41 -0.72 33.34
N MET A 985 4.27 0.27 33.53
CA MET A 985 5.55 0.03 34.17
C MET A 985 5.79 0.96 35.33
N HIS A 986 6.87 0.66 36.05
CA HIS A 986 7.35 1.55 37.07
C HIS A 986 7.78 2.82 36.34
N PRO A 987 7.40 3.98 36.90
CA PRO A 987 7.79 5.27 36.34
C PRO A 987 9.30 5.49 36.40
N THR A 988 9.83 6.11 35.35
CA THR A 988 11.24 6.51 35.22
C THR A 988 11.39 7.19 33.86
N GLU A 989 12.60 7.62 33.53
CA GLU A 989 12.82 8.15 32.19
C GLU A 989 12.52 7.04 31.19
N ARG A 990 13.07 5.86 31.46
CA ARG A 990 12.93 4.73 30.56
C ARG A 990 13.12 3.50 31.40
N GLY A 991 12.26 2.51 31.19
CA GLY A 991 12.16 1.33 32.05
C GLY A 991 13.50 0.64 32.19
N LYS A 992 13.81 0.22 33.42
CA LYS A 992 15.01 -0.54 33.71
C LYS A 992 14.59 -1.99 33.77
N VAL A 993 15.33 -2.87 33.10
CA VAL A 993 14.80 -4.19 32.74
C VAL A 993 15.94 -5.17 32.70
N ILE A 994 15.66 -6.44 33.00
CA ILE A 994 16.64 -7.49 32.83
C ILE A 994 16.20 -8.44 31.73
N THR A 995 17.05 -8.64 30.74
CA THR A 995 16.71 -9.47 29.60
C THR A 995 17.71 -10.59 29.42
N ALA A 996 17.21 -11.74 29.06
CA ALA A 996 18.00 -12.89 28.67
C ALA A 996 17.29 -13.34 27.48
N ALA A 997 17.65 -12.75 26.38
CA ALA A 997 18.13 -13.54 25.26
C ALA A 997 18.22 -15.07 25.43
N GLY A 998 17.53 -15.85 24.61
CA GLY A 998 17.74 -17.27 24.60
C GLY A 998 18.55 -17.62 23.37
N LEU A 999 18.26 -16.89 22.32
CA LEU A 999 18.80 -17.22 21.01
C LEU A 999 18.83 -16.00 20.16
N VAL A 1000 19.93 -15.89 19.43
CA VAL A 1000 20.22 -14.75 18.61
C VAL A 1000 21.08 -15.23 17.46
N VAL A 1001 20.87 -14.70 16.27
CA VAL A 1001 21.82 -14.92 15.21
C VAL A 1001 22.15 -13.56 14.60
N ALA A 1002 23.44 -13.32 14.46
CA ALA A 1002 23.99 -11.97 14.59
C ALA A 1002 25.13 -11.74 13.64
N ALA A 1003 25.37 -10.47 13.30
CA ALA A 1003 26.68 -9.95 12.82
C ALA A 1003 26.94 -8.54 13.39
N ARG A 1004 28.09 -7.93 13.06
CA ARG A 1004 28.18 -6.43 13.08
C ARG A 1004 28.20 -5.92 11.64
N VAL A 1005 27.17 -5.13 11.26
CA VAL A 1005 26.97 -4.72 9.86
C VAL A 1005 27.35 -3.25 9.77
N MET A 1006 27.09 -2.66 8.60
CA MET A 1006 27.48 -1.30 8.22
C MET A 1006 26.58 -0.84 7.04
N VAL A 1007 27.06 -0.06 6.07
CA VAL A 1007 26.23 0.66 5.10
C VAL A 1007 27.05 1.42 4.03
N THR A 1008 28.36 1.56 4.25
CA THR A 1008 29.29 2.26 3.38
C THR A 1008 29.16 3.74 3.66
N LYS A 1009 29.15 4.04 4.95
CA LYS A 1009 28.95 5.37 5.58
C LYS A 1009 29.04 5.29 7.15
N ARG A 1010 29.04 4.05 7.69
CA ARG A 1010 28.61 3.62 9.04
C ARG A 1010 27.10 3.71 9.33
N GLY A 1011 26.72 2.94 10.33
CA GLY A 1011 25.33 2.73 10.64
C GLY A 1011 25.18 2.27 12.06
N ASN A 1012 24.14 2.77 12.71
CA ASN A 1012 23.85 2.39 14.10
C ASN A 1012 23.16 1.02 14.12
N ARG A 1013 23.88 0.02 14.61
CA ARG A 1013 23.38 -1.33 14.86
C ARG A 1013 24.66 -2.19 15.00
N ILE A 1014 24.56 -3.44 15.46
CA ILE A 1014 23.29 -4.13 15.58
C ILE A 1014 23.24 -5.00 16.82
N GLY A 1015 22.17 -4.79 17.57
CA GLY A 1015 21.66 -5.74 18.53
C GLY A 1015 20.48 -6.46 17.91
N ILE A 1016 20.45 -7.78 18.08
CA ILE A 1016 19.25 -8.55 17.81
C ILE A 1016 18.91 -9.17 19.15
N CYS A 1017 17.80 -8.74 19.73
CA CYS A 1017 17.37 -9.23 21.01
C CYS A 1017 16.10 -10.03 20.80
N THR A 1018 16.06 -11.17 21.45
CA THR A 1018 14.87 -11.94 21.59
C THR A 1018 14.64 -11.99 23.08
N LEU A 1019 13.38 -11.94 23.50
CA LEU A 1019 13.07 -12.06 24.92
C LEU A 1019 12.29 -13.34 25.12
N ASP A 1020 12.85 -14.26 25.90
CA ASP A 1020 12.16 -15.44 26.37
C ASP A 1020 12.03 -15.31 27.88
N ASP A 1021 11.31 -16.19 28.56
CA ASP A 1021 10.56 -17.32 27.95
C ASP A 1021 9.54 -16.84 26.91
N ARG A 1022 8.71 -17.72 26.38
CA ARG A 1022 8.38 -17.69 24.94
C ARG A 1022 7.86 -16.37 24.26
N SER A 1023 7.60 -15.28 25.04
CA SER A 1023 7.28 -13.82 24.65
C SER A 1023 7.49 -13.15 23.28
N GLY A 1024 8.64 -12.56 22.97
CA GLY A 1024 8.72 -11.83 21.71
C GLY A 1024 10.04 -11.16 21.48
N ARG A 1025 10.43 -11.02 20.23
CA ARG A 1025 11.76 -10.58 19.89
C ARG A 1025 11.65 -9.43 18.91
N LEU A 1026 12.67 -8.58 18.86
CA LEU A 1026 12.66 -7.39 18.01
C LEU A 1026 14.04 -7.05 17.48
N GLU A 1027 14.05 -6.42 16.31
CA GLU A 1027 15.19 -5.65 15.83
C GLU A 1027 15.37 -4.42 16.72
N VAL A 1028 16.61 -4.10 17.09
CA VAL A 1028 16.84 -2.77 17.59
C VAL A 1028 18.23 -2.24 17.48
N MET A 1029 18.31 -0.94 17.20
CA MET A 1029 17.43 -0.21 16.30
C MET A 1029 17.70 1.28 16.29
N LEU A 1030 17.79 2.06 17.36
CA LEU A 1030 19.01 2.84 17.49
C LEU A 1030 19.78 2.62 18.79
N PHE A 1031 20.78 1.75 18.86
CA PHE A 1031 21.87 1.79 19.85
C PHE A 1031 23.34 2.01 19.45
N THR A 1032 24.22 2.26 20.41
CA THR A 1032 25.46 1.51 20.38
C THR A 1032 26.21 1.85 21.62
N ASP A 1033 26.94 0.86 22.11
CA ASP A 1033 28.05 1.08 23.03
C ASP A 1033 29.01 -0.10 23.13
N ALA A 1034 30.18 0.13 22.53
CA ALA A 1034 31.53 -0.13 23.06
C ALA A 1034 32.49 0.15 21.88
N LEU A 1035 32.22 -0.55 20.76
CA LEU A 1035 32.34 -0.17 19.33
C LEU A 1035 32.33 -1.51 18.54
N ASP A 1036 33.15 -2.43 19.02
CA ASP A 1036 33.30 -3.76 18.47
C ASP A 1036 33.38 -4.78 19.62
N LYS A 1037 33.91 -4.39 20.79
CA LYS A 1037 34.12 -5.28 21.94
C LYS A 1037 32.81 -5.77 22.56
N TYR A 1038 31.91 -4.82 22.83
CA TYR A 1038 30.57 -5.10 23.38
C TYR A 1038 29.78 -5.82 22.29
N GLN A 1039 29.98 -5.41 21.03
CA GLN A 1039 29.28 -6.01 19.89
C GLN A 1039 29.53 -7.50 19.80
N GLN A 1040 30.76 -7.94 20.03
CA GLN A 1040 31.09 -9.36 19.85
C GLN A 1040 30.68 -10.19 21.05
N LEU A 1041 30.73 -9.59 22.26
CA LEU A 1041 30.19 -10.20 23.47
C LEU A 1041 28.72 -10.50 23.22
N LEU A 1042 28.05 -9.56 22.55
CA LEU A 1042 26.64 -9.70 22.24
C LEU A 1042 26.41 -10.96 21.46
N GLU A 1043 27.32 -11.25 20.54
CA GLU A 1043 27.22 -12.27 19.44
C GLU A 1043 26.64 -13.69 19.48
N LYS A 1044 26.98 -14.83 20.03
CA LYS A 1044 26.13 -15.49 19.12
C LYS A 1044 25.32 -16.74 19.14
N ASP A 1045 25.68 -17.81 19.79
CA ASP A 1045 24.75 -18.93 19.93
C ASP A 1045 24.69 -19.37 21.37
N ARG A 1046 23.47 -19.64 21.84
CA ARG A 1046 23.19 -20.26 23.13
C ARG A 1046 23.86 -19.63 24.37
N ILE A 1047 23.88 -18.31 24.43
CA ILE A 1047 24.37 -17.58 25.60
C ILE A 1047 23.82 -16.18 25.57
N LEU A 1048 23.15 -15.76 26.64
CA LEU A 1048 23.17 -14.36 27.11
C LEU A 1048 22.20 -14.09 28.25
N ILE A 1049 22.63 -13.24 29.19
CA ILE A 1049 21.75 -12.48 30.10
C ILE A 1049 22.32 -11.07 30.13
N VAL A 1050 21.48 -10.06 30.24
CA VAL A 1050 21.96 -8.68 30.19
C VAL A 1050 21.19 -7.77 31.11
N SER A 1051 21.77 -6.61 31.40
CA SER A 1051 21.04 -5.48 31.95
C SER A 1051 20.97 -4.45 30.83
N GLY A 1052 19.77 -3.98 30.53
CA GLY A 1052 19.56 -3.09 29.39
C GLY A 1052 18.40 -2.18 29.71
N GLN A 1053 18.47 -0.93 29.26
CA GLN A 1053 17.44 0.05 29.55
C GLN A 1053 16.41 0.02 28.45
N VAL A 1054 15.15 0.15 28.83
CA VAL A 1054 14.04 -0.13 27.97
C VAL A 1054 13.22 1.12 27.96
N SER A 1055 12.74 1.45 26.78
CA SER A 1055 11.66 2.38 26.63
C SER A 1055 10.62 1.66 25.80
N PHE A 1056 9.39 2.11 25.93
CA PHE A 1056 8.37 1.68 25.03
C PHE A 1056 8.46 2.61 23.82
N ASP A 1057 8.64 2.03 22.64
CA ASP A 1057 8.75 2.80 21.42
C ASP A 1057 7.49 3.63 21.14
N ASP A 1058 7.74 4.86 20.68
CA ASP A 1058 6.70 5.76 20.21
C ASP A 1058 5.96 5.09 19.07
N PHE A 1059 6.72 4.59 18.10
CA PHE A 1059 6.11 3.90 16.98
C PHE A 1059 5.64 2.53 17.42
N SER A 1060 4.48 2.10 16.93
CA SER A 1060 3.92 0.77 17.24
C SER A 1060 4.57 -0.29 16.36
N GLY A 1061 4.45 -1.54 16.76
CA GLY A 1061 4.97 -2.68 15.96
C GLY A 1061 6.45 -2.94 16.14
N GLY A 1062 7.02 -2.39 17.21
CA GLY A 1062 8.40 -2.65 17.58
C GLY A 1062 8.77 -1.73 18.74
N LEU A 1063 9.60 -2.22 19.66
CA LEU A 1063 9.94 -1.46 20.87
C LEU A 1063 11.42 -1.24 20.94
N LYS A 1064 11.89 -0.59 22.00
CA LYS A 1064 13.32 -0.58 22.29
C LYS A 1064 13.59 -1.57 23.42
N MET A 1065 14.45 -2.56 23.19
CA MET A 1065 15.05 -3.38 24.22
C MET A 1065 16.47 -3.42 23.75
N THR A 1066 17.40 -2.89 24.52
CA THR A 1066 18.72 -2.63 23.99
C THR A 1066 19.66 -3.22 24.98
N ALA A 1067 20.84 -3.63 24.54
CA ALA A 1067 21.89 -4.08 25.44
C ALA A 1067 22.78 -2.90 25.83
N ARG A 1068 22.57 -2.31 27.00
CA ARG A 1068 23.50 -1.34 27.58
C ARG A 1068 24.63 -2.08 28.25
N GLU A 1069 24.28 -3.16 28.95
CA GLU A 1069 25.22 -4.01 29.67
C GLU A 1069 25.13 -5.45 29.16
N VAL A 1070 26.19 -6.20 29.38
CA VAL A 1070 26.21 -7.61 29.03
C VAL A 1070 26.80 -8.38 30.17
N MET A 1071 26.23 -9.56 30.41
CA MET A 1071 26.86 -10.53 31.25
C MET A 1071 26.86 -11.89 30.58
N ASP A 1072 27.96 -12.60 30.74
CA ASP A 1072 28.14 -13.99 30.23
C ASP A 1072 27.33 -15.07 30.89
N ILE A 1073 27.25 -16.26 30.26
CA ILE A 1073 26.63 -17.40 30.95
C ILE A 1073 27.30 -17.42 32.27
N ASP A 1074 28.63 -17.38 32.30
CA ASP A 1074 29.34 -17.40 33.57
C ASP A 1074 29.01 -16.10 34.32
N GLU A 1075 28.99 -15.00 33.59
CA GLU A 1075 28.61 -13.73 34.17
C GLU A 1075 27.16 -13.72 34.63
N ALA A 1076 26.28 -14.30 33.84
CA ALA A 1076 24.89 -14.53 34.26
C ALA A 1076 24.82 -15.47 35.41
N ARG A 1077 25.71 -16.45 35.46
CA ARG A 1077 25.79 -17.36 36.59
C ARG A 1077 26.24 -16.56 37.90
N GLU A 1078 27.07 -15.57 37.71
CA GLU A 1078 27.25 -14.56 38.77
C GLU A 1078 25.91 -14.00 39.25
N LYS A 1079 24.88 -14.25 38.45
CA LYS A 1079 23.73 -13.43 38.53
C LYS A 1079 23.41 -13.44 40.00
N TYR A 1080 23.49 -12.23 40.54
CA TYR A 1080 23.62 -12.01 41.97
C TYR A 1080 24.68 -12.92 42.62
N ALA A 1081 24.34 -14.22 42.68
CA ALA A 1081 25.21 -15.37 42.91
C ALA A 1081 24.26 -16.54 43.03
N ARG A 1082 24.51 -17.53 42.21
CA ARG A 1082 23.54 -18.53 41.99
C ARG A 1082 23.73 -19.23 43.27
N GLY A 1083 22.64 -19.85 43.70
CA GLY A 1083 22.65 -20.84 44.75
C GLY A 1083 22.26 -22.16 44.14
N LEU A 1084 22.67 -23.23 44.81
CA LEU A 1084 22.26 -24.57 44.40
C LEU A 1084 21.00 -24.95 45.14
N ALA A 1085 19.98 -25.34 44.37
CA ALA A 1085 18.77 -25.93 44.92
C ALA A 1085 18.65 -27.29 44.34
N ILE A 1086 18.52 -28.26 45.23
CA ILE A 1086 18.19 -29.60 44.86
C ILE A 1086 16.86 -29.83 45.49
N SER A 1087 15.95 -30.47 44.76
CA SER A 1087 14.73 -30.97 45.36
C SER A 1087 14.93 -32.46 45.56
N LEU A 1088 14.82 -32.92 46.80
CA LEU A 1088 14.94 -34.34 47.08
C LEU A 1088 13.58 -34.79 47.58
N THR A 1089 13.11 -35.89 47.00
CA THR A 1089 11.87 -36.51 47.39
C THR A 1089 12.01 -37.24 48.72
N ASP A 1090 10.89 -37.65 49.33
CA ASP A 1090 10.93 -38.54 50.48
C ASP A 1090 11.70 -39.83 50.15
N ARG A 1091 11.44 -40.40 48.97
CA ARG A 1091 12.18 -41.56 48.50
C ARG A 1091 13.61 -41.19 48.08
N GLN A 1092 14.57 -41.47 48.96
CA GLN A 1092 16.01 -41.38 48.64
C GLN A 1092 16.56 -42.78 48.90
N ILE A 1093 17.08 -43.49 47.89
CA ILE A 1093 17.19 -44.95 48.09
C ILE A 1093 18.06 -45.30 49.32
N ASP A 1094 19.23 -45.84 49.26
CA ASP A 1094 20.34 -45.28 49.99
C ASP A 1094 21.47 -44.81 49.09
N ASP A 1095 21.61 -45.69 48.08
CA ASP A 1095 22.65 -45.66 47.11
C ASP A 1095 22.64 -44.34 46.45
N GLN A 1096 21.46 -43.80 46.20
CA GLN A 1096 21.35 -42.60 45.43
C GLN A 1096 22.00 -41.52 46.26
N LEU A 1097 21.76 -41.56 47.59
CA LEU A 1097 22.33 -40.57 48.50
C LEU A 1097 23.83 -40.60 48.36
N LEU A 1098 24.38 -41.79 48.57
CA LEU A 1098 25.82 -41.94 48.53
C LEU A 1098 26.13 -42.96 47.48
N ASN A 1099 26.20 -42.50 46.23
CA ASN A 1099 26.97 -43.23 45.20
C ASN A 1099 26.78 -42.62 43.81
N ARG A 1100 25.54 -42.65 43.32
CA ARG A 1100 25.32 -42.32 41.91
C ARG A 1100 25.28 -40.82 41.81
N LEU A 1101 24.44 -40.27 42.68
CA LEU A 1101 24.27 -38.85 42.79
C LEU A 1101 25.62 -38.27 43.11
N ARG A 1102 26.31 -38.80 44.12
CA ARG A 1102 27.61 -38.28 44.49
C ARG A 1102 28.62 -38.39 43.36
N GLN A 1103 28.64 -39.53 42.67
CA GLN A 1103 29.60 -39.72 41.59
C GLN A 1103 29.39 -38.76 40.43
N SER A 1104 28.14 -38.46 40.11
CA SER A 1104 27.90 -37.46 39.05
C SER A 1104 28.58 -36.13 39.39
N LEU A 1105 28.40 -35.70 40.63
CA LEU A 1105 28.99 -34.45 41.14
C LEU A 1105 30.49 -34.48 41.24
N GLU A 1106 31.05 -35.63 41.62
CA GLU A 1106 32.45 -35.70 41.99
C GLU A 1106 33.37 -35.23 40.87
N PRO A 1107 33.19 -35.72 39.63
CA PRO A 1107 34.08 -35.14 38.62
C PRO A 1107 33.93 -33.64 38.24
N HIS A 1108 32.81 -33.00 38.53
CA HIS A 1108 32.60 -31.64 38.05
C HIS A 1108 32.61 -30.64 39.19
N ARG A 1109 33.79 -30.09 39.52
CA ARG A 1109 33.83 -28.93 40.43
C ARG A 1109 34.48 -27.73 39.76
N SER A 1110 33.99 -26.51 40.07
CA SER A 1110 34.43 -25.24 39.45
C SER A 1110 33.55 -24.07 39.91
N GLY A 1111 33.99 -22.83 39.65
CA GLY A 1111 33.10 -21.67 39.62
C GLY A 1111 32.36 -21.49 40.91
N THR A 1112 33.04 -20.88 41.89
CA THR A 1112 32.67 -21.25 43.22
C THR A 1112 31.24 -20.78 43.43
N ILE A 1113 30.44 -21.78 43.68
CA ILE A 1113 29.07 -21.66 43.99
C ILE A 1113 29.02 -22.54 45.20
N PRO A 1114 28.66 -21.97 46.32
CA PRO A 1114 28.41 -22.75 47.53
C PRO A 1114 27.35 -23.82 47.29
N VAL A 1115 27.53 -24.98 47.91
CA VAL A 1115 26.60 -26.08 47.76
C VAL A 1115 25.80 -26.15 49.02
N HIS A 1116 24.50 -26.09 48.83
CA HIS A 1116 23.55 -26.23 49.90
C HIS A 1116 22.71 -27.42 49.51
N LEU A 1117 22.12 -28.08 50.49
CA LEU A 1117 21.17 -29.12 50.21
C LEU A 1117 19.82 -28.72 50.76
N TYR A 1118 18.83 -28.81 49.90
CA TYR A 1118 17.47 -28.62 50.32
C TYR A 1118 16.87 -30.00 50.36
N TYR A 1119 16.52 -30.43 51.57
CA TYR A 1119 15.74 -31.62 51.68
C TYR A 1119 14.29 -31.18 51.80
N GLN A 1120 13.54 -31.24 50.70
CA GLN A 1120 12.17 -30.79 50.74
C GLN A 1120 11.47 -31.88 51.50
N ARG A 1121 11.03 -31.51 52.70
CA ARG A 1121 10.28 -32.45 53.45
C ARG A 1121 8.82 -32.11 53.23
N ALA A 1122 7.94 -33.11 53.38
CA ALA A 1122 6.52 -32.87 53.45
C ALA A 1122 6.25 -31.91 54.61
N ASP A 1123 6.80 -32.26 55.77
CA ASP A 1123 6.74 -31.47 57.02
C ASP A 1123 7.21 -30.04 56.95
N ALA A 1124 8.50 -29.87 56.73
CA ALA A 1124 9.15 -28.60 56.80
C ALA A 1124 10.34 -28.61 55.90
N ARG A 1125 10.99 -27.45 55.89
CA ARG A 1125 12.30 -27.30 55.35
C ARG A 1125 13.30 -27.48 56.45
N ALA A 1126 14.14 -28.50 56.36
CA ALA A 1126 15.36 -28.59 57.17
C ALA A 1126 16.47 -28.21 56.23
N ARG A 1127 17.36 -27.31 56.66
CA ARG A 1127 18.44 -26.85 55.80
C ARG A 1127 19.77 -27.29 56.37
N LEU A 1128 20.33 -28.35 55.81
CA LEU A 1128 21.73 -28.70 56.06
C LEU A 1128 22.52 -28.31 54.81
N ARG A 1129 23.42 -27.34 54.96
CA ARG A 1129 24.27 -26.92 53.83
C ARG A 1129 25.43 -27.89 53.80
N PHE A 1130 25.62 -28.61 52.70
CA PHE A 1130 26.64 -29.65 52.68
C PHE A 1130 27.98 -28.97 52.78
N GLY A 1131 28.28 -28.13 51.78
CA GLY A 1131 29.57 -27.42 51.63
C GLY A 1131 30.78 -28.23 52.08
N ALA A 1132 30.69 -29.56 51.97
CA ALA A 1132 31.81 -30.39 52.34
C ALA A 1132 32.98 -30.04 51.42
N THR A 1133 32.70 -29.80 50.14
CA THR A 1133 33.77 -29.47 49.23
C THR A 1133 33.31 -29.02 47.88
N TRP A 1134 32.34 -29.70 47.28
CA TRP A 1134 32.18 -29.55 45.84
C TRP A 1134 31.56 -28.21 45.52
N ARG A 1135 32.14 -27.50 44.56
CA ARG A 1135 31.61 -26.24 44.05
C ARG A 1135 31.35 -26.57 42.58
N VAL A 1136 30.13 -26.52 42.09
CA VAL A 1136 29.78 -27.23 40.85
C VAL A 1136 30.09 -26.46 39.58
N SER A 1137 30.45 -27.17 38.51
CA SER A 1137 30.45 -26.64 37.13
C SER A 1137 29.03 -26.31 36.64
N PRO A 1138 28.89 -25.45 35.62
CA PRO A 1138 27.53 -25.17 35.06
C PRO A 1138 26.80 -26.35 34.36
N SER A 1139 27.54 -27.23 33.71
CA SER A 1139 26.92 -28.18 32.80
C SER A 1139 26.19 -29.24 33.60
N ASP A 1140 26.55 -29.36 34.88
CA ASP A 1140 25.92 -30.30 35.75
C ASP A 1140 24.41 -30.15 35.89
N ARG A 1141 23.82 -28.98 35.67
CA ARG A 1141 22.34 -28.90 35.75
C ARG A 1141 21.68 -30.00 34.91
N LEU A 1142 22.05 -30.05 33.63
CA LEU A 1142 21.44 -30.97 32.71
C LEU A 1142 21.71 -32.41 33.13
N LEU A 1143 22.96 -32.68 33.53
CA LEU A 1143 23.35 -34.00 33.99
C LEU A 1143 22.65 -34.36 35.31
N ASN A 1144 22.41 -33.41 36.17
CA ASN A 1144 21.73 -33.68 37.44
C ASN A 1144 20.26 -33.92 37.25
N ASP A 1145 19.65 -33.18 36.32
CA ASP A 1145 18.25 -33.42 35.95
C ASP A 1145 18.09 -34.84 35.40
N LEU A 1146 19.20 -35.39 34.93
CA LEU A 1146 19.23 -36.78 34.49
C LEU A 1146 18.71 -37.78 35.53
N ARG A 1147 18.94 -37.58 36.81
CA ARG A 1147 18.52 -38.57 37.83
C ARG A 1147 17.56 -38.05 38.88
N GLY A 1148 16.33 -38.60 38.85
CA GLY A 1148 15.28 -38.46 39.84
C GLY A 1148 14.98 -37.16 40.56
N LEU A 1149 15.60 -36.05 40.19
CA LEU A 1149 15.51 -34.84 40.99
C LEU A 1149 15.39 -33.67 40.04
N ILE A 1150 14.34 -32.88 40.17
CA ILE A 1150 14.23 -31.64 39.40
C ILE A 1150 14.57 -30.50 40.33
N GLY A 1151 15.42 -29.60 39.87
CA GLY A 1151 15.79 -28.42 40.65
C GLY A 1151 16.10 -27.26 39.74
N SER A 1152 16.70 -26.21 40.29
CA SER A 1152 17.13 -25.06 39.50
C SER A 1152 18.34 -24.39 40.11
N GLU A 1153 19.06 -23.60 39.29
CA GLU A 1153 20.06 -22.66 39.81
C GLU A 1153 19.36 -21.36 40.14
N GLN A 1154 19.11 -21.16 41.43
CA GLN A 1154 18.28 -20.05 41.92
C GLN A 1154 19.17 -18.97 42.49
N VAL A 1155 18.62 -17.80 42.80
CA VAL A 1155 19.37 -16.77 43.54
C VAL A 1155 19.79 -17.35 44.86
N GLU A 1156 21.06 -17.21 45.24
CA GLU A 1156 21.52 -17.92 46.43
C GLU A 1156 21.07 -17.10 47.60
N LEU A 1157 20.51 -17.75 48.60
CA LEU A 1157 20.11 -17.03 49.81
C LEU A 1157 21.36 -16.68 50.62
N GLU A 1158 22.29 -17.63 50.67
CA GLU A 1158 23.56 -17.47 51.41
C GLU A 1158 24.35 -16.21 51.05
N PHE A 1159 24.42 -15.90 49.77
CA PHE A 1159 25.30 -14.87 49.27
C PHE A 1159 24.88 -13.55 49.87
N ASP A 1160 23.58 -13.25 49.87
CA ASP A 1160 23.08 -12.02 50.51
C ASP A 1160 22.97 -12.27 52.02
N MET B 1 -27.80 -10.83 -47.19
CA MET B 1 -26.86 -9.77 -47.64
C MET B 1 -25.64 -10.44 -48.23
N LYS B 2 -25.22 -9.97 -49.41
CA LYS B 2 -24.14 -10.57 -50.20
C LYS B 2 -23.44 -9.46 -50.96
N PHE B 3 -22.18 -9.67 -51.28
CA PHE B 3 -21.52 -9.01 -52.40
C PHE B 3 -20.36 -9.88 -52.83
N THR B 4 -19.90 -9.70 -54.06
CA THR B 4 -18.71 -10.37 -54.51
C THR B 4 -17.82 -9.30 -55.15
N VAL B 5 -16.58 -9.20 -54.67
CA VAL B 5 -15.48 -8.41 -55.30
C VAL B 5 -14.26 -9.30 -55.47
N GLU B 6 -13.36 -8.86 -56.33
CA GLU B 6 -12.12 -9.55 -56.61
C GLU B 6 -11.10 -9.02 -55.61
N ARG B 7 -10.29 -9.94 -55.10
CA ARG B 7 -9.17 -9.68 -54.17
C ARG B 7 -8.35 -8.45 -54.55
N GLU B 8 -7.98 -8.36 -55.81
CA GLU B 8 -7.16 -7.25 -56.31
C GLU B 8 -7.80 -5.85 -56.33
N HIS B 9 -9.11 -5.78 -56.14
CA HIS B 9 -9.77 -4.48 -55.99
C HIS B 9 -9.77 -4.04 -54.54
N LEU B 10 -9.59 -5.02 -53.67
CA LEU B 10 -9.70 -4.89 -52.25
C LEU B 10 -8.34 -4.70 -51.60
N LEU B 11 -7.26 -5.08 -52.28
CA LEU B 11 -5.96 -5.12 -51.64
C LEU B 11 -5.40 -3.79 -51.16
N LYS B 12 -5.35 -2.79 -52.03
CA LYS B 12 -4.85 -1.49 -51.63
C LYS B 12 -5.77 -0.75 -50.63
N PRO B 13 -7.11 -0.81 -50.87
CA PRO B 13 -8.02 -0.30 -49.85
C PRO B 13 -7.78 -0.89 -48.46
N LEU B 14 -7.81 -2.22 -48.38
CA LEU B 14 -7.64 -3.00 -47.16
C LEU B 14 -6.35 -2.72 -46.43
N GLN B 15 -5.26 -2.60 -47.17
CA GLN B 15 -3.97 -2.21 -46.60
C GLN B 15 -4.07 -0.90 -45.88
N GLN B 16 -4.69 0.04 -46.57
CA GLN B 16 -4.74 1.43 -46.15
C GLN B 16 -5.62 1.61 -44.91
N VAL B 17 -6.80 1.01 -44.97
CA VAL B 17 -7.78 1.01 -43.91
C VAL B 17 -7.24 0.35 -42.61
N SER B 18 -6.42 -0.69 -42.75
CA SER B 18 -5.89 -1.43 -41.60
C SER B 18 -4.76 -0.74 -40.83
N GLY B 19 -4.20 0.32 -41.40
CA GLY B 19 -3.11 1.07 -40.80
C GLY B 19 -3.41 1.69 -39.44
N PRO B 20 -4.50 2.50 -39.34
CA PRO B 20 -4.84 3.17 -38.07
C PRO B 20 -5.10 2.26 -36.88
N LEU B 21 -5.41 0.99 -37.13
CA LEU B 21 -5.65 0.06 -36.05
C LEU B 21 -4.32 -0.40 -35.46
N GLY B 22 -4.17 -0.08 -34.17
CA GLY B 22 -3.58 -0.95 -33.14
C GLY B 22 -4.03 -0.61 -31.70
N GLY B 23 -4.77 0.48 -31.51
CA GLY B 23 -5.03 1.20 -30.25
C GLY B 23 -5.13 0.56 -28.87
N ARG B 24 -4.69 -0.69 -28.65
CA ARG B 24 -5.13 -1.56 -27.52
C ARG B 24 -6.65 -1.45 -27.27
N PRO B 25 -7.43 -1.75 -28.35
CA PRO B 25 -8.80 -1.25 -28.34
C PRO B 25 -9.56 -1.85 -27.17
N THR B 26 -9.90 -0.94 -26.30
CA THR B 26 -10.43 -1.28 -25.00
C THR B 26 -11.89 -1.58 -25.22
N LEU B 27 -12.53 -0.72 -26.00
CA LEU B 27 -13.89 -0.96 -26.47
C LEU B 27 -13.74 -1.92 -27.66
N PRO B 28 -13.96 -3.24 -27.45
CA PRO B 28 -13.51 -4.27 -28.42
C PRO B 28 -13.92 -4.05 -29.87
N ILE B 29 -15.09 -3.46 -30.10
CA ILE B 29 -15.60 -3.24 -31.44
C ILE B 29 -14.75 -2.25 -32.27
N LEU B 30 -13.88 -1.47 -31.62
CA LEU B 30 -12.81 -0.72 -32.35
C LEU B 30 -11.82 -1.57 -33.15
N GLY B 31 -11.69 -2.86 -32.80
CA GLY B 31 -10.86 -3.80 -33.55
C GLY B 31 -11.57 -4.41 -34.74
N ASN B 32 -12.78 -3.91 -35.01
CA ASN B 32 -13.64 -4.44 -36.04
C ASN B 32 -13.90 -3.35 -37.07
N LEU B 33 -14.38 -3.74 -38.25
CA LEU B 33 -14.71 -2.79 -39.31
C LEU B 33 -16.20 -2.75 -39.51
N LEU B 34 -16.72 -1.60 -39.94
CA LEU B 34 -18.12 -1.46 -40.27
C LEU B 34 -18.26 -1.67 -41.76
N LEU B 35 -19.04 -2.68 -42.13
CA LEU B 35 -19.33 -2.99 -43.54
C LEU B 35 -20.78 -2.55 -43.75
N GLN B 36 -21.03 -1.67 -44.73
CA GLN B 36 -22.40 -1.32 -45.14
C GLN B 36 -22.53 -1.57 -46.62
N VAL B 37 -23.48 -2.40 -47.02
CA VAL B 37 -23.84 -2.60 -48.42
C VAL B 37 -25.19 -1.90 -48.61
N ALA B 38 -25.24 -1.00 -49.58
CA ALA B 38 -26.44 -0.30 -49.94
C ALA B 38 -26.16 0.12 -51.37
N ASP B 39 -27.15 0.14 -52.26
CA ASP B 39 -26.91 0.50 -53.67
C ASP B 39 -26.01 -0.67 -54.22
N GLY B 40 -25.12 -0.41 -55.17
CA GLY B 40 -24.01 -1.32 -55.48
C GLY B 40 -22.76 -0.70 -54.92
N THR B 41 -22.75 -0.50 -53.60
CA THR B 41 -21.61 0.05 -52.91
C THR B 41 -21.48 -0.57 -51.53
N LEU B 42 -20.35 -1.21 -51.32
CA LEU B 42 -19.92 -1.65 -50.00
C LEU B 42 -19.08 -0.51 -49.43
N SER B 43 -19.45 -0.02 -48.26
CA SER B 43 -18.69 1.02 -47.59
C SER B 43 -18.01 0.37 -46.41
N LEU B 44 -16.76 0.73 -46.17
CA LEU B 44 -16.01 0.23 -45.04
C LEU B 44 -15.71 1.38 -44.13
N THR B 45 -15.70 1.12 -42.83
CA THR B 45 -15.11 2.06 -41.90
C THR B 45 -14.10 1.34 -41.01
N GLY B 46 -12.92 1.95 -40.87
CA GLY B 46 -11.87 1.46 -39.96
C GLY B 46 -11.41 2.66 -39.17
N THR B 47 -11.45 2.54 -37.83
CA THR B 47 -11.51 3.71 -36.98
C THR B 47 -10.93 3.42 -35.60
N ASP B 48 -10.38 4.45 -34.96
CA ASP B 48 -10.05 4.38 -33.54
C ASP B 48 -10.96 5.36 -32.76
N LEU B 49 -12.14 5.67 -33.30
CA LEU B 49 -13.10 6.70 -32.77
C LEU B 49 -12.63 8.19 -32.72
N GLU B 50 -11.34 8.44 -32.88
CA GLU B 50 -10.85 9.80 -33.14
C GLU B 50 -10.59 10.05 -34.61
N MET B 51 -10.32 8.99 -35.38
CA MET B 51 -10.15 9.09 -36.81
C MET B 51 -10.72 7.88 -37.51
N GLU B 52 -10.92 8.00 -38.81
CA GLU B 52 -11.84 7.14 -39.52
C GLU B 52 -11.39 7.08 -40.96
N MET B 53 -11.60 5.92 -41.59
CA MET B 53 -11.33 5.76 -43.00
C MET B 53 -12.53 5.13 -43.67
N VAL B 54 -13.08 5.80 -44.69
CA VAL B 54 -14.14 5.24 -45.52
C VAL B 54 -13.63 5.09 -46.94
N ALA B 55 -13.96 3.95 -47.56
CA ALA B 55 -13.64 3.67 -48.96
C ALA B 55 -14.86 3.09 -49.68
N ARG B 56 -15.08 3.49 -50.92
CA ARG B 56 -16.07 2.83 -51.76
C ARG B 56 -15.38 2.20 -52.96
N VAL B 57 -15.77 0.97 -53.28
CA VAL B 57 -15.41 0.33 -54.53
C VAL B 57 -16.74 -0.04 -55.18
N ALA B 58 -16.83 0.06 -56.50
CA ALA B 58 -18.04 -0.37 -57.21
C ALA B 58 -18.12 -1.89 -57.24
N LEU B 59 -19.34 -2.41 -57.11
CA LEU B 59 -19.61 -3.86 -57.19
C LEU B 59 -20.22 -4.21 -58.54
N VAL B 60 -19.45 -4.95 -59.34
CA VAL B 60 -19.86 -5.41 -60.67
C VAL B 60 -20.58 -6.76 -60.60
N GLN B 61 -20.23 -7.58 -59.62
CA GLN B 61 -20.84 -8.90 -59.43
C GLN B 61 -22.08 -8.78 -58.52
N PRO B 62 -22.85 -9.88 -58.33
CA PRO B 62 -24.12 -9.79 -57.58
C PRO B 62 -23.98 -9.48 -56.08
N HIS B 63 -24.92 -8.68 -55.58
CA HIS B 63 -24.83 -8.18 -54.20
C HIS B 63 -26.22 -7.96 -53.65
N GLU B 64 -26.32 -7.84 -52.34
CA GLU B 64 -27.59 -7.70 -51.64
C GLU B 64 -27.28 -6.86 -50.41
N PRO B 65 -28.09 -5.83 -50.12
CA PRO B 65 -27.77 -4.96 -48.99
C PRO B 65 -27.96 -5.60 -47.61
N GLY B 66 -27.46 -4.88 -46.60
CA GLY B 66 -27.30 -5.38 -45.24
C GLY B 66 -25.92 -4.97 -44.74
N ALA B 67 -25.63 -5.26 -43.46
CA ALA B 67 -24.45 -4.71 -42.80
C ALA B 67 -23.89 -5.65 -41.73
N THR B 68 -22.59 -5.58 -41.45
CA THR B 68 -21.96 -6.42 -40.41
C THR B 68 -20.69 -5.81 -39.86
N THR B 69 -20.11 -6.46 -38.85
CA THR B 69 -18.92 -5.94 -38.20
C THR B 69 -17.96 -7.05 -37.85
N VAL B 70 -16.92 -7.23 -38.67
CA VAL B 70 -15.95 -8.31 -38.45
C VAL B 70 -14.65 -7.75 -37.89
N PRO B 71 -13.85 -8.59 -37.22
CA PRO B 71 -12.58 -8.13 -36.66
C PRO B 71 -11.54 -7.80 -37.72
N ALA B 72 -11.04 -6.58 -37.63
CA ALA B 72 -10.34 -5.88 -38.71
C ALA B 72 -9.02 -6.47 -39.14
N ARG B 73 -8.13 -6.68 -38.17
CA ARG B 73 -6.78 -7.17 -38.44
C ARG B 73 -6.82 -8.55 -39.08
N LYS B 74 -7.63 -9.41 -38.45
CA LYS B 74 -7.79 -10.80 -38.88
C LYS B 74 -8.44 -10.88 -40.25
N PHE B 75 -9.44 -10.04 -40.49
CA PHE B 75 -10.08 -9.95 -41.80
C PHE B 75 -9.10 -9.44 -42.86
N PHE B 76 -8.29 -8.45 -42.50
CA PHE B 76 -7.34 -7.88 -43.44
C PHE B 76 -6.31 -8.93 -43.89
N ASP B 77 -5.73 -9.63 -42.91
CA ASP B 77 -4.74 -10.68 -43.17
C ASP B 77 -5.28 -11.85 -44.01
N ILE B 78 -6.51 -12.30 -43.73
CA ILE B 78 -7.10 -13.38 -44.52
C ILE B 78 -7.12 -12.95 -45.99
N CYS B 79 -7.64 -11.75 -46.27
CA CYS B 79 -7.78 -11.27 -47.66
C CYS B 79 -6.47 -11.01 -48.40
N ARG B 80 -5.55 -10.34 -47.71
CA ARG B 80 -4.18 -10.19 -48.18
C ARG B 80 -3.55 -11.59 -48.44
N GLY B 81 -3.86 -12.55 -47.58
CA GLY B 81 -3.36 -13.92 -47.71
C GLY B 81 -3.87 -14.72 -48.89
N LEU B 82 -5.08 -14.42 -49.40
CA LEU B 82 -5.70 -15.24 -50.47
C LEU B 82 -4.89 -15.10 -51.76
N PRO B 83 -4.87 -16.16 -52.60
CA PRO B 83 -3.92 -16.16 -53.72
C PRO B 83 -4.24 -15.15 -54.80
N GLU B 84 -3.21 -14.82 -55.58
CA GLU B 84 -3.30 -13.79 -56.59
C GLU B 84 -4.30 -14.20 -57.67
N GLY B 85 -5.27 -13.33 -57.96
CA GLY B 85 -6.29 -13.56 -58.99
C GLY B 85 -7.55 -14.23 -58.47
N ALA B 86 -7.60 -14.50 -57.17
CA ALA B 86 -8.71 -15.24 -56.57
C ALA B 86 -9.95 -14.39 -56.45
N GLU B 87 -11.09 -15.00 -56.78
CA GLU B 87 -12.35 -14.32 -56.70
C GLU B 87 -12.92 -14.76 -55.37
N ILE B 88 -13.01 -13.84 -54.41
CA ILE B 88 -13.47 -14.20 -53.04
C ILE B 88 -14.96 -13.77 -52.87
N ALA B 89 -15.81 -14.68 -52.37
CA ALA B 89 -17.26 -14.44 -52.22
C ALA B 89 -17.61 -14.31 -50.75
N VAL B 90 -18.18 -13.17 -50.37
CA VAL B 90 -18.55 -12.92 -48.98
C VAL B 90 -20.06 -12.89 -48.93
N GLN B 91 -20.63 -13.24 -47.78
CA GLN B 91 -22.06 -13.28 -47.61
C GLN B 91 -22.40 -13.29 -46.11
N LEU B 92 -23.24 -12.37 -45.68
CA LEU B 92 -23.68 -12.34 -44.29
C LEU B 92 -24.90 -13.26 -44.22
N GLU B 93 -24.88 -14.28 -43.35
CA GLU B 93 -26.11 -15.00 -42.98
C GLU B 93 -26.55 -14.63 -41.58
N GLY B 94 -27.40 -13.60 -41.47
CA GLY B 94 -27.93 -13.18 -40.18
C GLY B 94 -26.83 -12.71 -39.25
N GLU B 95 -26.53 -13.50 -38.21
CA GLU B 95 -25.52 -13.11 -37.23
C GLU B 95 -24.10 -13.68 -37.52
N ARG B 96 -23.88 -14.33 -38.66
CA ARG B 96 -22.54 -14.87 -39.01
C ARG B 96 -22.12 -14.42 -40.40
N MET B 97 -20.84 -14.10 -40.56
CA MET B 97 -20.30 -13.78 -41.85
C MET B 97 -19.59 -15.00 -42.42
N LEU B 98 -20.04 -15.43 -43.59
CA LEU B 98 -19.35 -16.45 -44.36
C LEU B 98 -18.40 -15.89 -45.41
N VAL B 99 -17.19 -16.40 -45.37
CA VAL B 99 -16.18 -16.08 -46.33
C VAL B 99 -15.94 -17.34 -47.17
N ARG B 100 -16.20 -17.27 -48.48
CA ARG B 100 -15.89 -18.37 -49.37
C ARG B 100 -14.91 -17.97 -50.45
N SER B 101 -14.09 -18.92 -50.88
CA SER B 101 -13.32 -18.76 -52.08
C SER B 101 -13.31 -20.12 -52.75
N GLY B 102 -13.96 -20.21 -53.91
CA GLY B 102 -14.19 -21.46 -54.60
C GLY B 102 -14.74 -22.52 -53.67
N ARG B 103 -13.86 -23.42 -53.26
CA ARG B 103 -14.25 -24.64 -52.50
C ARG B 103 -13.94 -24.57 -50.99
N SER B 104 -13.20 -23.56 -50.54
CA SER B 104 -12.93 -23.32 -49.10
C SER B 104 -14.01 -22.41 -48.53
N ARG B 105 -14.36 -22.59 -47.26
CA ARG B 105 -15.43 -21.81 -46.64
C ARG B 105 -14.97 -21.45 -45.24
N PHE B 106 -15.27 -20.22 -44.80
CA PHE B 106 -14.88 -19.76 -43.44
C PHE B 106 -16.07 -19.07 -42.79
N SER B 107 -16.27 -19.34 -41.50
CA SER B 107 -17.42 -18.85 -40.78
C SER B 107 -16.90 -18.18 -39.55
N LEU B 108 -17.14 -16.88 -39.49
CA LEU B 108 -16.59 -16.01 -38.46
C LEU B 108 -17.74 -15.49 -37.61
N SER B 109 -17.52 -15.29 -36.32
CA SER B 109 -18.49 -14.57 -35.50
C SER B 109 -18.52 -13.12 -35.97
N THR B 110 -19.60 -12.45 -35.66
CA THR B 110 -19.91 -11.19 -36.27
C THR B 110 -20.50 -10.32 -35.19
N LEU B 111 -20.17 -9.03 -35.19
CA LEU B 111 -20.82 -8.08 -34.31
C LEU B 111 -21.71 -7.23 -35.21
N PRO B 112 -22.89 -6.81 -34.72
CA PRO B 112 -23.85 -6.19 -35.65
C PRO B 112 -23.44 -4.76 -36.09
N ALA B 113 -23.66 -4.41 -37.36
CA ALA B 113 -23.38 -3.05 -37.85
C ALA B 113 -24.13 -2.01 -37.03
N ALA B 114 -25.39 -2.33 -36.74
CA ALA B 114 -26.27 -1.46 -35.96
C ALA B 114 -25.73 -1.01 -34.59
N ASP B 115 -24.70 -1.69 -34.05
CA ASP B 115 -24.07 -1.29 -32.76
C ASP B 115 -22.90 -0.31 -32.95
N PHE B 116 -22.39 -0.20 -34.17
CA PHE B 116 -21.14 0.48 -34.41
C PHE B 116 -21.31 1.98 -34.26
N PRO B 117 -20.49 2.62 -33.41
CA PRO B 117 -20.68 4.06 -33.17
C PRO B 117 -20.45 4.91 -34.42
N ASN B 118 -21.25 5.95 -34.61
CA ASN B 118 -21.10 6.81 -35.78
C ASN B 118 -20.63 8.17 -35.30
N LEU B 119 -19.51 8.65 -35.84
CA LEU B 119 -19.09 10.02 -35.64
C LEU B 119 -19.79 10.81 -36.71
N ASP B 120 -20.20 12.02 -36.32
CA ASP B 120 -21.19 12.77 -37.07
C ASP B 120 -20.69 13.34 -38.37
N ASP B 121 -21.61 13.52 -39.30
CA ASP B 121 -21.29 14.27 -40.51
C ASP B 121 -21.25 15.73 -40.10
N TRP B 122 -20.39 16.46 -40.75
CA TRP B 122 -20.07 17.84 -40.36
C TRP B 122 -19.85 18.61 -41.62
N GLN B 123 -19.64 19.91 -41.50
CA GLN B 123 -19.46 20.70 -42.70
C GLN B 123 -18.09 21.29 -42.75
N SER B 124 -17.63 21.36 -43.98
CA SER B 124 -16.35 21.84 -44.38
C SER B 124 -16.31 23.36 -44.31
N GLU B 125 -15.11 23.88 -44.13
CA GLU B 125 -14.86 25.32 -43.97
C GLU B 125 -13.80 25.84 -44.96
N VAL B 126 -12.69 25.11 -45.08
CA VAL B 126 -11.62 25.45 -46.01
C VAL B 126 -11.38 24.22 -46.88
N GLU B 127 -11.18 24.43 -48.18
CA GLU B 127 -11.09 23.31 -49.12
C GLU B 127 -10.04 23.58 -50.15
N PHE B 128 -9.26 22.55 -50.47
CA PHE B 128 -8.21 22.62 -51.48
C PHE B 128 -7.90 21.21 -51.99
N THR B 129 -7.42 21.14 -53.23
CA THR B 129 -6.87 19.92 -53.82
C THR B 129 -5.40 20.19 -54.10
N LEU B 130 -4.57 19.13 -54.16
CA LEU B 130 -3.15 19.27 -54.48
C LEU B 130 -2.54 17.94 -54.91
N PRO B 131 -1.41 17.98 -55.64
CA PRO B 131 -0.68 16.75 -55.89
C PRO B 131 -0.26 16.07 -54.60
N GLN B 132 -0.35 14.75 -54.59
CA GLN B 132 0.19 13.97 -53.49
C GLN B 132 1.58 14.44 -53.14
N ALA B 133 2.46 14.59 -54.12
CA ALA B 133 3.88 14.96 -53.87
C ALA B 133 4.08 16.11 -52.89
N THR B 134 3.27 17.15 -53.04
CA THR B 134 3.39 18.33 -52.19
C THR B 134 3.04 18.01 -50.73
N MET B 135 1.98 17.24 -50.54
CA MET B 135 1.59 16.83 -49.21
C MET B 135 2.62 15.92 -48.56
N LYS B 136 3.28 15.09 -49.38
CA LYS B 136 4.33 14.18 -48.94
C LYS B 136 5.50 14.97 -48.35
N ARG B 137 6.06 15.89 -49.14
CA ARG B 137 7.17 16.74 -48.71
C ARG B 137 6.80 17.45 -47.39
N LEU B 138 5.65 18.10 -47.39
CA LEU B 138 5.13 18.82 -46.22
C LEU B 138 5.09 18.05 -44.89
N ILE B 139 4.61 16.81 -44.92
CA ILE B 139 4.52 15.99 -43.71
C ILE B 139 5.91 15.54 -43.33
N GLU B 140 6.55 14.84 -44.26
CA GLU B 140 7.90 14.28 -44.04
C GLU B 140 8.86 15.29 -43.44
N ALA B 141 8.77 16.51 -43.93
CA ALA B 141 9.69 17.56 -43.60
C ALA B 141 9.59 18.01 -42.16
N THR B 142 8.45 17.79 -41.53
CA THR B 142 8.17 18.32 -40.19
C THR B 142 7.79 17.31 -39.12
N GLN B 143 7.26 16.16 -39.49
CA GLN B 143 6.62 15.31 -38.50
C GLN B 143 7.52 14.91 -37.31
N PHE B 144 8.82 14.77 -37.57
CA PHE B 144 9.74 14.29 -36.55
C PHE B 144 9.79 15.13 -35.28
N SER B 145 9.53 16.44 -35.40
CA SER B 145 9.54 17.34 -34.24
C SER B 145 8.31 17.31 -33.33
N MET B 146 7.27 16.56 -33.66
CA MET B 146 6.09 16.49 -32.80
C MET B 146 6.45 15.94 -31.42
N ALA B 147 5.84 16.49 -30.36
CA ALA B 147 5.93 15.87 -29.02
C ALA B 147 5.20 14.52 -29.06
N HIS B 148 5.55 13.61 -28.16
CA HIS B 148 4.80 12.37 -27.97
C HIS B 148 3.81 12.52 -26.82
N GLN B 149 4.31 12.90 -25.66
CA GLN B 149 3.47 13.04 -24.50
C GLN B 149 3.92 14.33 -23.89
N ASP B 150 3.04 15.31 -23.92
CA ASP B 150 3.28 16.63 -23.34
C ASP B 150 2.06 16.98 -22.49
N VAL B 151 2.24 17.88 -21.53
CA VAL B 151 1.15 18.42 -20.70
C VAL B 151 0.27 19.32 -21.60
N ARG B 152 0.95 20.01 -22.51
CA ARG B 152 0.31 20.83 -23.52
C ARG B 152 -0.03 19.87 -24.64
N TYR B 153 -1.12 19.14 -24.42
CA TYR B 153 -1.55 18.06 -25.29
C TYR B 153 -1.87 18.51 -26.72
N TYR B 154 -2.27 19.77 -26.89
CA TYR B 154 -2.34 20.42 -28.24
C TYR B 154 -1.03 20.41 -29.10
N LEU B 155 0.13 20.30 -28.45
CA LEU B 155 1.40 20.16 -29.17
C LEU B 155 1.67 18.73 -29.64
N ASN B 156 0.91 17.76 -29.13
CA ASN B 156 0.89 16.39 -29.69
C ASN B 156 0.15 16.35 -31.05
N GLY B 157 0.68 17.07 -32.03
CA GLY B 157 -0.04 17.36 -33.27
C GLY B 157 0.65 18.49 -34.03
N MET B 158 -0.01 19.02 -35.05
CA MET B 158 0.62 20.00 -35.94
C MET B 158 -0.32 21.16 -36.22
N LEU B 159 0.20 22.38 -36.17
CA LEU B 159 -0.60 23.54 -36.50
C LEU B 159 -0.74 23.63 -38.02
N PHE B 160 -1.96 23.61 -38.52
CA PHE B 160 -2.25 23.97 -39.91
C PHE B 160 -2.74 25.40 -39.97
N GLU B 161 -2.04 26.26 -40.69
CA GLU B 161 -2.47 27.63 -40.86
C GLU B 161 -2.40 28.01 -42.32
N THR B 162 -3.47 28.62 -42.82
CA THR B 162 -3.56 29.06 -44.21
C THR B 162 -3.42 30.61 -44.28
N GLU B 163 -2.83 31.12 -45.34
CA GLU B 163 -2.62 32.55 -45.46
C GLU B 163 -2.24 32.79 -46.89
N GLY B 164 -3.06 33.55 -47.60
CA GLY B 164 -2.84 33.80 -49.01
C GLY B 164 -2.86 32.48 -49.73
N GLU B 165 -1.77 32.16 -50.42
CA GLU B 165 -1.61 30.89 -51.13
C GLU B 165 -0.54 30.02 -50.47
N GLU B 166 -0.42 30.12 -49.15
CA GLU B 166 0.49 29.27 -48.40
C GLU B 166 -0.26 28.49 -47.35
N LEU B 167 -0.02 27.19 -47.36
CA LEU B 167 -0.36 26.35 -46.22
C LEU B 167 0.98 26.13 -45.52
N ARG B 168 1.01 26.23 -44.20
CA ARG B 168 2.28 26.32 -43.49
C ARG B 168 2.13 25.51 -42.21
N THR B 169 3.02 24.53 -42.02
CA THR B 169 2.90 23.60 -40.91
C THR B 169 4.04 23.83 -39.95
N VAL B 170 3.80 23.50 -38.69
CA VAL B 170 4.88 23.50 -37.71
C VAL B 170 4.58 22.42 -36.66
N ALA B 171 5.64 21.82 -36.15
CA ALA B 171 5.54 20.75 -35.18
C ALA B 171 6.72 20.87 -34.25
N THR B 172 6.51 20.64 -32.97
CA THR B 172 7.52 21.00 -32.00
C THR B 172 7.42 20.24 -30.70
N ASP B 173 8.52 20.33 -29.96
CA ASP B 173 8.68 19.78 -28.61
C ASP B 173 8.54 20.85 -27.55
N GLY B 174 8.91 22.07 -27.90
CA GLY B 174 9.31 23.09 -26.95
C GLY B 174 10.82 23.25 -26.89
N HIS B 175 11.54 22.42 -27.65
CA HIS B 175 13.01 22.38 -27.67
C HIS B 175 13.55 22.60 -29.08
N ARG B 176 12.99 21.86 -30.02
CA ARG B 176 13.35 21.92 -31.43
C ARG B 176 12.08 22.28 -32.18
N LEU B 177 12.22 22.87 -33.36
CA LEU B 177 11.06 23.26 -34.16
C LEU B 177 11.43 23.20 -35.62
N ALA B 178 10.59 22.56 -36.41
CA ALA B 178 10.68 22.60 -37.86
C ALA B 178 9.42 23.26 -38.40
N VAL B 179 9.59 24.12 -39.41
CA VAL B 179 8.50 24.73 -40.22
C VAL B 179 8.71 24.41 -41.72
N CYS B 180 7.63 24.14 -42.46
CA CYS B 180 7.74 23.88 -43.90
C CYS B 180 6.65 24.65 -44.64
N SER B 181 6.99 25.30 -45.75
CA SER B 181 6.04 26.07 -46.55
C SER B 181 6.26 25.75 -48.03
N MET B 182 5.16 25.56 -48.76
CA MET B 182 5.20 25.25 -50.19
C MET B 182 4.17 26.11 -50.91
N PRO B 183 4.39 26.44 -52.21
CA PRO B 183 3.33 27.08 -52.98
C PRO B 183 2.21 26.07 -53.33
N ILE B 184 0.95 26.48 -53.13
CA ILE B 184 -0.24 25.63 -53.32
C ILE B 184 -1.07 25.98 -54.57
N GLY B 185 -0.86 27.18 -55.14
CA GLY B 185 -1.47 27.56 -56.42
C GLY B 185 -2.96 27.91 -56.43
N GLN B 186 -3.56 28.06 -55.24
CA GLN B 186 -4.98 28.34 -55.11
C GLN B 186 -5.12 29.33 -53.98
N SER B 187 -6.09 30.24 -54.09
CA SER B 187 -6.44 31.16 -52.99
C SER B 187 -7.04 30.34 -51.86
N LEU B 188 -6.62 30.59 -50.63
CA LEU B 188 -7.02 29.76 -49.49
C LEU B 188 -7.53 30.73 -48.43
N PRO B 189 -8.67 30.42 -47.79
CA PRO B 189 -9.08 31.22 -46.65
C PRO B 189 -8.21 30.90 -45.45
N SER B 190 -8.06 31.86 -44.55
CA SER B 190 -7.23 31.68 -43.37
C SER B 190 -7.95 30.79 -42.37
N HIS B 191 -7.28 29.74 -41.91
CA HIS B 191 -7.80 28.81 -40.91
C HIS B 191 -6.72 28.33 -39.94
N SER B 192 -7.13 27.88 -38.76
CA SER B 192 -6.18 27.31 -37.80
C SER B 192 -6.80 26.06 -37.25
N VAL B 193 -6.10 24.94 -37.35
CA VAL B 193 -6.54 23.66 -36.79
C VAL B 193 -5.32 22.86 -36.35
N ILE B 194 -5.46 22.06 -35.30
CA ILE B 194 -4.37 21.23 -34.82
C ILE B 194 -4.85 19.79 -35.05
N VAL B 195 -4.16 19.04 -35.88
CA VAL B 195 -4.54 17.63 -36.09
C VAL B 195 -3.60 16.74 -35.24
N PRO B 196 -4.16 15.76 -34.51
CA PRO B 196 -3.36 14.91 -33.62
C PRO B 196 -2.30 14.08 -34.33
N ARG B 197 -1.16 13.91 -33.66
CA ARG B 197 -0.02 13.15 -34.18
C ARG B 197 -0.43 11.83 -34.81
N LYS B 198 -1.38 11.14 -34.22
CA LYS B 198 -1.77 9.84 -34.73
C LYS B 198 -2.33 10.04 -36.13
N GLY B 199 -3.18 11.07 -36.22
CA GLY B 199 -3.73 11.54 -37.48
C GLY B 199 -2.67 11.78 -38.53
N VAL B 200 -1.65 12.57 -38.19
CA VAL B 200 -0.64 12.90 -39.21
C VAL B 200 0.14 11.65 -39.60
N ILE B 201 0.38 10.73 -38.67
CA ILE B 201 1.09 9.47 -39.00
C ILE B 201 0.30 8.71 -40.05
N GLU B 202 -0.99 8.59 -39.82
CA GLU B 202 -1.80 7.81 -40.72
C GLU B 202 -1.89 8.46 -42.08
N LEU B 203 -2.04 9.77 -42.08
CA LEU B 203 -2.09 10.54 -43.33
C LEU B 203 -0.82 10.38 -44.14
N MET B 204 0.32 10.45 -43.45
CA MET B 204 1.60 10.16 -44.05
C MET B 204 1.59 8.79 -44.72
N ARG B 205 1.17 7.77 -43.98
CA ARG B 205 1.09 6.42 -44.53
C ARG B 205 0.14 6.24 -45.73
N MET B 206 -0.89 7.06 -45.89
CA MET B 206 -1.79 6.84 -47.03
C MET B 206 -1.28 7.39 -48.35
N LEU B 207 -0.26 8.24 -48.30
CA LEU B 207 0.34 8.85 -49.50
C LEU B 207 1.27 7.87 -50.21
N ASP B 208 0.84 7.41 -51.39
CA ASP B 208 1.72 6.67 -52.30
C ASP B 208 2.54 7.59 -53.22
N GLY B 209 2.32 8.90 -53.13
CA GLY B 209 3.00 9.89 -53.97
C GLY B 209 2.58 9.91 -55.43
N GLY B 210 1.63 9.06 -55.81
CA GLY B 210 1.24 8.88 -57.20
C GLY B 210 0.37 9.98 -57.76
N ASP B 211 -0.44 9.65 -58.75
CA ASP B 211 -1.07 10.68 -59.59
C ASP B 211 -2.41 11.20 -59.09
N ASN B 212 -3.14 10.38 -58.33
CA ASN B 212 -4.40 10.84 -57.76
C ASN B 212 -4.10 12.08 -56.91
N PRO B 213 -4.83 13.18 -57.15
CA PRO B 213 -4.67 14.34 -56.27
C PRO B 213 -5.31 14.06 -54.92
N LEU B 214 -4.92 14.84 -53.92
CA LEU B 214 -5.53 14.81 -52.62
C LEU B 214 -6.44 16.01 -52.52
N ARG B 215 -7.62 15.83 -51.96
CA ARG B 215 -8.60 16.89 -51.80
C ARG B 215 -8.92 16.90 -50.31
N VAL B 216 -8.84 18.03 -49.63
CA VAL B 216 -9.07 18.06 -48.18
C VAL B 216 -10.23 18.97 -47.78
N GLN B 217 -10.96 18.57 -46.73
CA GLN B 217 -12.01 19.39 -46.09
C GLN B 217 -11.66 19.56 -44.62
N ILE B 218 -11.87 20.75 -44.09
CA ILE B 218 -11.61 21.04 -42.68
C ILE B 218 -12.84 21.72 -42.12
N GLY B 219 -13.45 21.16 -41.09
CA GLY B 219 -14.59 21.79 -40.41
C GLY B 219 -14.16 22.29 -39.06
N SER B 220 -15.14 22.54 -38.20
CA SER B 220 -14.87 23.05 -36.86
C SER B 220 -14.22 22.01 -35.95
N ASN B 221 -14.68 20.76 -36.01
CA ASN B 221 -14.26 19.69 -35.08
C ASN B 221 -13.64 18.43 -35.73
N ASN B 222 -13.57 18.38 -37.07
CA ASN B 222 -13.03 17.23 -37.77
C ASN B 222 -12.29 17.65 -39.02
N ILE B 223 -11.42 16.80 -39.52
CA ILE B 223 -10.68 17.08 -40.75
C ILE B 223 -10.74 15.82 -41.58
N ARG B 224 -10.91 15.99 -42.89
CA ARG B 224 -11.15 14.88 -43.83
C ARG B 224 -10.31 15.01 -45.09
N ALA B 225 -9.79 13.88 -45.56
CA ALA B 225 -8.95 13.85 -46.76
C ALA B 225 -9.58 12.89 -47.77
N HIS B 226 -9.83 13.39 -48.97
CA HIS B 226 -10.28 12.55 -50.07
C HIS B 226 -9.13 12.49 -51.05
N VAL B 227 -8.66 11.27 -51.37
CA VAL B 227 -7.86 11.00 -52.57
C VAL B 227 -8.71 10.03 -53.35
N GLY B 228 -9.09 10.38 -54.59
CA GLY B 228 -10.00 9.55 -55.38
C GLY B 228 -11.18 9.05 -54.56
N ASP B 229 -11.26 7.74 -54.38
CA ASP B 229 -12.39 7.07 -53.70
C ASP B 229 -12.12 6.66 -52.23
N PHE B 230 -10.98 7.04 -51.66
CA PHE B 230 -10.69 6.79 -50.24
C PHE B 230 -10.83 8.05 -49.45
N ILE B 231 -11.32 7.92 -48.24
CA ILE B 231 -11.70 9.06 -47.44
C ILE B 231 -11.19 8.82 -46.04
N PHE B 232 -10.43 9.77 -45.55
CA PHE B 232 -9.89 9.77 -44.21
C PHE B 232 -10.58 10.88 -43.43
N THR B 233 -11.01 10.60 -42.22
CA THR B 233 -11.64 11.61 -41.39
C THR B 233 -11.06 11.47 -39.99
N SER B 234 -10.63 12.58 -39.40
CA SER B 234 -10.11 12.64 -38.04
C SER B 234 -10.81 13.77 -37.32
N LYS B 235 -10.76 13.77 -36.00
CA LYS B 235 -11.17 14.96 -35.26
C LYS B 235 -9.95 15.84 -35.04
N LEU B 236 -10.19 17.10 -34.69
CA LEU B 236 -9.13 18.03 -34.35
C LEU B 236 -9.04 18.21 -32.86
N VAL B 237 -7.84 18.57 -32.41
CA VAL B 237 -7.59 18.87 -31.01
C VAL B 237 -7.91 20.37 -30.87
N ASP B 238 -8.46 20.75 -29.72
CA ASP B 238 -9.03 22.10 -29.51
C ASP B 238 -8.22 23.34 -29.96
N GLY B 239 -6.97 23.57 -29.53
CA GLY B 239 -6.21 24.71 -30.04
C GLY B 239 -5.17 25.36 -29.13
N ARG B 240 -4.81 26.58 -29.53
CA ARG B 240 -3.92 27.50 -28.80
C ARG B 240 -2.47 27.10 -28.95
N PHE B 241 -2.04 27.03 -30.19
CA PHE B 241 -0.69 26.69 -30.48
C PHE B 241 0.06 28.00 -30.29
N PRO B 242 1.14 28.02 -29.50
CA PRO B 242 1.93 29.27 -29.31
C PRO B 242 2.49 29.84 -30.62
N ASP B 243 2.63 31.16 -30.72
CA ASP B 243 3.08 31.83 -31.95
C ASP B 243 4.55 31.63 -32.30
N TYR B 244 4.79 30.75 -33.27
CA TYR B 244 6.13 30.52 -33.77
C TYR B 244 6.85 31.79 -34.27
N ARG B 245 6.09 32.79 -34.73
CA ARG B 245 6.70 34.03 -35.22
C ARG B 245 7.42 34.79 -34.11
N ARG B 246 7.03 34.57 -32.85
CA ARG B 246 7.71 35.18 -31.71
C ARG B 246 9.09 34.57 -31.42
N VAL B 247 9.25 33.26 -31.64
CA VAL B 247 10.49 32.62 -31.22
C VAL B 247 11.58 32.83 -32.26
N LEU B 248 11.18 33.12 -33.51
CA LEU B 248 12.11 33.25 -34.63
C LEU B 248 13.25 34.19 -34.29
N PRO B 249 14.51 33.82 -34.64
CA PRO B 249 15.58 34.81 -34.50
C PRO B 249 15.38 36.01 -35.44
N LYS B 250 15.62 37.22 -34.92
CA LYS B 250 15.41 38.45 -35.66
C LYS B 250 16.72 38.83 -36.34
N ASN B 251 16.86 38.48 -37.61
CA ASN B 251 18.11 38.67 -38.37
C ASN B 251 19.39 38.03 -37.75
N PRO B 252 19.47 36.68 -37.84
CA PRO B 252 20.69 35.98 -37.45
C PRO B 252 21.87 36.40 -38.32
N ASP B 253 22.86 37.01 -37.66
CA ASP B 253 23.96 37.72 -38.32
C ASP B 253 25.14 36.89 -38.88
N LYS B 254 25.19 35.60 -38.57
CA LYS B 254 26.29 34.73 -39.03
C LYS B 254 25.76 33.69 -40.03
N HIS B 255 26.51 33.45 -41.10
CA HIS B 255 26.06 32.52 -42.16
C HIS B 255 27.09 31.42 -42.24
N LEU B 256 26.62 30.19 -42.22
CA LEU B 256 27.50 29.06 -42.04
C LEU B 256 26.94 28.00 -42.94
N GLU B 257 27.72 27.59 -43.94
CA GLU B 257 27.23 26.73 -45.01
C GLU B 257 28.14 25.51 -45.10
N ALA B 258 27.60 24.31 -45.35
CA ALA B 258 28.44 23.12 -45.51
C ALA B 258 27.69 22.04 -46.26
N GLY B 259 28.43 21.11 -46.86
CA GLY B 259 27.84 19.98 -47.58
C GLY B 259 27.05 19.11 -46.64
N CYS B 260 25.80 18.85 -46.98
CA CYS B 260 24.86 18.25 -46.05
C CYS B 260 25.32 16.86 -45.66
N ASP B 261 25.82 16.12 -46.63
CA ASP B 261 26.14 14.71 -46.43
C ASP B 261 27.36 14.57 -45.55
N LEU B 262 28.40 15.31 -45.91
CA LEU B 262 29.63 15.31 -45.13
C LEU B 262 29.26 15.70 -43.72
N LEU B 263 28.63 16.84 -43.56
CA LEU B 263 28.26 17.30 -42.23
C LEU B 263 27.49 16.23 -41.43
N LYS B 264 26.51 15.60 -42.04
CA LYS B 264 25.69 14.57 -41.39
C LYS B 264 26.48 13.31 -40.98
N GLN B 265 27.48 12.98 -41.78
CA GLN B 265 28.36 11.84 -41.55
C GLN B 265 29.21 12.08 -40.28
N ALA B 266 29.78 13.27 -40.21
CA ALA B 266 30.56 13.71 -39.06
C ALA B 266 29.76 13.76 -37.77
N PHE B 267 28.52 14.27 -37.80
CA PHE B 267 27.63 14.25 -36.63
C PHE B 267 27.27 12.85 -36.17
N ALA B 268 27.00 11.97 -37.13
CA ALA B 268 26.67 10.60 -36.80
C ALA B 268 27.85 9.94 -36.07
N ARG B 269 29.05 10.12 -36.60
CA ARG B 269 30.23 9.57 -35.97
C ARG B 269 30.57 10.21 -34.62
N ALA B 270 30.42 11.53 -34.52
CA ALA B 270 30.69 12.21 -33.25
C ALA B 270 29.69 11.78 -32.17
N ALA B 271 28.43 11.57 -32.56
CA ALA B 271 27.36 11.15 -31.63
C ALA B 271 27.68 9.88 -30.81
N ILE B 272 28.47 8.97 -31.39
CA ILE B 272 28.82 7.71 -30.70
C ILE B 272 29.52 7.96 -29.34
N LEU B 273 30.28 9.05 -29.22
CA LEU B 273 30.98 9.36 -27.96
C LEU B 273 30.37 10.53 -27.17
N SER B 274 29.08 10.77 -27.34
CA SER B 274 28.39 11.73 -26.46
C SER B 274 27.74 10.98 -25.32
N ASN B 275 27.25 11.74 -24.35
CA ASN B 275 26.43 11.22 -23.26
C ASN B 275 25.22 10.53 -23.88
N GLU B 276 25.03 9.25 -23.62
CA GLU B 276 23.95 8.47 -24.26
C GLU B 276 22.56 9.06 -24.11
N LYS B 277 22.30 9.61 -22.93
CA LYS B 277 21.00 10.20 -22.62
C LYS B 277 20.81 11.59 -23.23
N PHE B 278 21.81 12.45 -23.13
CA PHE B 278 21.63 13.88 -23.41
C PHE B 278 22.34 14.37 -24.66
N ARG B 279 23.30 13.60 -25.16
CA ARG B 279 23.85 13.82 -26.50
C ARG B 279 24.51 15.20 -26.69
N GLY B 280 25.04 15.79 -25.61
CA GLY B 280 25.61 17.14 -25.66
C GLY B 280 26.97 17.19 -26.32
N VAL B 281 27.09 17.95 -27.41
CA VAL B 281 28.35 18.10 -28.17
C VAL B 281 28.62 19.61 -28.20
N ARG B 282 29.90 20.01 -28.20
CA ARG B 282 30.29 21.42 -28.15
C ARG B 282 30.97 21.82 -29.47
N LEU B 283 30.68 23.03 -29.96
CA LEU B 283 31.12 23.50 -31.27
C LEU B 283 32.03 24.73 -31.13
N TYR B 284 33.19 24.72 -31.79
CA TYR B 284 34.07 25.89 -31.91
C TYR B 284 34.11 26.25 -33.37
N VAL B 285 33.76 27.49 -33.67
CA VAL B 285 33.79 27.97 -35.03
C VAL B 285 34.88 29.04 -35.11
N SER B 286 35.63 29.07 -36.21
CA SER B 286 36.57 30.16 -36.44
C SER B 286 36.61 30.44 -37.93
N GLU B 287 37.41 31.44 -38.33
CA GLU B 287 37.47 31.90 -39.72
C GLU B 287 37.63 30.74 -40.72
N ASN B 288 36.51 30.36 -41.32
CA ASN B 288 36.41 29.30 -42.37
C ASN B 288 36.72 27.85 -41.94
N GLN B 289 36.64 27.59 -40.63
CA GLN B 289 36.96 26.30 -40.04
C GLN B 289 35.84 25.94 -39.08
N LEU B 290 35.54 24.65 -38.97
CA LEU B 290 34.63 24.14 -37.97
C LEU B 290 35.31 23.06 -37.15
N LYS B 291 35.36 23.27 -35.84
CA LYS B 291 35.92 22.31 -34.90
C LYS B 291 34.78 21.81 -34.01
N ILE B 292 34.45 20.53 -34.12
CA ILE B 292 33.42 19.91 -33.30
C ILE B 292 34.12 19.20 -32.15
N THR B 293 33.59 19.26 -30.94
CA THR B 293 34.15 18.51 -29.84
C THR B 293 33.01 17.91 -29.04
N ALA B 294 33.23 16.73 -28.49
CA ALA B 294 32.23 16.06 -27.67
C ALA B 294 32.94 15.36 -26.53
N ASN B 295 32.34 15.44 -25.34
CA ASN B 295 32.83 14.77 -24.12
C ASN B 295 31.69 13.92 -23.56
N ASN B 296 32.00 12.80 -22.91
CA ASN B 296 30.97 12.11 -22.14
C ASN B 296 31.46 11.79 -20.73
N PRO B 297 30.53 11.44 -19.82
CA PRO B 297 30.91 11.21 -18.43
C PRO B 297 32.01 10.16 -18.21
N GLU B 298 32.14 9.19 -19.12
CA GLU B 298 33.22 8.20 -19.02
C GLU B 298 34.57 8.66 -19.60
N GLN B 299 34.75 9.97 -19.77
CA GLN B 299 36.04 10.59 -20.18
C GLN B 299 36.47 10.29 -21.64
N GLU B 300 35.52 9.82 -22.45
CA GLU B 300 35.78 9.51 -23.84
C GLU B 300 35.65 10.82 -24.60
N GLU B 301 36.36 10.95 -25.71
CA GLU B 301 36.46 12.23 -26.40
C GLU B 301 36.44 12.02 -27.91
N ALA B 302 35.57 12.76 -28.60
CA ALA B 302 35.56 12.83 -30.05
C ALA B 302 35.99 14.22 -30.50
N GLU B 303 36.58 14.29 -31.69
CA GLU B 303 36.86 15.56 -32.35
C GLU B 303 36.69 15.40 -33.86
N GLU B 304 36.02 16.38 -34.47
CA GLU B 304 35.93 16.53 -35.92
C GLU B 304 36.35 17.96 -36.26
N ILE B 305 37.25 18.13 -37.23
CA ILE B 305 37.59 19.45 -37.77
C ILE B 305 37.10 19.41 -39.21
N LEU B 306 36.47 20.47 -39.74
CA LEU B 306 36.03 20.45 -41.15
C LEU B 306 36.09 21.81 -41.83
N ASP B 307 36.15 21.79 -43.16
CA ASP B 307 36.17 23.01 -43.94
C ASP B 307 34.74 23.38 -44.26
N VAL B 308 34.40 24.56 -43.75
CA VAL B 308 33.05 25.03 -43.63
C VAL B 308 33.07 26.48 -44.17
N THR B 309 32.12 26.84 -45.03
CA THR B 309 31.97 28.22 -45.50
C THR B 309 31.28 28.96 -44.38
N TYR B 310 31.89 30.04 -43.93
CA TYR B 310 31.40 30.73 -42.77
C TYR B 310 32.01 32.10 -42.77
N SER B 311 31.15 33.09 -42.73
CA SER B 311 31.57 34.45 -42.59
C SER B 311 30.77 34.94 -41.40
N GLY B 312 31.47 35.52 -40.43
CA GLY B 312 30.82 35.98 -39.21
C GLY B 312 31.77 35.93 -38.04
N ALA B 313 31.21 36.20 -36.88
CA ALA B 313 32.01 36.32 -35.65
C ALA B 313 32.20 34.98 -35.00
N GLU B 314 33.32 34.81 -34.32
CA GLU B 314 33.59 33.57 -33.60
C GLU B 314 32.68 33.45 -32.38
N MET B 315 32.17 32.24 -32.17
CA MET B 315 31.24 31.91 -31.10
C MET B 315 31.24 30.39 -30.87
N GLU B 316 30.83 29.99 -29.67
CA GLU B 316 30.80 28.57 -29.27
C GLU B 316 29.36 28.24 -28.91
N ILE B 317 28.92 27.02 -29.16
CA ILE B 317 27.54 26.64 -28.87
C ILE B 317 27.46 25.12 -28.76
N GLY B 318 26.75 24.64 -27.74
CA GLY B 318 26.56 23.20 -27.49
C GLY B 318 25.10 22.83 -27.64
N PHE B 319 24.82 21.60 -28.04
CA PHE B 319 23.44 21.19 -28.35
C PHE B 319 23.28 19.68 -28.41
N ASN B 320 22.04 19.23 -28.43
CA ASN B 320 21.74 17.81 -28.52
C ASN B 320 21.92 17.35 -29.95
N VAL B 321 22.94 16.52 -30.17
CA VAL B 321 23.26 15.97 -31.50
C VAL B 321 22.15 15.11 -32.14
N SER B 322 21.36 14.36 -31.36
CA SER B 322 20.25 13.62 -31.96
C SER B 322 19.27 14.53 -32.68
N TYR B 323 18.97 15.68 -32.08
CA TYR B 323 18.00 16.58 -32.68
C TYR B 323 18.51 17.19 -33.97
N VAL B 324 19.77 17.56 -34.00
CA VAL B 324 20.37 18.07 -35.24
C VAL B 324 20.55 16.98 -36.31
N LEU B 325 20.75 15.73 -35.94
CA LEU B 325 20.82 14.67 -36.95
C LEU B 325 19.43 14.45 -37.56
N ASP B 326 18.40 14.53 -36.72
CA ASP B 326 17.01 14.42 -37.19
C ASP B 326 16.69 15.41 -38.30
N VAL B 327 17.17 16.64 -38.14
CA VAL B 327 16.91 17.67 -39.14
C VAL B 327 17.75 17.35 -40.38
N LEU B 328 19.04 17.02 -40.22
CA LEU B 328 19.90 16.62 -41.37
C LEU B 328 19.34 15.45 -42.17
N ASN B 329 18.66 14.53 -41.49
CA ASN B 329 17.97 13.43 -42.17
C ASN B 329 16.69 13.86 -42.90
N ALA B 330 16.00 14.87 -42.38
CA ALA B 330 14.83 15.46 -43.05
C ALA B 330 15.20 16.40 -44.20
N LEU B 331 16.39 16.98 -44.11
CA LEU B 331 16.92 17.84 -45.12
C LEU B 331 17.52 16.96 -46.23
N LYS B 332 16.70 16.77 -47.27
CA LYS B 332 17.11 15.99 -48.42
C LYS B 332 17.80 16.93 -49.45
N CYS B 333 18.89 17.57 -49.05
CA CYS B 333 19.57 18.56 -49.91
C CYS B 333 21.08 18.45 -49.85
N GLU B 334 21.74 19.11 -50.80
CA GLU B 334 23.19 18.96 -51.05
C GLU B 334 24.02 19.59 -49.94
N ASN B 335 23.73 20.87 -49.70
CA ASN B 335 24.41 21.68 -48.71
C ASN B 335 23.37 22.40 -47.89
N VAL B 336 23.75 22.71 -46.67
CA VAL B 336 22.86 23.32 -45.70
C VAL B 336 23.42 24.70 -45.40
N ARG B 337 22.55 25.67 -45.14
CA ARG B 337 22.98 26.97 -44.66
C ARG B 337 22.45 27.16 -43.25
N MET B 338 23.35 27.51 -42.35
CA MET B 338 23.05 27.72 -40.97
C MET B 338 23.18 29.18 -40.70
N MET B 339 22.15 29.73 -40.06
CA MET B 339 22.09 31.13 -39.64
C MET B 339 22.11 31.22 -38.09
N LEU B 340 23.18 31.80 -37.54
CA LEU B 340 23.42 31.78 -36.09
C LEU B 340 23.25 33.16 -35.48
N THR B 341 23.28 33.22 -34.15
CA THR B 341 23.23 34.47 -33.44
C THR B 341 24.35 34.51 -32.42
N ASP B 342 24.26 33.71 -31.36
CA ASP B 342 25.30 33.64 -30.33
C ASP B 342 25.19 32.35 -29.55
N SER B 343 26.18 32.11 -28.69
CA SER B 343 26.21 30.96 -27.77
C SER B 343 24.98 30.69 -26.91
N VAL B 344 23.99 31.59 -26.87
CA VAL B 344 22.85 31.41 -25.98
C VAL B 344 21.48 31.52 -26.67
N SER B 345 21.49 31.53 -28.01
CA SER B 345 20.27 31.70 -28.80
C SER B 345 20.04 30.47 -29.65
N SER B 346 18.79 30.21 -30.01
CA SER B 346 18.48 29.23 -31.07
C SER B 346 19.05 29.72 -32.40
N VAL B 347 19.22 28.81 -33.35
CA VAL B 347 19.77 29.16 -34.66
C VAL B 347 18.72 28.76 -35.69
N GLN B 348 18.74 29.43 -36.83
CA GLN B 348 17.84 29.15 -37.93
C GLN B 348 18.62 28.41 -39.00
N ILE B 349 18.00 27.42 -39.60
CA ILE B 349 18.69 26.55 -40.54
C ILE B 349 17.80 26.39 -41.75
N GLU B 350 18.39 26.43 -42.94
CA GLU B 350 17.65 26.15 -44.17
C GLU B 350 18.49 25.32 -45.12
N ASP B 351 17.81 24.78 -46.13
CA ASP B 351 18.43 24.25 -47.35
C ASP B 351 19.03 25.48 -48.02
N ALA B 352 20.27 25.35 -48.48
CA ALA B 352 20.99 26.45 -49.11
C ALA B 352 20.34 26.93 -50.42
N ALA B 353 19.39 26.15 -50.94
CA ALA B 353 18.70 26.46 -52.20
C ALA B 353 17.22 26.88 -52.08
N SER B 354 16.54 26.46 -51.00
CA SER B 354 15.09 26.66 -50.85
C SER B 354 14.83 27.28 -49.50
N GLN B 355 13.96 28.29 -49.48
CA GLN B 355 13.33 28.78 -48.25
C GLN B 355 12.19 27.87 -47.75
N SER B 356 11.82 26.85 -48.53
CA SER B 356 10.65 26.02 -48.26
C SER B 356 10.61 25.40 -46.88
N ALA B 357 11.75 24.93 -46.39
CA ALA B 357 11.84 24.35 -45.05
C ALA B 357 12.67 25.25 -44.15
N ALA B 358 12.28 25.37 -42.87
CA ALA B 358 12.99 26.17 -41.88
C ALA B 358 13.01 25.38 -40.59
N TYR B 359 14.15 25.33 -39.91
CA TYR B 359 14.33 24.55 -38.68
C TYR B 359 15.00 25.46 -37.69
N VAL B 360 14.53 25.45 -36.45
CA VAL B 360 15.21 26.16 -35.39
C VAL B 360 15.16 25.30 -34.12
N VAL B 361 16.32 25.13 -33.50
CA VAL B 361 16.49 24.28 -32.31
C VAL B 361 17.06 25.17 -31.21
N MET B 362 16.71 24.90 -29.95
CA MET B 362 17.33 25.61 -28.82
C MET B 362 18.69 25.00 -28.50
N PRO B 363 19.58 25.81 -27.91
CA PRO B 363 20.85 25.32 -27.45
C PRO B 363 20.74 24.73 -26.05
N MET B 364 21.71 23.90 -25.68
CA MET B 364 22.03 23.63 -24.29
C MET B 364 23.31 24.39 -24.01
N ARG B 365 23.40 24.98 -22.83
CA ARG B 365 24.60 25.66 -22.43
C ARG B 365 25.24 24.73 -21.42
N LEU B 366 26.37 24.13 -21.81
CA LEU B 366 27.08 23.09 -21.05
C LEU B 366 28.29 23.70 -20.34
N MET C 1 52.30 1.04 -30.10
CA MET C 1 51.66 0.29 -31.21
C MET C 1 51.17 1.25 -32.29
N LYS C 2 51.30 0.86 -33.54
CA LYS C 2 50.90 1.71 -34.66
C LYS C 2 50.69 0.81 -35.86
N PHE C 3 49.52 0.90 -36.50
CA PHE C 3 49.31 0.45 -37.88
C PHE C 3 48.28 1.35 -38.56
N THR C 4 48.16 1.26 -39.88
CA THR C 4 47.20 2.06 -40.64
C THR C 4 46.58 1.12 -41.67
N VAL C 5 45.24 1.11 -41.78
CA VAL C 5 44.49 0.16 -42.63
C VAL C 5 43.39 0.83 -43.42
N GLU C 6 42.94 0.07 -44.40
CA GLU C 6 42.04 0.51 -45.42
C GLU C 6 40.71 0.11 -44.80
N ARG C 7 39.77 1.06 -44.75
CA ARG C 7 38.46 0.85 -44.14
C ARG C 7 37.81 -0.45 -44.58
N GLU C 8 37.91 -0.74 -45.88
CA GLU C 8 37.25 -1.90 -46.50
C GLU C 8 37.82 -3.25 -46.08
N HIS C 9 39.11 -3.31 -45.75
CA HIS C 9 39.66 -4.54 -45.20
C HIS C 9 39.17 -4.76 -43.78
N LEU C 10 39.03 -3.66 -43.03
CA LEU C 10 38.68 -3.72 -41.62
C LEU C 10 37.20 -3.91 -41.34
N LEU C 11 36.36 -3.42 -42.26
CA LEU C 11 34.92 -3.30 -42.04
C LEU C 11 34.10 -4.60 -41.92
N LYS C 12 34.23 -5.56 -42.83
CA LYS C 12 33.47 -6.81 -42.69
C LYS C 12 33.88 -7.60 -41.43
N PRO C 13 35.19 -7.74 -41.15
CA PRO C 13 35.60 -8.35 -39.87
C PRO C 13 34.94 -7.68 -38.66
N LEU C 14 35.04 -6.37 -38.63
CA LEU C 14 34.45 -5.55 -37.58
C LEU C 14 32.98 -5.86 -37.41
N GLN C 15 32.25 -5.91 -38.53
CA GLN C 15 30.84 -6.28 -38.52
C GLN C 15 30.62 -7.70 -38.03
N GLN C 16 31.37 -8.67 -38.55
CA GLN C 16 31.18 -10.05 -38.11
C GLN C 16 31.41 -10.22 -36.62
N VAL C 17 32.44 -9.57 -36.09
CA VAL C 17 32.85 -9.76 -34.70
C VAL C 17 32.00 -8.94 -33.71
N SER C 18 31.56 -7.75 -34.11
CA SER C 18 30.77 -6.90 -33.24
C SER C 18 29.34 -7.37 -33.16
N GLY C 19 28.76 -7.74 -34.29
CA GLY C 19 27.33 -7.91 -34.33
C GLY C 19 26.60 -8.69 -33.25
N PRO C 20 27.20 -9.71 -32.60
CA PRO C 20 26.48 -10.37 -31.48
C PRO C 20 26.64 -9.72 -30.11
N LEU C 21 27.55 -8.75 -30.02
CA LEU C 21 27.88 -8.13 -28.75
C LEU C 21 26.77 -7.21 -28.28
N GLY C 22 26.27 -7.48 -27.08
CA GLY C 22 25.38 -6.55 -26.41
C GLY C 22 26.19 -5.30 -26.09
N GLY C 23 25.62 -4.14 -26.38
CA GLY C 23 26.22 -2.85 -26.05
C GLY C 23 26.80 -2.79 -24.63
N ARG C 24 26.05 -3.31 -23.65
CA ARG C 24 26.39 -3.26 -22.24
C ARG C 24 26.24 -4.68 -21.68
N PRO C 25 27.33 -5.50 -21.65
CA PRO C 25 27.29 -6.81 -20.94
C PRO C 25 27.39 -6.67 -19.43
N THR C 26 27.28 -7.77 -18.70
CA THR C 26 27.32 -7.75 -17.25
C THR C 26 28.76 -7.63 -16.70
N LEU C 27 29.74 -8.10 -17.48
CA LEU C 27 31.14 -8.09 -17.10
C LEU C 27 31.83 -7.17 -18.10
N PRO C 28 32.09 -5.90 -17.72
CA PRO C 28 32.58 -4.84 -18.63
C PRO C 28 33.57 -5.22 -19.77
N ILE C 29 34.64 -5.95 -19.44
CA ILE C 29 35.75 -6.14 -20.39
C ILE C 29 35.33 -6.95 -21.59
N LEU C 30 34.29 -7.77 -21.40
CA LEU C 30 33.63 -8.51 -22.49
C LEU C 30 33.09 -7.66 -23.65
N GLY C 31 32.92 -6.36 -23.42
CA GLY C 31 32.49 -5.44 -24.47
C GLY C 31 33.65 -4.76 -25.18
N ASN C 32 34.87 -5.06 -24.74
CA ASN C 32 36.07 -4.57 -25.38
C ASN C 32 36.75 -5.68 -26.19
N LEU C 33 37.58 -5.25 -27.14
CA LEU C 33 38.29 -6.16 -28.03
C LEU C 33 39.73 -6.24 -27.60
N LEU C 34 40.34 -7.41 -27.67
CA LEU C 34 41.79 -7.53 -27.51
C LEU C 34 42.43 -7.22 -28.85
N LEU C 35 43.39 -6.33 -28.86
CA LEU C 35 44.07 -5.95 -30.09
C LEU C 35 45.50 -6.38 -29.90
N GLN C 36 46.03 -7.11 -30.88
CA GLN C 36 47.42 -7.58 -30.85
C GLN C 36 48.07 -7.30 -32.19
N VAL C 37 49.14 -6.51 -32.18
CA VAL C 37 50.03 -6.40 -33.32
C VAL C 37 51.31 -7.15 -32.94
N ALA C 38 51.62 -8.16 -33.73
CA ALA C 38 52.85 -8.89 -33.59
C ALA C 38 53.19 -9.31 -34.98
N ASP C 39 54.48 -9.28 -35.31
CA ASP C 39 54.91 -9.49 -36.69
C ASP C 39 54.11 -8.54 -37.59
N GLY C 40 53.85 -8.90 -38.84
CA GLY C 40 52.97 -8.11 -39.69
C GLY C 40 51.54 -8.57 -39.55
N THR C 41 51.00 -8.52 -38.33
CA THR C 41 49.66 -9.06 -38.12
C THR C 41 48.85 -8.37 -37.01
N LEU C 42 47.60 -8.02 -37.33
CA LEU C 42 46.62 -7.58 -36.33
C LEU C 42 45.74 -8.79 -36.06
N SER C 43 45.63 -9.19 -34.79
CA SER C 43 44.72 -10.23 -34.37
C SER C 43 43.68 -9.54 -33.53
N LEU C 44 42.42 -9.83 -33.81
CA LEU C 44 41.30 -9.24 -33.10
C LEU C 44 40.72 -10.39 -32.30
N THR C 45 40.45 -10.19 -31.02
CA THR C 45 39.77 -11.21 -30.20
C THR C 45 38.69 -10.55 -29.37
N GLY C 46 37.45 -10.96 -29.58
CA GLY C 46 36.31 -10.48 -28.79
C GLY C 46 35.51 -11.69 -28.44
N THR C 47 34.98 -11.75 -27.21
CA THR C 47 34.32 -12.94 -26.69
C THR C 47 33.17 -12.63 -25.77
N ASP C 48 32.37 -13.64 -25.47
CA ASP C 48 31.38 -13.58 -24.42
C ASP C 48 31.48 -14.80 -23.50
N LEU C 49 32.66 -15.40 -23.43
CA LEU C 49 32.91 -16.71 -22.76
C LEU C 49 32.27 -17.92 -23.45
N GLU C 50 31.16 -17.73 -24.19
CA GLU C 50 30.54 -18.83 -24.94
C GLU C 50 31.22 -18.98 -26.29
N MET C 51 31.41 -17.86 -27.01
CA MET C 51 32.03 -17.86 -28.35
C MET C 51 33.10 -16.79 -28.50
N GLU C 52 33.90 -16.90 -29.55
CA GLU C 52 34.99 -15.98 -29.82
C GLU C 52 35.22 -15.93 -31.31
N MET C 53 35.51 -14.75 -31.82
CA MET C 53 35.68 -14.56 -33.25
C MET C 53 37.07 -13.93 -33.35
N VAL C 54 37.90 -14.44 -34.25
CA VAL C 54 39.23 -13.88 -34.49
C VAL C 54 39.40 -13.56 -35.97
N ALA C 55 39.85 -12.33 -36.24
CA ALA C 55 40.05 -11.85 -37.60
C ALA C 55 41.49 -11.41 -37.73
N ARG C 56 42.05 -11.64 -38.90
CA ARG C 56 43.39 -11.15 -39.26
C ARG C 56 43.21 -10.37 -40.56
N VAL C 57 44.00 -9.33 -40.73
CA VAL C 57 44.00 -8.49 -41.96
C VAL C 57 45.46 -8.11 -42.20
N ALA C 58 45.90 -8.15 -43.46
CA ALA C 58 47.30 -7.92 -43.82
C ALA C 58 47.75 -6.48 -43.63
N LEU C 59 48.87 -6.32 -42.92
CA LEU C 59 49.47 -5.02 -42.64
C LEU C 59 50.61 -4.79 -43.64
N VAL C 60 50.33 -4.02 -44.69
CA VAL C 60 51.29 -3.78 -45.79
C VAL C 60 52.25 -2.59 -45.51
N GLN C 61 51.89 -1.70 -44.58
CA GLN C 61 52.73 -0.54 -44.23
C GLN C 61 53.39 -0.71 -42.86
N PRO C 62 54.38 0.16 -42.51
CA PRO C 62 55.04 0.06 -41.20
C PRO C 62 54.11 -0.02 -39.99
N HIS C 63 54.53 -0.79 -39.00
CA HIS C 63 53.68 -1.15 -37.88
C HIS C 63 54.53 -1.42 -36.65
N GLU C 64 53.88 -1.47 -35.51
CA GLU C 64 54.60 -1.45 -34.24
C GLU C 64 53.75 -2.26 -33.26
N PRO C 65 54.33 -3.26 -32.58
CA PRO C 65 53.55 -4.12 -31.68
C PRO C 65 53.10 -3.46 -30.38
N GLY C 66 52.22 -4.13 -29.65
CA GLY C 66 51.71 -3.63 -28.37
C GLY C 66 50.39 -4.32 -28.12
N ALA C 67 49.73 -3.96 -27.01
CA ALA C 67 48.42 -4.52 -26.69
C ALA C 67 47.46 -3.40 -26.27
N THR C 68 46.21 -3.50 -26.71
CA THR C 68 45.19 -2.54 -26.31
C THR C 68 43.81 -3.13 -26.49
N THR C 69 42.82 -2.40 -26.02
CA THR C 69 41.49 -2.89 -25.87
C THR C 69 40.63 -1.63 -25.83
N VAL C 70 39.69 -1.51 -26.78
CA VAL C 70 38.71 -0.40 -26.84
C VAL C 70 37.27 -0.95 -26.89
N PRO C 71 36.27 -0.13 -26.50
CA PRO C 71 34.85 -0.52 -26.58
C PRO C 71 34.46 -0.99 -27.96
N ALA C 72 34.00 -2.24 -28.06
CA ALA C 72 33.65 -2.86 -29.33
C ALA C 72 32.58 -2.13 -30.14
N ARG C 73 31.39 -1.98 -29.54
CA ARG C 73 30.24 -1.35 -30.19
C ARG C 73 30.61 0.00 -30.81
N LYS C 74 31.16 0.84 -29.97
CA LYS C 74 31.42 2.21 -30.36
C LYS C 74 32.44 2.30 -31.47
N PHE C 75 33.43 1.44 -31.40
CA PHE C 75 34.47 1.39 -32.41
C PHE C 75 33.86 0.94 -33.72
N PHE C 76 32.96 -0.04 -33.68
CA PHE C 76 32.36 -0.51 -34.90
C PHE C 76 31.49 0.57 -35.55
N ASP C 77 30.71 1.27 -34.75
CA ASP C 77 29.89 2.35 -35.28
C ASP C 77 30.76 3.46 -35.89
N ILE C 78 31.83 3.82 -35.21
CA ILE C 78 32.77 4.79 -35.74
C ILE C 78 33.29 4.32 -37.09
N CYS C 79 33.80 3.10 -37.20
CA CYS C 79 34.30 2.59 -38.48
C CYS C 79 33.25 2.43 -39.55
N ARG C 80 32.05 2.05 -39.18
CA ARG C 80 30.98 1.98 -40.16
C ARG C 80 30.68 3.36 -40.72
N GLY C 81 30.60 4.34 -39.83
CA GLY C 81 30.37 5.73 -40.24
C GLY C 81 31.43 6.40 -41.10
N LEU C 82 32.65 5.84 -41.22
CA LEU C 82 33.77 6.50 -41.94
C LEU C 82 33.53 6.56 -43.43
N PRO C 83 34.15 7.57 -44.11
CA PRO C 83 33.92 7.70 -45.53
C PRO C 83 34.57 6.58 -46.32
N GLU C 84 34.01 6.36 -47.50
CA GLU C 84 34.45 5.36 -48.44
C GLU C 84 35.92 5.56 -48.75
N GLY C 85 36.70 4.47 -48.64
CA GLY C 85 38.11 4.44 -49.01
C GLY C 85 39.07 5.05 -48.00
N ALA C 86 38.61 5.18 -46.75
CA ALA C 86 39.31 5.98 -45.75
C ALA C 86 40.59 5.27 -45.35
N GLU C 87 41.67 6.03 -45.21
CA GLU C 87 42.96 5.54 -44.71
C GLU C 87 42.98 6.04 -43.28
N ILE C 88 42.94 5.14 -42.30
CA ILE C 88 42.87 5.60 -40.91
C ILE C 88 44.20 5.27 -40.25
N ALA C 89 44.78 6.27 -39.57
CA ALA C 89 46.03 6.08 -38.82
C ALA C 89 45.70 6.17 -37.34
N VAL C 90 45.89 5.08 -36.63
CA VAL C 90 45.64 5.03 -35.19
C VAL C 90 46.97 4.73 -34.48
N GLN C 91 47.19 5.32 -33.31
CA GLN C 91 48.41 5.07 -32.56
C GLN C 91 48.13 5.00 -31.06
N LEU C 92 48.59 3.92 -30.43
CA LEU C 92 48.43 3.74 -28.99
C LEU C 92 49.52 4.54 -28.29
N GLU C 93 49.15 5.38 -27.32
CA GLU C 93 50.14 6.16 -26.59
C GLU C 93 49.82 6.12 -25.10
N GLY C 94 50.50 5.25 -24.36
CA GLY C 94 50.22 5.08 -22.94
C GLY C 94 48.92 4.31 -22.85
N GLU C 95 47.91 4.89 -22.23
CA GLU C 95 46.58 4.24 -22.16
C GLU C 95 45.48 5.11 -22.77
N ARG C 96 45.86 5.88 -23.78
CA ARG C 96 44.91 6.54 -24.67
C ARG C 96 45.19 6.01 -26.06
N MET C 97 44.12 5.68 -26.77
CA MET C 97 44.23 5.33 -28.18
C MET C 97 43.73 6.52 -28.97
N LEU C 98 44.59 6.99 -29.86
CA LEU C 98 44.27 8.11 -30.73
C LEU C 98 43.84 7.58 -32.09
N VAL C 99 42.71 8.04 -32.57
CA VAL C 99 42.19 7.55 -33.81
C VAL C 99 42.17 8.72 -34.76
N ARG C 100 42.86 8.59 -35.89
CA ARG C 100 42.86 9.62 -36.90
C ARG C 100 42.28 9.12 -38.20
N SER C 101 41.55 10.00 -38.86
CA SER C 101 41.34 9.88 -40.28
C SER C 101 41.18 11.29 -40.80
N GLY C 102 42.03 11.64 -41.76
CA GLY C 102 42.10 13.00 -42.28
C GLY C 102 42.21 14.00 -41.15
N ARG C 103 41.14 14.74 -40.96
CA ARG C 103 40.99 15.86 -40.01
C ARG C 103 40.13 15.51 -38.79
N SER C 104 39.52 14.33 -38.81
CA SER C 104 38.90 13.75 -37.63
C SER C 104 39.99 13.20 -36.71
N ARG C 105 39.85 13.39 -35.40
CA ARG C 105 40.88 12.95 -34.44
C ARG C 105 40.11 12.51 -33.19
N PHE C 106 40.44 11.36 -32.60
CA PHE C 106 39.64 10.85 -31.46
C PHE C 106 40.49 10.36 -30.34
N SER C 107 39.87 10.26 -29.16
CA SER C 107 40.58 9.93 -27.94
C SER C 107 39.66 9.13 -27.06
N LEU C 108 39.99 7.86 -26.86
CA LEU C 108 39.06 6.91 -26.28
C LEU C 108 39.68 6.44 -24.94
N SER C 109 38.87 6.25 -23.90
CA SER C 109 39.38 5.61 -22.67
C SER C 109 39.65 4.11 -22.91
N THR C 110 40.48 3.51 -22.10
CA THR C 110 41.09 2.24 -22.45
C THR C 110 41.16 1.35 -21.22
N LEU C 111 40.91 0.05 -21.40
CA LEU C 111 40.97 -0.95 -20.35
C LEU C 111 42.10 -1.92 -20.79
N PRO C 112 42.91 -2.48 -19.85
CA PRO C 112 44.13 -3.18 -20.33
C PRO C 112 43.93 -4.59 -20.95
N ALA C 113 44.74 -4.88 -21.96
CA ALA C 113 44.79 -6.21 -22.61
C ALA C 113 44.97 -7.33 -21.60
N ALA C 114 45.79 -7.05 -20.59
CA ALA C 114 46.07 -7.97 -19.48
C ALA C 114 44.81 -8.46 -18.74
N ASP C 115 43.81 -7.60 -18.59
CA ASP C 115 42.53 -7.98 -17.97
C ASP C 115 41.68 -8.93 -18.83
N PHE C 116 42.01 -9.09 -20.11
CA PHE C 116 41.16 -9.91 -20.99
C PHE C 116 41.31 -11.43 -20.74
N PRO C 117 40.18 -12.13 -20.53
CA PRO C 117 40.31 -13.58 -20.23
C PRO C 117 40.92 -14.44 -21.38
N ASN C 118 42.18 -14.81 -21.27
CA ASN C 118 42.78 -15.63 -22.33
C ASN C 118 42.21 -17.05 -22.13
N LEU C 119 41.26 -17.48 -22.96
CA LEU C 119 40.81 -18.88 -22.93
C LEU C 119 41.87 -19.79 -23.59
N ASP C 120 41.67 -21.11 -23.45
CA ASP C 120 42.72 -22.10 -23.70
C ASP C 120 42.86 -22.53 -25.18
N ASP C 121 44.11 -22.68 -25.63
CA ASP C 121 44.39 -23.34 -26.92
C ASP C 121 44.29 -24.85 -26.67
N TRP C 122 43.78 -25.59 -27.64
CA TRP C 122 43.44 -27.01 -27.46
C TRP C 122 43.79 -27.81 -28.71
N GLN C 123 43.79 -29.15 -28.62
CA GLN C 123 44.14 -30.01 -29.77
C GLN C 123 42.88 -30.43 -30.52
N SER C 124 42.90 -30.21 -31.82
CA SER C 124 41.87 -30.66 -32.74
C SER C 124 41.70 -32.18 -32.70
N GLU C 125 40.46 -32.65 -32.80
CA GLU C 125 40.09 -34.09 -32.75
C GLU C 125 39.42 -34.64 -34.01
N VAL C 126 38.59 -33.83 -34.64
CA VAL C 126 37.90 -34.26 -35.85
C VAL C 126 37.96 -33.06 -36.77
N GLU C 127 38.26 -33.32 -38.04
CA GLU C 127 38.54 -32.28 -39.02
C GLU C 127 37.90 -32.65 -40.32
N PHE C 128 37.48 -31.62 -41.06
CA PHE C 128 36.85 -31.78 -42.36
C PHE C 128 36.76 -30.42 -43.03
N THR C 129 36.56 -30.41 -44.34
CA THR C 129 36.45 -29.16 -45.08
C THR C 129 35.12 -29.21 -45.85
N LEU C 130 34.53 -28.05 -46.11
CA LEU C 130 33.26 -27.98 -46.88
C LEU C 130 33.02 -26.60 -47.48
N PRO C 131 32.25 -26.55 -48.59
CA PRO C 131 31.84 -25.25 -49.10
C PRO C 131 31.04 -24.46 -48.06
N GLN C 132 31.26 -23.15 -48.05
CA GLN C 132 30.48 -22.26 -47.19
C GLN C 132 28.99 -22.48 -47.41
N ALA C 133 28.57 -22.59 -48.65
CA ALA C 133 27.15 -22.77 -49.00
C ALA C 133 26.50 -24.05 -48.47
N THR C 134 27.28 -25.09 -48.23
CA THR C 134 26.70 -26.33 -47.71
C THR C 134 26.47 -26.12 -46.21
N MET C 135 27.45 -25.52 -45.55
CA MET C 135 27.32 -25.24 -44.14
C MET C 135 26.08 -24.40 -43.90
N LYS C 136 25.92 -23.29 -44.61
CA LYS C 136 24.74 -22.45 -44.47
C LYS C 136 23.42 -23.23 -44.65
N ARG C 137 23.30 -24.08 -45.68
CA ARG C 137 22.16 -25.00 -45.83
C ARG C 137 21.91 -25.87 -44.58
N LEU C 138 22.96 -26.55 -44.17
CA LEU C 138 22.91 -27.42 -42.98
C LEU C 138 22.28 -26.73 -41.76
N ILE C 139 22.73 -25.50 -41.54
CA ILE C 139 22.29 -24.67 -40.41
C ILE C 139 20.89 -24.11 -40.64
N GLU C 140 20.62 -23.50 -41.80
CA GLU C 140 19.31 -22.90 -42.11
C GLU C 140 18.16 -23.92 -41.99
N ALA C 141 18.39 -25.09 -42.58
CA ALA C 141 17.40 -26.18 -42.64
C ALA C 141 16.97 -26.73 -41.28
N THR C 142 17.69 -26.36 -40.24
CA THR C 142 17.61 -27.02 -38.97
C THR C 142 17.49 -26.08 -37.74
N GLN C 143 18.12 -24.90 -37.78
CA GLN C 143 18.32 -24.13 -36.54
C GLN C 143 17.05 -23.63 -35.86
N PHE C 144 15.96 -23.49 -36.61
CA PHE C 144 14.72 -22.96 -36.06
C PHE C 144 13.98 -23.88 -35.09
N SER C 145 14.40 -25.14 -34.98
CA SER C 145 13.80 -26.05 -34.01
C SER C 145 14.39 -26.06 -32.60
N MET C 146 15.42 -25.25 -32.33
CA MET C 146 16.00 -25.16 -30.98
C MET C 146 14.97 -24.56 -30.04
N ALA C 147 15.04 -24.95 -28.79
CA ALA C 147 14.20 -24.32 -27.77
C ALA C 147 14.70 -22.91 -27.48
N HIS C 148 13.96 -22.20 -26.63
CA HIS C 148 14.40 -20.89 -26.08
C HIS C 148 14.94 -21.01 -24.66
N GLN C 149 14.08 -21.45 -23.75
CA GLN C 149 14.39 -21.47 -22.33
C GLN C 149 13.83 -22.76 -21.71
N ASP C 150 14.17 -23.90 -22.31
CA ASP C 150 13.80 -25.22 -21.78
C ASP C 150 14.91 -25.70 -20.82
N VAL C 151 14.44 -26.40 -19.78
CA VAL C 151 15.25 -27.04 -18.74
C VAL C 151 16.30 -28.01 -19.32
N ARG C 152 16.00 -28.62 -20.47
CA ARG C 152 16.92 -29.49 -21.17
C ARG C 152 17.91 -28.62 -21.97
N TYR C 153 18.80 -27.97 -21.24
CA TYR C 153 19.85 -27.04 -21.74
C TYR C 153 20.65 -27.44 -23.02
N TYR C 154 20.61 -28.71 -23.39
CA TYR C 154 21.35 -29.24 -24.55
C TYR C 154 20.54 -29.13 -25.85
N LEU C 155 19.30 -28.65 -25.76
CA LEU C 155 18.45 -28.43 -26.94
C LEU C 155 18.59 -27.01 -27.50
N ASN C 156 19.13 -26.08 -26.71
CA ASN C 156 19.50 -24.74 -27.20
C ASN C 156 20.73 -24.81 -28.11
N GLY C 157 20.64 -25.61 -29.16
CA GLY C 157 21.82 -26.07 -29.86
C GLY C 157 21.54 -27.30 -30.67
N MET C 158 22.60 -27.95 -31.13
CA MET C 158 22.53 -28.84 -32.28
C MET C 158 23.40 -30.06 -32.06
N LEU C 159 22.87 -31.25 -32.34
CA LEU C 159 23.66 -32.49 -32.31
C LEU C 159 24.49 -32.60 -33.58
N PHE C 160 25.78 -32.86 -33.44
CA PHE C 160 26.64 -33.16 -34.58
C PHE C 160 26.90 -34.64 -34.55
N GLU C 161 26.56 -35.34 -35.62
CA GLU C 161 26.95 -36.72 -35.76
C GLU C 161 27.63 -36.88 -37.08
N THR C 162 28.88 -37.34 -37.04
CA THR C 162 29.72 -37.51 -38.20
C THR C 162 29.97 -39.02 -38.17
N GLU C 163 29.60 -39.74 -39.23
CA GLU C 163 29.72 -41.19 -39.25
C GLU C 163 29.88 -41.66 -40.67
N GLY C 164 30.82 -42.57 -40.89
CA GLY C 164 31.08 -43.13 -42.22
C GLY C 164 31.60 -42.06 -43.14
N GLU C 165 30.87 -41.81 -44.23
CA GLU C 165 31.22 -40.76 -45.20
C GLU C 165 30.33 -39.52 -45.06
N GLU C 166 29.42 -39.53 -44.08
CA GLU C 166 28.40 -38.51 -43.96
C GLU C 166 28.66 -37.56 -42.81
N LEU C 167 28.28 -36.31 -43.01
CA LEU C 167 28.10 -35.37 -41.93
C LEU C 167 26.59 -35.11 -41.89
N ARG C 168 26.03 -35.11 -40.69
CA ARG C 168 24.59 -34.91 -40.47
C ARG C 168 24.37 -33.84 -39.40
N THR C 169 23.34 -33.02 -39.56
CA THR C 169 22.90 -32.08 -38.53
C THR C 169 21.46 -32.40 -38.21
N VAL C 170 21.07 -32.20 -36.96
CA VAL C 170 19.68 -32.32 -36.55
C VAL C 170 19.50 -31.38 -35.34
N ALA C 171 18.33 -30.78 -35.20
CA ALA C 171 18.07 -29.85 -34.09
C ALA C 171 16.65 -30.02 -33.59
N THR C 172 16.43 -29.77 -32.30
CA THR C 172 15.11 -29.98 -31.75
C THR C 172 14.95 -29.32 -30.41
N ASP C 173 13.70 -29.07 -30.03
CA ASP C 173 13.35 -28.54 -28.71
C ASP C 173 12.47 -29.48 -27.89
N GLY C 174 12.29 -30.70 -28.38
CA GLY C 174 11.42 -31.67 -27.73
C GLY C 174 10.03 -31.76 -28.36
N HIS C 175 9.66 -30.77 -29.17
CA HIS C 175 8.30 -30.66 -29.72
C HIS C 175 8.24 -30.75 -31.25
N ARG C 176 9.32 -30.38 -31.90
CA ARG C 176 9.43 -30.48 -33.34
C ARG C 176 10.87 -30.88 -33.59
N LEU C 177 11.13 -31.54 -34.72
CA LEU C 177 12.48 -32.03 -35.04
C LEU C 177 12.79 -31.72 -36.49
N ALA C 178 14.05 -31.37 -36.77
CA ALA C 178 14.55 -31.20 -38.15
C ALA C 178 15.86 -31.98 -38.30
N VAL C 179 15.98 -32.76 -39.38
CA VAL C 179 17.20 -33.50 -39.72
C VAL C 179 17.67 -33.05 -41.08
N CYS C 180 18.98 -32.90 -41.25
CA CYS C 180 19.56 -32.66 -42.56
C CYS C 180 20.79 -33.53 -42.67
N SER C 181 20.96 -34.22 -43.81
CA SER C 181 22.11 -35.09 -44.00
C SER C 181 22.70 -34.77 -45.37
N MET C 182 24.02 -34.60 -45.41
CA MET C 182 24.73 -34.14 -46.59
C MET C 182 26.10 -34.82 -46.67
N PRO C 183 26.52 -35.18 -47.89
CA PRO C 183 27.86 -35.74 -48.09
C PRO C 183 28.98 -34.71 -47.95
N ILE C 184 30.00 -35.07 -47.18
CA ILE C 184 31.18 -34.24 -46.96
C ILE C 184 32.43 -34.78 -47.74
N GLY C 185 32.38 -36.06 -48.15
CA GLY C 185 33.33 -36.62 -49.10
C GLY C 185 34.74 -36.90 -48.59
N GLN C 186 34.89 -37.15 -47.29
CA GLN C 186 36.18 -37.45 -46.64
C GLN C 186 35.86 -38.41 -45.50
N SER C 187 36.77 -39.33 -45.15
CA SER C 187 36.56 -40.19 -43.98
C SER C 187 36.93 -39.42 -42.73
N LEU C 188 36.00 -39.29 -41.79
CA LEU C 188 36.23 -38.52 -40.56
C LEU C 188 36.40 -39.45 -39.36
N PRO C 189 37.06 -38.94 -38.30
CA PRO C 189 36.93 -39.45 -36.91
C PRO C 189 35.48 -39.45 -36.42
N SER C 190 35.21 -40.18 -35.35
CA SER C 190 33.86 -40.20 -34.80
C SER C 190 33.86 -39.37 -33.52
N HIS C 191 33.03 -38.31 -33.53
CA HIS C 191 32.94 -37.36 -32.43
C HIS C 191 31.57 -36.66 -32.48
N SER C 192 31.01 -36.37 -31.31
CA SER C 192 29.74 -35.64 -31.20
C SER C 192 29.95 -34.49 -30.24
N VAL C 193 29.33 -33.35 -30.53
CA VAL C 193 29.55 -32.15 -29.77
C VAL C 193 28.31 -31.30 -29.97
N ILE C 194 27.81 -30.66 -28.90
CA ILE C 194 26.63 -29.81 -28.99
C ILE C 194 27.09 -28.36 -28.87
N VAL C 195 26.88 -27.57 -29.91
CA VAL C 195 27.28 -26.16 -29.85
C VAL C 195 26.02 -25.30 -29.56
N PRO C 196 26.17 -24.19 -28.81
CA PRO C 196 24.99 -23.42 -28.35
C PRO C 196 24.16 -22.65 -29.43
N ARG C 197 22.91 -22.35 -29.09
CA ARG C 197 22.05 -21.41 -29.83
C ARG C 197 22.83 -20.20 -30.38
N LYS C 198 23.56 -19.51 -29.53
CA LYS C 198 24.25 -18.29 -29.96
C LYS C 198 25.40 -18.58 -30.90
N GLY C 199 26.10 -19.68 -30.68
CA GLY C 199 27.07 -20.19 -31.63
C GLY C 199 26.52 -20.41 -33.03
N VAL C 200 25.35 -21.04 -33.12
CA VAL C 200 24.74 -21.34 -34.45
C VAL C 200 24.26 -20.08 -35.15
N ILE C 201 23.67 -19.15 -34.39
CA ILE C 201 23.28 -17.84 -34.93
C ILE C 201 24.51 -17.18 -35.63
N GLU C 202 25.63 -17.12 -34.91
CA GLU C 202 26.83 -16.43 -35.39
C GLU C 202 27.52 -17.18 -36.54
N LEU C 203 27.52 -18.51 -36.51
CA LEU C 203 28.11 -19.26 -37.60
C LEU C 203 27.34 -18.99 -38.89
N MET C 204 26.02 -19.02 -38.79
CA MET C 204 25.14 -18.72 -39.92
C MET C 204 25.39 -17.29 -40.45
N ARG C 205 25.53 -16.37 -39.51
CA ARG C 205 25.87 -14.96 -39.80
C ARG C 205 27.11 -14.74 -40.68
N MET C 206 28.17 -15.49 -40.42
CA MET C 206 29.44 -15.33 -41.13
C MET C 206 29.51 -16.15 -42.41
N LEU C 207 28.50 -16.98 -42.68
CA LEU C 207 28.43 -17.74 -43.94
C LEU C 207 28.10 -16.85 -45.12
N ASP C 208 29.13 -16.11 -45.54
CA ASP C 208 29.11 -15.39 -46.80
C ASP C 208 29.07 -16.43 -47.93
N GLY C 209 27.83 -16.86 -48.22
CA GLY C 209 27.47 -18.04 -49.01
C GLY C 209 28.25 -18.59 -50.21
N GLY C 210 29.41 -18.02 -50.52
CA GLY C 210 30.17 -18.35 -51.73
C GLY C 210 31.04 -19.60 -51.69
N ASP C 211 32.17 -19.51 -52.37
CA ASP C 211 33.02 -20.66 -52.71
C ASP C 211 33.82 -21.23 -51.53
N ASN C 212 34.38 -20.31 -50.74
CA ASN C 212 35.44 -20.60 -49.77
C ASN C 212 35.19 -21.89 -48.98
N PRO C 213 36.20 -22.77 -48.90
CA PRO C 213 36.08 -23.86 -47.95
C PRO C 213 36.06 -23.35 -46.53
N LEU C 214 35.41 -24.13 -45.69
CA LEU C 214 35.32 -23.88 -44.29
C LEU C 214 36.00 -25.09 -43.69
N ARG C 215 36.95 -24.88 -42.79
CA ARG C 215 37.62 -25.97 -42.11
C ARG C 215 37.26 -25.80 -40.65
N VAL C 216 36.86 -26.87 -39.99
CA VAL C 216 36.45 -26.78 -38.59
C VAL C 216 37.22 -27.81 -37.78
N GLN C 217 37.55 -27.43 -36.55
CA GLN C 217 38.26 -28.27 -35.60
C GLN C 217 37.37 -28.43 -34.38
N ILE C 218 37.01 -29.66 -34.05
CA ILE C 218 36.28 -29.90 -32.84
C ILE C 218 37.27 -30.54 -31.90
N GLY C 219 37.20 -30.17 -30.62
CA GLY C 219 37.95 -30.83 -29.55
C GLY C 219 36.95 -31.59 -28.70
N SER C 220 37.33 -31.89 -27.46
CA SER C 220 36.45 -32.64 -26.54
C SER C 220 35.44 -31.74 -25.85
N ASN C 221 35.85 -30.51 -25.59
CA ASN C 221 35.01 -29.50 -24.97
C ASN C 221 35.13 -28.14 -25.64
N ASN C 222 35.72 -28.06 -26.83
CA ASN C 222 35.90 -26.80 -27.55
C ASN C 222 35.69 -27.01 -29.05
N ILE C 223 35.34 -25.95 -29.77
CA ILE C 223 35.17 -26.05 -31.20
C ILE C 223 35.79 -24.80 -31.79
N ARG C 224 36.42 -24.93 -32.95
CA ARG C 224 36.99 -23.79 -33.65
C ARG C 224 36.66 -23.98 -35.13
N ALA C 225 36.32 -22.88 -35.81
CA ALA C 225 35.98 -22.88 -37.24
C ALA C 225 36.76 -21.81 -37.98
N HIS C 226 37.53 -22.23 -38.97
CA HIS C 226 38.26 -21.33 -39.86
C HIS C 226 37.53 -21.37 -41.20
N VAL C 227 37.22 -20.19 -41.74
CA VAL C 227 37.08 -19.99 -43.20
C VAL C 227 38.13 -18.96 -43.55
N GLY C 228 39.06 -19.29 -44.44
CA GLY C 228 40.22 -18.43 -44.71
C GLY C 228 40.88 -17.94 -43.43
N ASP C 229 41.08 -16.62 -43.34
CA ASP C 229 41.65 -15.99 -42.14
C ASP C 229 40.57 -15.29 -41.29
N PHE C 230 39.36 -15.84 -41.28
CA PHE C 230 38.33 -15.45 -40.29
C PHE C 230 38.18 -16.68 -39.41
N ILE C 231 38.24 -16.52 -38.10
CA ILE C 231 38.38 -17.67 -37.23
C ILE C 231 37.37 -17.52 -36.13
N PHE C 232 36.51 -18.52 -36.02
CA PHE C 232 35.46 -18.54 -35.01
C PHE C 232 35.72 -19.70 -34.07
N THR C 233 35.76 -19.44 -32.78
CA THR C 233 35.80 -20.54 -31.83
C THR C 233 34.79 -20.27 -30.74
N SER C 234 34.08 -21.33 -30.33
CA SER C 234 33.11 -21.29 -29.24
C SER C 234 33.42 -22.41 -28.27
N LYS C 235 33.12 -22.20 -26.98
CA LYS C 235 33.09 -23.32 -26.04
C LYS C 235 31.85 -24.15 -26.36
N LEU C 236 31.88 -25.40 -25.92
CA LEU C 236 30.81 -26.35 -26.14
C LEU C 236 30.30 -26.67 -24.75
N VAL C 237 29.10 -27.24 -24.67
CA VAL C 237 28.71 -28.04 -23.51
C VAL C 237 28.52 -29.46 -24.09
N ASP C 238 28.83 -30.45 -23.25
CA ASP C 238 28.92 -31.85 -23.70
C ASP C 238 27.58 -32.62 -23.81
N GLY C 239 26.77 -32.62 -22.75
CA GLY C 239 25.64 -33.54 -22.45
C GLY C 239 24.81 -34.33 -23.45
N ARG C 240 23.76 -34.97 -22.91
CA ARG C 240 23.13 -36.19 -23.45
C ARG C 240 22.07 -35.86 -24.50
N PHE C 241 22.45 -35.82 -25.77
CA PHE C 241 21.46 -35.49 -26.77
C PHE C 241 20.57 -36.72 -26.98
N PRO C 242 19.27 -36.49 -27.29
CA PRO C 242 18.37 -37.53 -27.80
C PRO C 242 18.69 -38.21 -29.16
N ASP C 243 18.30 -39.49 -29.21
CA ASP C 243 18.50 -40.36 -30.37
C ASP C 243 17.39 -40.17 -31.43
N TYR C 244 17.75 -39.55 -32.56
CA TYR C 244 16.80 -39.38 -33.69
C TYR C 244 16.16 -40.67 -34.26
N ARG C 245 16.71 -41.83 -33.92
CA ARG C 245 16.19 -43.09 -34.43
C ARG C 245 15.01 -43.57 -33.61
N ARG C 246 14.88 -43.06 -32.39
CA ARG C 246 13.68 -43.28 -31.58
C ARG C 246 12.55 -42.33 -31.93
N VAL C 247 12.85 -41.25 -32.64
CA VAL C 247 11.85 -40.25 -33.00
C VAL C 247 11.26 -40.51 -34.39
N LEU C 248 12.12 -40.99 -35.29
CA LEU C 248 11.80 -41.36 -36.67
C LEU C 248 10.58 -42.29 -36.77
N PRO C 249 9.52 -41.90 -37.53
CA PRO C 249 8.37 -42.80 -37.66
C PRO C 249 8.74 -44.14 -38.33
N LYS C 250 8.14 -45.22 -37.83
CA LYS C 250 8.65 -46.60 -38.01
C LYS C 250 8.84 -47.03 -39.49
N ASN C 251 7.73 -47.16 -40.20
CA ASN C 251 7.67 -47.32 -41.66
C ASN C 251 6.35 -46.65 -41.98
N PRO C 252 6.37 -45.39 -42.43
CA PRO C 252 5.16 -44.70 -42.77
C PRO C 252 4.60 -45.27 -44.07
N ASP C 253 3.51 -46.02 -43.93
CA ASP C 253 2.84 -46.71 -45.03
C ASP C 253 2.07 -45.73 -45.94
N LYS C 254 1.41 -44.73 -45.34
CA LYS C 254 0.55 -43.76 -46.03
C LYS C 254 1.37 -42.55 -46.53
N HIS C 255 1.13 -42.11 -47.75
CA HIS C 255 1.87 -40.99 -48.35
C HIS C 255 0.85 -39.94 -48.80
N LEU C 256 1.16 -38.66 -48.62
CA LEU C 256 0.23 -37.57 -48.97
C LEU C 256 1.06 -36.45 -49.59
N GLU C 257 0.80 -36.09 -50.85
CA GLU C 257 1.48 -34.97 -51.53
C GLU C 257 0.48 -33.87 -51.86
N ALA C 258 0.96 -32.63 -51.90
CA ALA C 258 0.20 -31.50 -52.44
C ALA C 258 1.21 -30.44 -52.87
N GLY C 259 0.78 -29.49 -53.71
CA GLY C 259 1.66 -28.41 -54.17
C GLY C 259 1.99 -27.50 -53.01
N CYS C 260 3.27 -27.19 -52.85
CA CYS C 260 3.80 -26.71 -51.58
C CYS C 260 3.34 -25.29 -51.27
N ASP C 261 3.43 -24.39 -52.24
CA ASP C 261 3.11 -22.97 -52.02
C ASP C 261 1.63 -22.71 -51.79
N LEU C 262 0.81 -23.46 -52.52
CA LEU C 262 -0.64 -23.38 -52.32
C LEU C 262 -1.00 -23.94 -50.95
N LEU C 263 -0.30 -24.99 -50.55
CA LEU C 263 -0.52 -25.59 -49.25
C LEU C 263 -0.15 -24.58 -48.17
N LYS C 264 1.01 -23.96 -48.35
CA LYS C 264 1.53 -22.96 -47.42
C LYS C 264 0.71 -21.67 -47.32
N GLN C 265 0.24 -21.14 -48.44
CA GLN C 265 -0.60 -19.93 -48.43
C GLN C 265 -1.93 -20.16 -47.70
N ALA C 266 -2.40 -21.40 -47.82
CA ALA C 266 -3.63 -21.85 -47.20
C ALA C 266 -3.47 -22.04 -45.70
N PHE C 267 -2.35 -22.61 -45.28
CA PHE C 267 -2.06 -22.71 -43.85
C PHE C 267 -1.80 -21.34 -43.23
N ALA C 268 -1.12 -20.44 -43.93
CA ALA C 268 -0.95 -19.07 -43.43
C ALA C 268 -2.31 -18.41 -43.14
N ARG C 269 -3.24 -18.60 -44.08
CA ARG C 269 -4.59 -18.09 -43.89
C ARG C 269 -5.43 -18.77 -42.80
N ALA C 270 -5.43 -20.10 -42.72
CA ALA C 270 -6.17 -20.78 -41.64
C ALA C 270 -5.62 -20.40 -40.25
N ALA C 271 -4.33 -20.09 -40.18
CA ALA C 271 -3.67 -19.63 -38.93
C ALA C 271 -4.31 -18.40 -38.27
N ILE C 272 -4.89 -17.53 -39.08
CA ILE C 272 -5.46 -16.29 -38.55
C ILE C 272 -6.68 -16.57 -37.66
N LEU C 273 -7.44 -17.62 -37.95
CA LEU C 273 -8.65 -17.95 -37.17
C LEU C 273 -8.41 -19.10 -36.20
N SER C 274 -7.16 -19.29 -35.75
CA SER C 274 -6.85 -20.37 -34.85
C SER C 274 -6.82 -19.84 -33.42
N ASN C 275 -7.05 -20.74 -32.45
CA ASN C 275 -6.87 -20.43 -31.03
C ASN C 275 -5.56 -19.68 -30.86
N GLU C 276 -5.61 -18.53 -30.19
CA GLU C 276 -4.46 -17.63 -30.05
C GLU C 276 -3.25 -18.21 -29.34
N LYS C 277 -3.50 -19.11 -28.39
CA LYS C 277 -2.50 -19.65 -27.48
C LYS C 277 -1.70 -20.79 -28.13
N PHE C 278 -2.43 -21.72 -28.74
CA PHE C 278 -1.79 -22.90 -29.32
C PHE C 278 -1.67 -22.89 -30.85
N ARG C 279 -2.36 -21.99 -31.53
CA ARG C 279 -2.37 -21.95 -33.02
C ARG C 279 -2.73 -23.33 -33.62
N GLY C 280 -3.69 -23.99 -32.96
CA GLY C 280 -4.06 -25.37 -33.24
C GLY C 280 -5.09 -25.52 -34.33
N VAL C 281 -4.87 -26.51 -35.19
CA VAL C 281 -5.67 -26.73 -36.37
C VAL C 281 -5.91 -28.26 -36.44
N ARG C 282 -7.00 -28.69 -37.10
CA ARG C 282 -7.30 -30.11 -37.26
C ARG C 282 -7.38 -30.45 -38.74
N LEU C 283 -6.74 -31.55 -39.16
CA LEU C 283 -6.78 -32.02 -40.55
C LEU C 283 -7.65 -33.25 -40.66
N TYR C 284 -8.54 -33.25 -41.64
CA TYR C 284 -9.36 -34.40 -41.97
C TYR C 284 -8.99 -34.66 -43.41
N VAL C 285 -8.64 -35.88 -43.72
CA VAL C 285 -8.11 -36.21 -45.03
C VAL C 285 -8.92 -37.40 -45.52
N SER C 286 -9.29 -37.42 -46.79
CA SER C 286 -9.95 -38.57 -47.39
C SER C 286 -9.48 -38.72 -48.83
N GLU C 287 -10.00 -39.70 -49.55
CA GLU C 287 -9.54 -39.98 -50.90
C GLU C 287 -9.56 -38.72 -51.75
N ASN C 288 -8.37 -38.34 -52.20
CA ASN C 288 -8.15 -37.16 -53.06
C ASN C 288 -8.75 -35.84 -52.56
N GLN C 289 -9.03 -35.74 -51.26
CA GLN C 289 -9.64 -34.55 -50.70
C GLN C 289 -9.01 -34.28 -49.35
N LEU C 290 -8.84 -33.00 -49.01
CA LEU C 290 -8.22 -32.59 -47.75
C LEU C 290 -9.09 -31.50 -47.12
N LYS C 291 -9.41 -31.66 -45.84
CA LYS C 291 -10.24 -30.71 -45.14
C LYS C 291 -9.48 -30.29 -43.89
N ILE C 292 -9.14 -29.01 -43.81
CA ILE C 292 -8.42 -28.47 -42.66
C ILE C 292 -9.41 -27.56 -41.98
N THR C 293 -9.59 -27.71 -40.67
CA THR C 293 -10.48 -26.83 -39.92
C THR C 293 -9.77 -26.34 -38.67
N ALA C 294 -10.16 -25.16 -38.19
CA ALA C 294 -9.67 -24.65 -36.92
C ALA C 294 -10.81 -24.00 -36.18
N ASN C 295 -10.55 -23.58 -34.95
CA ASN C 295 -11.51 -22.80 -34.21
C ASN C 295 -10.81 -22.05 -33.11
N ASN C 296 -11.45 -20.99 -32.64
CA ASN C 296 -10.89 -20.16 -31.56
C ASN C 296 -11.96 -19.79 -30.53
N PRO C 297 -11.54 -19.18 -29.40
CA PRO C 297 -12.51 -18.66 -28.42
C PRO C 297 -13.50 -17.64 -29.00
N GLU C 298 -13.00 -16.75 -29.87
CA GLU C 298 -13.86 -15.77 -30.57
C GLU C 298 -14.98 -16.39 -31.41
N GLN C 299 -15.00 -17.73 -31.48
CA GLN C 299 -16.07 -18.52 -32.10
C GLN C 299 -16.04 -18.43 -33.62
N GLU C 300 -14.86 -18.14 -34.14
CA GLU C 300 -14.63 -18.11 -35.55
C GLU C 300 -14.28 -19.52 -35.91
N GLU C 301 -14.40 -19.81 -37.19
CA GLU C 301 -14.12 -21.13 -37.71
C GLU C 301 -13.37 -20.98 -39.00
N ALA C 302 -12.58 -22.00 -39.28
CA ALA C 302 -11.89 -22.13 -40.53
C ALA C 302 -12.21 -23.50 -41.11
N GLU C 303 -12.38 -23.53 -42.42
CA GLU C 303 -12.42 -24.75 -43.18
C GLU C 303 -11.68 -24.52 -44.48
N GLU C 304 -10.90 -25.50 -44.87
CA GLU C 304 -10.19 -25.45 -46.13
C GLU C 304 -10.57 -26.68 -46.90
N ILE C 305 -10.88 -26.50 -48.17
CA ILE C 305 -10.91 -27.59 -49.11
C ILE C 305 -9.89 -27.22 -50.17
N LEU C 306 -9.10 -28.21 -50.55
CA LEU C 306 -8.21 -28.12 -51.69
C LEU C 306 -8.05 -29.53 -52.25
N ASP C 307 -7.56 -29.62 -53.48
CA ASP C 307 -7.18 -30.90 -54.05
C ASP C 307 -5.73 -31.20 -53.67
N VAL C 308 -5.52 -32.37 -53.08
CA VAL C 308 -4.20 -32.89 -52.81
C VAL C 308 -4.17 -34.32 -53.29
N THR C 309 -2.99 -34.85 -53.53
CA THR C 309 -2.84 -36.26 -53.82
C THR C 309 -2.83 -36.99 -52.48
N TYR C 310 -3.88 -37.76 -52.20
CA TYR C 310 -3.92 -38.61 -51.03
C TYR C 310 -4.66 -39.88 -51.41
N SER C 311 -3.98 -41.02 -51.28
CA SER C 311 -4.63 -42.31 -51.35
C SER C 311 -4.28 -42.96 -50.03
N GLY C 312 -5.30 -43.46 -49.33
CA GLY C 312 -5.12 -44.00 -47.99
C GLY C 312 -6.32 -43.74 -47.13
N ALA C 313 -6.27 -44.28 -45.91
CA ALA C 313 -7.39 -44.20 -44.98
C ALA C 313 -7.54 -42.77 -44.46
N GLU C 314 -8.74 -42.41 -44.02
CA GLU C 314 -8.94 -41.10 -43.40
C GLU C 314 -8.19 -41.04 -42.07
N MET C 315 -7.84 -39.83 -41.64
CA MET C 315 -7.04 -39.68 -40.43
C MET C 315 -7.36 -38.37 -39.74
N GLU C 316 -7.26 -38.38 -38.43
CA GLU C 316 -7.63 -37.25 -37.60
C GLU C 316 -6.41 -36.91 -36.78
N ILE C 317 -5.93 -35.66 -36.87
CA ILE C 317 -4.70 -35.25 -36.20
C ILE C 317 -4.67 -33.73 -36.05
N GLY C 318 -4.22 -33.24 -34.90
CA GLY C 318 -4.10 -31.80 -34.66
C GLY C 318 -2.65 -31.39 -34.50
N PHE C 319 -2.28 -30.21 -35.01
CA PHE C 319 -0.96 -29.59 -34.79
C PHE C 319 -1.10 -28.14 -34.38
N ASN C 320 0.00 -27.61 -33.82
CA ASN C 320 0.24 -26.18 -33.77
C ASN C 320 0.67 -25.77 -35.16
N VAL C 321 -0.11 -24.89 -35.79
CA VAL C 321 0.10 -24.49 -37.18
C VAL C 321 1.40 -23.69 -37.40
N SER C 322 1.82 -22.92 -36.41
CA SER C 322 3.08 -22.19 -36.49
C SER C 322 4.20 -23.17 -36.76
N TYR C 323 4.18 -24.30 -36.07
CA TYR C 323 5.25 -25.28 -36.25
C TYR C 323 5.33 -25.89 -37.66
N VAL C 324 4.20 -26.03 -38.36
CA VAL C 324 4.25 -26.58 -39.73
C VAL C 324 4.51 -25.46 -40.74
N LEU C 325 4.03 -24.25 -40.45
CA LEU C 325 4.30 -23.07 -41.28
C LEU C 325 5.78 -22.74 -41.33
N ASP C 326 6.45 -22.83 -40.19
CA ASP C 326 7.91 -22.77 -40.11
C ASP C 326 8.65 -23.70 -41.12
N VAL C 327 8.19 -24.96 -41.24
CA VAL C 327 8.88 -25.90 -42.12
C VAL C 327 8.52 -25.56 -43.58
N LEU C 328 7.23 -25.29 -43.84
CA LEU C 328 6.77 -24.97 -45.20
C LEU C 328 7.44 -23.75 -45.81
N ASN C 329 7.75 -22.76 -44.97
CA ASN C 329 8.49 -21.60 -45.41
C ASN C 329 9.96 -21.84 -45.69
N ALA C 330 10.59 -22.69 -44.90
CA ALA C 330 12.01 -23.03 -45.07
C ALA C 330 12.20 -23.90 -46.30
N LEU C 331 11.26 -24.80 -46.52
CA LEU C 331 11.27 -25.67 -47.67
C LEU C 331 10.92 -24.81 -48.90
N LYS C 332 11.87 -24.54 -49.75
CA LYS C 332 11.58 -23.80 -50.97
C LYS C 332 11.41 -24.81 -52.09
N CYS C 333 10.27 -25.52 -52.08
CA CYS C 333 9.99 -26.55 -53.10
C CYS C 333 8.63 -26.43 -53.80
N GLU C 334 8.39 -27.28 -54.79
CA GLU C 334 7.16 -27.24 -55.59
C GLU C 334 6.10 -28.14 -54.97
N ASN C 335 6.46 -29.41 -54.81
CA ASN C 335 5.61 -30.42 -54.23
C ASN C 335 6.35 -31.03 -53.06
N VAL C 336 5.58 -31.40 -52.05
CA VAL C 336 6.10 -31.89 -50.81
C VAL C 336 5.51 -33.28 -50.63
N ARG C 337 6.17 -34.14 -49.85
CA ARG C 337 5.58 -35.41 -49.44
C ARG C 337 5.55 -35.48 -47.92
N MET C 338 4.37 -35.83 -47.41
CA MET C 338 4.15 -36.05 -45.99
C MET C 338 3.97 -37.54 -45.80
N MET C 339 4.64 -38.06 -44.77
CA MET C 339 4.62 -39.47 -44.44
C MET C 339 4.12 -39.56 -43.02
N LEU C 340 2.92 -40.10 -42.84
CA LEU C 340 2.34 -40.29 -41.52
C LEU C 340 2.43 -41.77 -41.16
N THR C 341 2.38 -42.05 -39.86
CA THR C 341 2.19 -43.41 -39.36
C THR C 341 0.76 -43.44 -38.84
N ASP C 342 0.53 -42.70 -37.76
CA ASP C 342 -0.81 -42.52 -37.18
C ASP C 342 -0.85 -41.23 -36.33
N SER C 343 -2.03 -40.92 -35.81
CA SER C 343 -2.26 -39.67 -35.05
C SER C 343 -1.43 -39.49 -33.77
N VAL C 344 -0.86 -40.55 -33.25
CA VAL C 344 -0.19 -40.51 -31.95
C VAL C 344 1.34 -40.64 -32.09
N SER C 345 1.82 -40.65 -33.33
CA SER C 345 3.23 -40.92 -33.63
C SER C 345 3.75 -39.86 -34.54
N SER C 346 5.07 -39.88 -34.72
CA SER C 346 5.73 -38.92 -35.59
C SER C 346 5.18 -38.92 -37.01
N VAL C 347 5.28 -37.78 -37.66
CA VAL C 347 4.97 -37.66 -39.07
C VAL C 347 6.23 -37.05 -39.63
N GLN C 348 6.66 -37.57 -40.78
CA GLN C 348 7.84 -37.04 -41.48
C GLN C 348 7.37 -36.18 -42.62
N ILE C 349 8.07 -35.07 -42.84
CA ILE C 349 7.71 -34.10 -43.83
C ILE C 349 8.96 -33.84 -44.66
N GLU C 350 8.81 -33.80 -45.97
CA GLU C 350 9.96 -33.78 -46.86
C GLU C 350 9.56 -33.40 -48.27
N ASP C 351 10.51 -32.86 -49.03
CA ASP C 351 10.32 -32.67 -50.47
C ASP C 351 10.15 -34.06 -51.05
N ALA C 352 9.12 -34.29 -51.85
CA ALA C 352 8.91 -35.60 -52.46
C ALA C 352 10.10 -36.03 -53.33
N ALA C 353 10.90 -35.07 -53.79
CA ALA C 353 11.93 -35.33 -54.78
C ALA C 353 13.40 -35.19 -54.33
N SER C 354 13.67 -34.97 -53.05
CA SER C 354 15.04 -34.63 -52.65
C SER C 354 15.65 -35.28 -51.41
N GLN C 355 14.92 -35.42 -50.31
CA GLN C 355 15.50 -35.92 -49.06
C GLN C 355 16.67 -35.15 -48.39
N SER C 356 17.30 -34.15 -49.02
CA SER C 356 18.33 -33.35 -48.32
C SER C 356 17.85 -32.71 -47.01
N ALA C 357 16.57 -32.32 -46.95
CA ALA C 357 16.00 -31.72 -45.75
C ALA C 357 14.86 -32.59 -45.26
N ALA C 358 14.71 -32.72 -43.95
CA ALA C 358 13.64 -33.54 -43.38
C ALA C 358 13.20 -32.88 -42.08
N TYR C 359 11.89 -32.83 -41.85
CA TYR C 359 11.29 -32.19 -40.67
C TYR C 359 10.23 -33.12 -40.10
N VAL C 360 10.19 -33.27 -38.78
CA VAL C 360 9.17 -34.07 -38.14
C VAL C 360 8.64 -33.21 -37.03
N VAL C 361 7.31 -33.08 -36.93
CA VAL C 361 6.67 -32.47 -35.76
C VAL C 361 5.76 -33.52 -35.15
N MET C 362 5.78 -33.67 -33.83
CA MET C 362 4.82 -34.59 -33.22
C MET C 362 3.49 -33.86 -33.03
N PRO C 363 2.37 -34.61 -33.16
CA PRO C 363 1.05 -34.02 -33.22
C PRO C 363 0.43 -33.77 -31.88
N MET C 364 -0.76 -33.19 -31.90
CA MET C 364 -1.51 -32.86 -30.73
C MET C 364 -2.79 -33.68 -30.72
N ARG C 365 -3.40 -33.78 -29.54
CA ARG C 365 -4.77 -34.18 -29.47
C ARG C 365 -5.45 -32.97 -28.89
N LEU C 366 -6.43 -32.48 -29.64
CA LEU C 366 -7.38 -31.48 -29.16
C LEU C 366 -8.63 -32.32 -29.05
N ARG D 7 29.37 36.97 -11.90
CA ARG D 7 30.47 36.01 -11.62
C ARG D 7 30.08 35.05 -10.49
N GLN D 8 30.35 33.77 -10.71
CA GLN D 8 29.68 32.70 -9.99
C GLN D 8 30.70 32.02 -9.07
N ILE D 9 30.34 31.83 -7.80
CA ILE D 9 31.30 31.29 -6.80
C ILE D 9 30.79 30.00 -6.18
N VAL D 10 31.59 28.94 -6.31
CA VAL D 10 31.20 27.62 -5.84
C VAL D 10 31.99 27.28 -4.61
N LEU D 11 31.31 26.81 -3.57
CA LEU D 11 31.98 26.27 -2.39
C LEU D 11 31.29 25.05 -1.82
N ASP D 12 32.05 24.17 -1.17
CA ASP D 12 31.54 23.14 -0.26
C ASP D 12 32.54 22.97 0.90
N THR D 13 32.13 23.24 2.15
CA THR D 13 33.02 23.14 3.31
C THR D 13 32.72 21.90 4.16
N GLU D 14 33.68 20.99 4.25
CA GLU D 14 33.60 19.90 5.22
C GLU D 14 34.36 20.35 6.47
N THR D 15 33.82 20.05 7.65
CA THR D 15 34.25 20.68 8.91
C THR D 15 34.68 19.69 10.00
N THR D 16 35.04 20.18 11.20
CA THR D 16 35.36 19.36 12.38
C THR D 16 34.09 18.71 12.99
N GLY D 17 33.24 18.12 12.18
CA GLY D 17 31.98 17.52 12.61
C GLY D 17 30.94 18.58 12.93
N MET D 18 29.73 18.12 13.25
CA MET D 18 28.60 19.02 13.44
C MET D 18 27.85 18.71 14.72
N ASN D 19 27.06 19.68 15.17
CA ASN D 19 26.04 19.48 16.20
C ASN D 19 24.74 19.02 15.51
N GLN D 20 24.16 17.95 16.03
CA GLN D 20 22.94 17.32 15.51
C GLN D 20 21.68 18.14 15.81
N ILE D 21 21.70 18.81 16.96
CA ILE D 21 20.58 19.59 17.46
C ILE D 21 21.00 21.06 17.60
N GLY D 22 20.05 21.98 17.46
CA GLY D 22 20.23 23.37 17.85
C GLY D 22 21.20 24.06 16.91
N ALA D 23 22.17 24.80 17.46
CA ALA D 23 23.16 25.46 16.64
C ALA D 23 24.26 24.46 16.25
N HIS D 24 24.23 24.04 14.98
CA HIS D 24 25.25 23.16 14.39
C HIS D 24 26.65 23.77 14.41
N TYR D 25 26.73 25.07 14.66
CA TYR D 25 27.99 25.78 14.68
C TYR D 25 28.45 26.10 16.08
N GLU D 26 27.57 26.03 17.07
CA GLU D 26 27.92 26.45 18.42
C GLU D 26 28.91 25.49 19.05
N GLY D 27 30.05 26.02 19.49
CA GLY D 27 31.16 25.22 20.00
C GLY D 27 32.05 24.53 18.98
N HIS D 28 31.78 24.75 17.68
CA HIS D 28 32.51 24.09 16.59
C HIS D 28 33.22 25.13 15.72
N LYS D 29 34.16 24.69 14.89
CA LYS D 29 35.03 25.60 14.11
C LYS D 29 35.31 25.02 12.71
N ILE D 30 35.69 25.88 11.76
CA ILE D 30 35.93 25.45 10.35
C ILE D 30 37.38 24.97 10.21
N ILE D 31 37.59 23.88 9.46
CA ILE D 31 38.95 23.35 9.24
C ILE D 31 39.55 23.56 7.85
N GLU D 32 38.73 23.52 6.80
CA GLU D 32 39.22 23.67 5.44
C GLU D 32 38.23 24.44 4.61
N ILE D 33 38.75 25.34 3.79
CA ILE D 33 37.95 26.09 2.82
C ILE D 33 38.48 25.75 1.43
N GLY D 34 37.63 25.12 0.62
CA GLY D 34 38.02 24.66 -0.71
C GLY D 34 36.94 25.03 -1.70
N ALA D 35 37.23 26.04 -2.53
CA ALA D 35 36.24 26.64 -3.42
C ALA D 35 36.84 26.84 -4.80
N VAL D 36 36.01 26.71 -5.82
CA VAL D 36 36.41 26.98 -7.20
C VAL D 36 35.61 28.16 -7.72
N GLU D 37 36.26 28.98 -8.53
CA GLU D 37 35.64 30.19 -9.09
C GLU D 37 35.18 29.92 -10.52
N VAL D 38 33.95 30.32 -10.81
CA VAL D 38 33.28 29.93 -12.04
C VAL D 38 32.84 31.17 -12.81
N VAL D 39 33.39 31.32 -14.01
CA VAL D 39 33.06 32.44 -14.88
C VAL D 39 32.63 31.88 -16.24
N ASN D 40 31.46 32.33 -16.71
CA ASN D 40 30.86 31.86 -17.98
C ASN D 40 30.75 30.34 -18.03
N ARG D 41 30.34 29.78 -16.89
CA ARG D 41 30.17 28.35 -16.68
C ARG D 41 31.44 27.51 -16.93
N ARG D 42 32.60 28.14 -16.71
CA ARG D 42 33.87 27.49 -16.84
C ARG D 42 34.79 27.77 -15.69
N LEU D 43 35.63 26.78 -15.44
CA LEU D 43 36.72 26.87 -14.52
C LEU D 43 37.87 27.63 -15.18
N THR D 44 38.20 28.79 -14.62
CA THR D 44 39.46 29.45 -14.96
C THR D 44 40.68 28.69 -14.41
N GLY D 45 40.50 27.98 -13.31
CA GLY D 45 41.57 27.26 -12.64
C GLY D 45 42.13 28.05 -11.47
N ASN D 46 41.58 29.22 -11.20
CA ASN D 46 41.96 30.01 -10.04
C ASN D 46 41.24 29.49 -8.78
N ASN D 47 41.66 28.32 -8.32
CA ASN D 47 41.08 27.73 -7.11
C ASN D 47 41.67 28.32 -5.82
N PHE D 48 40.79 28.60 -4.85
CA PHE D 48 41.19 29.07 -3.53
C PHE D 48 40.99 27.90 -2.56
N HIS D 49 42.09 27.25 -2.17
CA HIS D 49 42.04 26.03 -1.36
C HIS D 49 42.93 26.21 -0.13
N VAL D 50 42.32 26.45 1.03
CA VAL D 50 43.07 26.77 2.26
C VAL D 50 42.58 25.96 3.44
N TYR D 51 43.49 25.79 4.39
CA TYR D 51 43.24 25.02 5.61
C TYR D 51 43.54 25.96 6.76
N LEU D 52 42.69 25.92 7.78
CA LEU D 52 42.69 26.93 8.86
C LEU D 52 42.75 26.28 10.25
N LYS D 53 42.65 27.07 11.32
CA LYS D 53 42.90 26.64 12.71
C LYS D 53 41.63 26.04 13.33
N PRO D 54 41.74 24.84 13.91
CA PRO D 54 40.56 24.15 14.45
C PRO D 54 40.11 24.73 15.77
N ASP D 55 41.05 25.19 16.59
CA ASP D 55 40.77 25.68 17.95
C ASP D 55 40.10 24.63 18.85
N ARG D 56 40.09 23.37 18.41
CA ARG D 56 39.36 22.28 19.05
C ARG D 56 39.66 20.98 18.29
N LEU D 57 39.08 19.87 18.73
CA LEU D 57 39.29 18.58 18.09
C LEU D 57 38.33 18.34 16.92
N VAL D 58 38.83 17.66 15.88
CA VAL D 58 38.00 17.18 14.76
C VAL D 58 37.06 16.11 15.27
N ASP D 59 35.81 16.16 14.82
CA ASP D 59 34.80 15.26 15.36
C ASP D 59 34.95 13.91 14.67
N PRO D 60 34.75 12.82 15.43
CA PRO D 60 34.71 11.45 14.89
C PRO D 60 33.84 11.30 13.66
N GLU D 61 32.68 11.95 13.61
CA GLU D 61 31.85 11.94 12.37
C GLU D 61 32.61 12.45 11.14
N ALA D 62 33.11 13.67 11.27
CA ALA D 62 33.84 14.33 10.19
C ALA D 62 35.05 13.52 9.71
N PHE D 63 35.71 12.88 10.68
CA PHE D 63 36.86 12.01 10.41
C PHE D 63 36.51 10.86 9.45
N GLY D 64 35.39 10.19 9.72
CA GLY D 64 34.90 9.11 8.88
C GLY D 64 34.40 9.54 7.51
N VAL D 65 34.00 10.81 7.38
CA VAL D 65 33.41 11.34 6.13
C VAL D 65 34.41 11.27 4.96
N HIS D 66 35.59 11.88 5.13
CA HIS D 66 36.64 11.79 4.13
C HIS D 66 38.11 11.73 4.68
N GLY D 67 38.28 11.67 6.00
CA GLY D 67 39.58 11.52 6.69
C GLY D 67 40.52 12.73 6.61
N ILE D 68 41.31 12.93 7.66
CA ILE D 68 41.79 14.29 8.05
C ILE D 68 42.27 14.20 9.51
N ALA D 69 43.49 14.63 9.78
CA ALA D 69 44.01 14.61 11.13
C ALA D 69 44.06 16.01 11.73
N ASP D 70 43.73 16.09 13.02
CA ASP D 70 43.70 17.34 13.78
C ASP D 70 45.09 17.98 13.81
N GLU D 71 46.10 17.13 13.96
CA GLU D 71 47.51 17.54 14.07
C GLU D 71 48.02 18.23 12.80
N PHE D 72 47.34 17.98 11.69
CA PHE D 72 47.63 18.60 10.41
C PHE D 72 47.14 20.06 10.33
N LEU D 73 46.05 20.36 11.02
CA LEU D 73 45.47 21.69 11.00
C LEU D 73 45.91 22.56 12.20
N LEU D 74 46.98 22.17 12.89
CA LEU D 74 47.41 22.89 14.10
C LEU D 74 48.23 24.14 13.79
N ASP D 75 49.25 23.99 12.96
CA ASP D 75 50.11 25.11 12.56
C ASP D 75 49.42 26.06 11.57
N LYS D 76 48.42 25.54 10.85
CA LYS D 76 47.68 26.31 9.85
C LYS D 76 46.98 27.50 10.53
N PRO D 77 46.84 28.64 9.81
CA PRO D 77 46.34 29.92 10.37
C PRO D 77 44.86 29.88 10.77
N THR D 78 44.40 30.90 11.50
CA THR D 78 42.99 30.97 11.91
C THR D 78 42.16 31.76 10.88
N PHE D 79 40.85 31.83 11.13
CA PHE D 79 39.94 32.57 10.26
C PHE D 79 40.28 34.07 10.22
N ALA D 80 40.85 34.58 11.32
CA ALA D 80 41.29 35.97 11.40
C ALA D 80 42.42 36.32 10.42
N GLU D 81 43.30 35.37 10.12
CA GLU D 81 44.41 35.61 9.19
C GLU D 81 43.97 35.64 7.71
N VAL D 82 42.84 35.02 7.38
CA VAL D 82 42.33 35.00 5.99
C VAL D 82 40.92 35.61 5.87
N ALA D 83 40.55 36.41 6.86
CA ALA D 83 39.23 37.04 6.92
C ALA D 83 39.00 37.93 5.70
N ASP D 84 39.88 38.91 5.51
CA ASP D 84 39.81 39.85 4.39
C ASP D 84 40.02 39.12 3.07
N GLU D 85 40.98 38.19 3.08
CA GLU D 85 41.38 37.39 1.92
C GLU D 85 40.17 36.67 1.34
N PHE D 86 39.48 35.93 2.19
CA PHE D 86 38.30 35.19 1.77
C PHE D 86 37.09 36.11 1.48
N MET D 87 36.95 37.18 2.28
CA MET D 87 35.83 38.12 2.11
C MET D 87 35.82 38.74 0.72
N ASP D 88 36.97 39.28 0.30
CA ASP D 88 37.06 39.93 -1.02
C ASP D 88 36.90 38.91 -2.16
N TYR D 89 37.35 37.68 -1.91
CA TYR D 89 37.23 36.58 -2.89
C TYR D 89 35.78 36.24 -3.25
N ILE D 90 34.87 36.35 -2.28
CA ILE D 90 33.45 36.05 -2.51
C ILE D 90 32.49 37.25 -2.52
N ARG D 91 32.94 38.42 -2.03
CA ARG D 91 32.04 39.57 -1.82
C ARG D 91 31.40 40.06 -3.12
N GLY D 92 30.08 40.16 -3.12
CA GLY D 92 29.33 40.65 -4.27
C GLY D 92 29.33 39.67 -5.42
N ALA D 93 29.08 38.39 -5.12
CA ALA D 93 29.05 37.33 -6.12
C ALA D 93 28.01 36.26 -5.78
N GLU D 94 27.87 35.26 -6.64
CA GLU D 94 26.86 34.23 -6.47
C GLU D 94 27.36 33.09 -5.63
N LEU D 95 26.69 32.82 -4.52
CA LEU D 95 27.11 31.79 -3.55
C LEU D 95 26.17 30.61 -3.60
N VAL D 96 26.62 29.57 -4.28
CA VAL D 96 25.85 28.37 -4.49
C VAL D 96 26.29 27.31 -3.49
N ILE D 97 25.42 26.96 -2.55
CA ILE D 97 25.80 26.00 -1.52
C ILE D 97 24.79 24.85 -1.38
N HIS D 98 25.28 23.69 -0.93
CA HIS D 98 24.46 22.50 -0.65
C HIS D 98 24.18 22.52 0.87
N ASN D 99 22.90 22.70 1.20
CA ASN D 99 22.44 22.71 2.58
C ASN D 99 22.93 24.01 3.23
N ALA D 100 22.60 25.14 2.58
CA ALA D 100 23.20 26.47 2.83
C ALA D 100 23.14 26.89 4.31
N ALA D 101 22.06 26.48 4.97
CA ALA D 101 21.87 26.67 6.41
C ALA D 101 23.06 26.19 7.24
N PHE D 102 23.72 25.12 6.79
CA PHE D 102 24.88 24.53 7.47
C PHE D 102 26.11 25.43 7.34
N ASP D 103 26.59 25.57 6.11
CA ASP D 103 27.82 26.33 5.83
C ASP D 103 27.69 27.79 6.25
N ILE D 104 26.62 28.46 5.79
CA ILE D 104 26.38 29.88 6.12
C ILE D 104 26.36 30.09 7.63
N GLY D 105 25.73 29.16 8.33
CA GLY D 105 25.65 29.20 9.77
C GLY D 105 27.01 29.23 10.42
N PHE D 106 27.91 28.38 9.92
CA PHE D 106 29.29 28.33 10.41
C PHE D 106 30.06 29.59 10.04
N MET D 107 29.87 30.01 8.79
CA MET D 107 30.58 31.16 8.27
C MET D 107 30.29 32.39 9.09
N ASP D 108 29.00 32.71 9.21
CA ASP D 108 28.59 33.91 9.94
C ASP D 108 29.00 33.79 11.41
N TYR D 109 28.96 32.56 11.94
CA TYR D 109 29.40 32.27 13.32
C TYR D 109 30.83 32.73 13.52
N GLU D 110 31.72 32.28 12.62
CA GLU D 110 33.13 32.62 12.70
C GLU D 110 33.33 34.12 12.49
N PHE D 111 32.54 34.71 11.58
CA PHE D 111 32.61 36.15 11.30
C PHE D 111 32.35 36.98 12.55
N SER D 112 31.31 36.62 13.32
CA SER D 112 30.97 37.32 14.55
C SER D 112 32.06 37.15 15.62
N LEU D 113 32.71 35.99 15.63
CA LEU D 113 33.78 35.70 16.58
C LEU D 113 35.01 36.60 16.39
N LEU D 114 35.20 37.08 15.15
CA LEU D 114 36.31 37.98 14.84
C LEU D 114 36.13 39.35 15.47
N LYS D 115 34.86 39.74 15.71
CA LYS D 115 34.52 41.06 16.24
C LYS D 115 35.07 42.22 15.36
N ARG D 116 35.03 42.06 14.03
CA ARG D 116 35.64 43.03 13.09
C ARG D 116 34.60 43.92 12.34
N ASP D 117 33.41 44.06 12.90
CA ASP D 117 32.28 44.73 12.22
C ASP D 117 31.90 44.10 10.87
N ILE D 118 32.40 42.90 10.55
CA ILE D 118 32.12 42.31 9.25
C ILE D 118 30.69 41.80 9.34
N PRO D 119 29.80 42.27 8.44
CA PRO D 119 28.41 41.79 8.50
C PRO D 119 28.29 40.35 8.00
N LYS D 120 27.12 39.75 8.18
CA LYS D 120 26.88 38.39 7.66
C LYS D 120 26.97 38.38 6.15
N THR D 121 27.58 37.33 5.60
CA THR D 121 27.82 37.21 4.16
C THR D 121 26.54 37.32 3.33
N ASN D 122 25.42 36.85 3.89
CA ASN D 122 24.11 36.96 3.24
C ASN D 122 23.61 38.39 3.01
N THR D 123 24.24 39.40 3.62
CA THR D 123 23.88 40.80 3.40
C THR D 123 24.55 41.43 2.18
N PHE D 124 25.69 40.90 1.75
CA PHE D 124 26.40 41.41 0.56
C PHE D 124 26.59 40.37 -0.55
N CYS D 125 26.12 39.14 -0.33
CA CYS D 125 26.22 38.07 -1.32
C CYS D 125 24.92 37.28 -1.40
N LYS D 126 24.54 36.89 -2.61
CA LYS D 126 23.33 36.13 -2.82
C LYS D 126 23.60 34.63 -2.64
N VAL D 127 23.19 34.13 -1.47
CA VAL D 127 23.29 32.71 -1.15
C VAL D 127 22.11 31.95 -1.77
N THR D 128 22.40 31.02 -2.67
CA THR D 128 21.34 30.22 -3.30
C THR D 128 21.58 28.73 -3.08
N ASP D 129 20.56 28.05 -2.55
CA ASP D 129 20.65 26.62 -2.28
C ASP D 129 20.30 25.79 -3.52
N SER D 130 21.18 24.86 -3.84
CA SER D 130 21.02 23.97 -4.97
C SER D 130 20.06 22.83 -4.63
N LEU D 131 19.97 22.49 -3.34
CA LEU D 131 19.08 21.45 -2.89
C LEU D 131 17.62 21.82 -3.12
N ALA D 132 17.30 23.10 -2.95
CA ALA D 132 15.95 23.61 -3.18
C ALA D 132 15.54 23.40 -4.62
N VAL D 133 16.48 23.67 -5.51
CA VAL D 133 16.26 23.53 -6.94
C VAL D 133 16.08 22.05 -7.29
N ALA D 134 16.98 21.23 -6.77
CA ALA D 134 16.94 19.79 -6.98
C ALA D 134 15.64 19.20 -6.44
N ARG D 135 15.20 19.68 -5.29
CA ARG D 135 13.96 19.23 -4.69
C ARG D 135 12.75 19.55 -5.54
N LYS D 136 12.81 20.68 -6.23
CA LYS D 136 11.75 21.13 -7.15
C LYS D 136 11.72 20.23 -8.39
N MET D 137 12.90 19.91 -8.87
CA MET D 137 13.03 19.10 -10.07
C MET D 137 12.76 17.63 -9.81
N PHE D 138 13.34 17.09 -8.73
CA PHE D 138 13.19 15.68 -8.32
C PHE D 138 12.56 15.60 -6.92
N PRO D 139 11.21 15.70 -6.86
CA PRO D 139 10.49 15.66 -5.59
C PRO D 139 10.38 14.26 -4.98
N GLY D 140 10.82 14.14 -3.72
CA GLY D 140 10.75 12.89 -2.98
C GLY D 140 11.88 11.93 -3.33
N LYS D 141 12.90 12.45 -4.02
CA LYS D 141 14.07 11.68 -4.41
C LYS D 141 15.22 12.13 -3.55
N ARG D 142 16.20 11.24 -3.38
CA ARG D 142 17.38 11.58 -2.60
C ARG D 142 18.18 12.62 -3.39
N ASN D 143 18.30 13.81 -2.81
CA ASN D 143 18.99 14.92 -3.46
C ASN D 143 20.27 15.30 -2.72
N SER D 144 20.93 14.32 -2.12
CA SER D 144 22.23 14.54 -1.51
C SER D 144 23.26 14.66 -2.63
N LEU D 145 24.45 15.14 -2.26
CA LEU D 145 25.57 15.29 -3.20
C LEU D 145 25.90 13.96 -3.87
N ASP D 146 26.06 12.93 -3.04
CA ASP D 146 26.45 11.61 -3.49
C ASP D 146 25.29 10.99 -4.28
N ALA D 147 24.05 11.34 -3.93
CA ALA D 147 22.86 10.87 -4.66
C ALA D 147 22.84 11.41 -6.07
N LEU D 148 23.04 12.71 -6.22
CA LEU D 148 23.08 13.31 -7.55
C LEU D 148 24.29 12.86 -8.34
N CYS D 149 25.39 12.68 -7.62
CA CYS D 149 26.63 12.15 -8.19
C CYS D 149 26.35 10.82 -8.92
N ALA D 150 25.77 9.87 -8.20
CA ALA D 150 25.44 8.56 -8.75
C ALA D 150 24.38 8.67 -9.83
N ARG D 151 23.45 9.61 -9.67
CA ARG D 151 22.38 9.83 -10.63
C ARG D 151 22.90 10.21 -12.00
N TYR D 152 23.85 11.14 -12.03
CA TYR D 152 24.46 11.59 -13.29
C TYR D 152 25.74 10.81 -13.62
N GLU D 153 25.94 9.69 -12.94
CA GLU D 153 27.09 8.82 -13.12
C GLU D 153 28.44 9.50 -13.02
N ILE D 154 28.62 10.18 -11.89
CA ILE D 154 29.86 10.84 -11.58
C ILE D 154 30.44 10.09 -10.37
N ASP D 155 31.73 9.75 -10.40
CA ASP D 155 32.35 9.08 -9.24
C ASP D 155 33.04 10.12 -8.38
N ASN D 156 32.61 10.25 -7.11
CA ASN D 156 33.27 11.14 -6.14
C ASN D 156 33.91 10.35 -5.01
N SER D 157 33.96 9.03 -5.16
CA SER D 157 34.41 8.13 -4.11
C SER D 157 35.82 7.61 -4.38
N LYS D 158 36.11 7.29 -5.64
CA LYS D 158 37.43 6.84 -6.04
C LYS D 158 38.27 8.00 -6.61
N ARG D 159 38.15 9.18 -5.99
CA ARG D 159 38.96 10.35 -6.35
C ARG D 159 39.85 10.65 -5.15
N THR D 160 41.11 11.00 -5.40
CA THR D 160 42.09 11.20 -4.32
C THR D 160 41.72 12.37 -3.38
N LEU D 161 41.28 13.51 -3.94
CA LEU D 161 40.77 14.64 -3.15
C LEU D 161 39.67 14.22 -2.20
N HIS D 162 39.94 14.31 -0.90
CA HIS D 162 38.94 14.10 0.13
C HIS D 162 38.73 15.44 0.82
N GLY D 163 37.48 15.82 0.97
CA GLY D 163 37.13 17.13 1.51
C GLY D 163 36.76 18.14 0.45
N ALA D 164 36.85 19.42 0.85
CA ALA D 164 36.18 20.55 0.18
C ALA D 164 36.36 20.63 -1.33
N LEU D 165 37.62 20.58 -1.75
CA LEU D 165 38.02 20.80 -3.14
C LEU D 165 37.38 19.74 -4.05
N LEU D 166 37.26 18.53 -3.49
CA LEU D 166 36.62 17.38 -4.18
C LEU D 166 35.19 17.72 -4.53
N ASP D 167 34.45 18.05 -3.47
CA ASP D 167 33.03 18.28 -3.56
C ASP D 167 32.77 19.49 -4.42
N ALA D 168 33.54 20.55 -4.22
CA ALA D 168 33.40 21.80 -4.99
C ALA D 168 33.45 21.51 -6.47
N GLN D 169 34.51 20.82 -6.88
CA GLN D 169 34.70 20.46 -8.28
C GLN D 169 33.50 19.71 -8.83
N ILE D 170 33.12 18.66 -8.11
CA ILE D 170 32.04 17.78 -8.53
C ILE D 170 30.72 18.54 -8.62
N LEU D 171 30.45 19.32 -7.58
CA LEU D 171 29.22 20.09 -7.49
C LEU D 171 29.13 21.06 -8.63
N ALA D 172 30.26 21.65 -9.02
CA ALA D 172 30.29 22.58 -10.15
C ALA D 172 29.81 21.92 -11.42
N GLU D 173 30.34 20.73 -11.68
CA GLU D 173 30.00 19.99 -12.89
C GLU D 173 28.51 19.63 -12.89
N VAL D 174 28.04 19.15 -11.73
CA VAL D 174 26.65 18.77 -11.54
C VAL D 174 25.74 19.99 -11.72
N TYR D 175 26.13 21.07 -11.06
CA TYR D 175 25.39 22.31 -11.09
C TYR D 175 25.18 22.79 -12.49
N LEU D 176 26.27 22.87 -13.24
CA LEU D 176 26.21 23.32 -14.62
C LEU D 176 25.37 22.41 -15.48
N ALA D 177 25.47 21.11 -15.22
CA ALA D 177 24.72 20.12 -15.98
C ALA D 177 23.20 20.32 -15.83
N MET D 178 22.78 20.51 -14.58
CA MET D 178 21.37 20.68 -14.24
C MET D 178 20.82 22.00 -14.76
N THR D 179 21.63 23.04 -14.68
CA THR D 179 21.25 24.37 -15.13
C THR D 179 21.71 24.65 -16.54
N GLY D 180 22.03 23.59 -17.28
CA GLY D 180 22.18 23.67 -18.72
C GLY D 180 21.13 22.78 -19.37
N GLY D 181 21.48 21.54 -19.56
CA GLY D 181 20.51 20.53 -19.69
C GLY D 181 19.69 20.62 -20.95
N GLN D 182 19.63 21.78 -21.68
CA GLN D 182 18.78 22.10 -22.85
C GLN D 182 17.72 23.15 -22.57
N LEU D 183 17.86 24.29 -23.22
CA LEU D 183 16.95 25.40 -23.00
C LEU D 183 15.67 25.16 -23.84
N SER D 184 14.62 25.95 -23.63
CA SER D 184 13.33 25.70 -24.29
C SER D 184 12.76 26.94 -24.95
N LEU D 185 12.02 26.72 -26.02
CA LEU D 185 11.55 27.80 -26.88
C LEU D 185 10.35 28.54 -26.27
N PRO D 186 9.72 27.97 -25.20
CA PRO D 186 8.40 27.37 -25.55
C PRO D 186 7.31 28.29 -26.14
N LEU D 187 6.71 29.09 -25.27
CA LEU D 187 6.42 30.49 -25.32
C LEU D 187 6.00 30.84 -23.89
N ALA D 188 5.45 29.88 -23.15
CA ALA D 188 4.27 30.10 -22.29
C ALA D 188 3.99 31.55 -21.87
N GLN D 208 -19.28 45.40 -16.62
CA GLN D 208 -18.79 46.75 -16.82
C GLN D 208 -19.80 47.57 -17.68
N ALA D 209 -20.72 48.24 -16.97
CA ALA D 209 -21.83 49.00 -17.57
C ALA D 209 -22.83 48.05 -18.27
N SER D 210 -23.55 48.53 -19.29
CA SER D 210 -24.55 47.76 -20.08
C SER D 210 -25.78 47.34 -19.25
N LYS D 211 -26.98 47.72 -19.71
CA LYS D 211 -28.25 47.35 -19.05
C LYS D 211 -28.33 45.84 -18.74
N LEU D 212 -29.08 45.51 -17.68
CA LEU D 212 -29.19 44.12 -17.18
C LEU D 212 -30.26 43.98 -16.06
N ARG D 213 -31.23 43.07 -16.25
CA ARG D 213 -32.33 42.76 -15.30
C ARG D 213 -31.87 42.43 -13.86
N VAL D 214 -32.73 42.68 -12.86
CA VAL D 214 -32.40 42.41 -11.45
C VAL D 214 -33.57 41.74 -10.70
N VAL D 215 -33.58 40.41 -10.65
CA VAL D 215 -34.81 39.77 -10.19
C VAL D 215 -34.95 40.18 -8.71
N PHE D 216 -36.02 40.89 -8.44
CA PHE D 216 -36.31 41.37 -7.08
C PHE D 216 -37.24 40.33 -6.43
N ALA D 217 -37.06 40.03 -5.14
CA ALA D 217 -37.87 38.97 -4.51
C ALA D 217 -39.31 39.40 -4.56
N THR D 218 -40.20 38.44 -4.80
CA THR D 218 -41.63 38.76 -4.87
C THR D 218 -42.16 38.93 -3.46
N ASP D 219 -43.39 39.43 -3.38
CA ASP D 219 -44.09 39.59 -2.11
C ASP D 219 -44.25 38.25 -1.38
N GLU D 220 -44.57 37.18 -2.10
CA GLU D 220 -44.64 35.82 -1.50
C GLU D 220 -43.29 35.35 -0.93
N GLU D 221 -42.21 35.65 -1.65
CA GLU D 221 -40.86 35.30 -1.19
C GLU D 221 -40.44 36.13 0.02
N ILE D 222 -40.82 37.41 0.00
CA ILE D 222 -40.64 38.29 1.14
C ILE D 222 -41.42 37.78 2.37
N ALA D 223 -42.63 37.26 2.19
CA ALA D 223 -43.37 36.65 3.32
C ALA D 223 -42.63 35.43 3.90
N ALA D 224 -42.07 34.60 3.02
CA ALA D 224 -41.25 33.45 3.46
C ALA D 224 -39.99 33.93 4.19
N HIS D 225 -39.37 34.99 3.65
CA HIS D 225 -38.20 35.65 4.26
C HIS D 225 -38.53 36.13 5.68
N GLU D 226 -39.64 36.85 5.83
CA GLU D 226 -40.07 37.37 7.14
C GLU D 226 -40.24 36.24 8.13
N ALA D 227 -40.93 35.18 7.70
CA ALA D 227 -41.16 34.02 8.55
C ALA D 227 -39.84 33.32 8.93
N ARG D 228 -38.92 33.24 7.95
CA ARG D 228 -37.63 32.61 8.22
C ARG D 228 -36.77 33.42 9.19
N LEU D 229 -36.77 34.76 9.05
CA LEU D 229 -36.08 35.62 10.01
C LEU D 229 -36.68 35.52 11.38
N ASP D 230 -38.02 35.47 11.47
CA ASP D 230 -38.69 35.25 12.75
C ASP D 230 -38.10 34.03 13.46
N LEU D 231 -37.90 32.95 12.71
CA LEU D 231 -37.32 31.71 13.26
C LEU D 231 -35.89 31.94 13.80
N VAL D 232 -35.05 32.57 12.97
CA VAL D 232 -33.68 32.89 13.37
C VAL D 232 -33.69 33.65 14.70
N GLN D 233 -34.49 34.70 14.73
CA GLN D 233 -34.54 35.66 15.84
C GLN D 233 -35.12 35.02 17.12
N LYS D 234 -36.21 34.26 16.97
CA LYS D 234 -36.88 33.67 18.12
C LYS D 234 -36.03 32.57 18.74
N LYS D 235 -35.32 31.83 17.89
CA LYS D 235 -34.47 30.75 18.36
C LYS D 235 -33.08 31.22 18.82
N GLY D 236 -32.53 32.23 18.16
CA GLY D 236 -31.17 32.72 18.43
C GLY D 236 -30.97 33.98 19.25
N GLY D 237 -32.00 34.82 19.33
CA GLY D 237 -31.91 36.09 20.05
C GLY D 237 -31.20 37.21 19.29
N SER D 238 -31.00 37.04 17.99
CA SER D 238 -30.52 38.15 17.14
C SER D 238 -30.86 37.92 15.67
N CYS D 239 -30.87 39.03 14.92
CA CYS D 239 -30.96 39.03 13.46
C CYS D 239 -30.40 40.36 12.95
N LEU D 240 -29.21 40.28 12.38
CA LEU D 240 -28.52 41.48 11.91
C LEU D 240 -29.26 42.15 10.74
N TRP D 241 -29.99 41.38 9.93
CA TRP D 241 -30.81 41.98 8.86
C TRP D 241 -31.87 42.96 9.42
N ARG D 242 -32.41 42.65 10.59
CA ARG D 242 -33.41 43.51 11.26
C ARG D 242 -32.85 44.43 12.35
N ALA D 243 -31.53 44.49 12.50
CA ALA D 243 -30.89 45.32 13.51
C ALA D 243 -30.89 46.80 13.10
N GLU E 5 2.35 -20.27 56.76
CA GLU E 5 2.67 -21.05 55.53
C GLU E 5 3.31 -22.39 55.90
N LYS E 6 3.57 -23.28 54.93
CA LYS E 6 3.07 -23.21 53.54
C LYS E 6 2.58 -24.59 53.20
N THR E 7 1.93 -24.76 52.04
CA THR E 7 1.02 -25.84 51.68
C THR E 7 -0.39 -25.82 52.35
N PRO E 8 -1.40 -25.79 51.47
CA PRO E 8 -2.78 -25.67 51.94
C PRO E 8 -3.27 -27.03 52.39
N GLU E 9 -2.58 -28.07 51.92
CA GLU E 9 -2.81 -29.47 52.29
C GLU E 9 -2.58 -29.63 53.78
N LEU E 10 -1.40 -29.18 54.20
CA LEU E 10 -0.94 -29.35 55.55
C LEU E 10 -1.82 -28.53 56.47
N ALA E 11 -2.10 -27.28 56.12
CA ALA E 11 -2.96 -26.41 56.94
C ALA E 11 -4.39 -26.96 57.09
N ALA E 12 -4.94 -27.54 56.03
CA ALA E 12 -6.30 -28.14 56.10
C ALA E 12 -6.31 -29.49 56.83
N LYS E 13 -5.22 -30.26 56.66
CA LYS E 13 -5.03 -31.51 57.41
C LYS E 13 -4.92 -31.19 58.90
N LEU E 14 -4.08 -30.21 59.19
CA LEU E 14 -3.89 -29.69 60.52
C LEU E 14 -5.19 -29.17 61.12
N ALA E 15 -5.99 -28.49 60.31
CA ALA E 15 -7.37 -28.08 60.70
C ALA E 15 -8.28 -29.27 61.03
N ALA E 16 -8.10 -30.39 60.31
CA ALA E 16 -8.86 -31.60 60.60
C ALA E 16 -8.60 -32.11 62.03
N GLU E 17 -7.33 -32.17 62.43
CA GLU E 17 -6.95 -32.50 63.82
C GLU E 17 -7.55 -31.49 64.81
N ALA E 18 -7.49 -30.19 64.49
CA ALA E 18 -8.08 -29.15 65.33
C ALA E 18 -9.57 -29.41 65.58
N ILE E 19 -10.29 -29.70 64.48
CA ILE E 19 -11.73 -30.08 64.47
C ILE E 19 -11.98 -31.36 65.26
N GLU E 20 -11.07 -32.33 65.08
CA GLU E 20 -11.13 -33.64 65.73
C GLU E 20 -10.96 -33.55 67.26
N ARG E 21 -10.42 -32.42 67.74
CA ARG E 21 -10.16 -32.18 69.17
C ARG E 21 -11.07 -31.13 69.81
N ASP E 22 -11.31 -30.03 69.08
CA ASP E 22 -12.06 -28.87 69.59
C ASP E 22 -13.52 -28.94 69.11
N PRO E 23 -14.49 -28.94 70.06
CA PRO E 23 -15.90 -28.89 69.63
C PRO E 23 -16.26 -27.62 68.84
N TRP E 24 -15.65 -26.48 69.20
CA TRP E 24 -15.93 -25.22 68.50
C TRP E 24 -15.40 -25.22 67.06
N ALA E 25 -14.14 -25.61 66.86
CA ALA E 25 -13.57 -25.71 65.50
C ALA E 25 -14.45 -26.60 64.60
N ALA E 26 -14.91 -27.73 65.16
CA ALA E 26 -15.83 -28.65 64.49
C ALA E 26 -17.14 -27.95 64.12
N GLN E 27 -17.72 -27.29 65.12
CA GLN E 27 -18.96 -26.53 64.91
C GLN E 27 -18.80 -25.48 63.78
N VAL E 28 -17.72 -24.70 63.83
CA VAL E 28 -17.43 -23.66 62.80
C VAL E 28 -17.36 -24.27 61.39
N SER E 29 -16.67 -25.39 61.27
CA SER E 29 -16.54 -26.08 60.00
C SER E 29 -17.88 -26.64 59.49
N GLN E 30 -18.74 -27.05 60.43
CA GLN E 30 -20.10 -27.52 60.10
C GLN E 30 -20.98 -26.37 59.63
N LEU E 31 -20.90 -25.22 60.32
CA LEU E 31 -21.59 -23.99 59.90
C LEU E 31 -21.10 -23.52 58.54
N SER E 32 -19.81 -23.74 58.31
CA SER E 32 -19.10 -23.32 57.11
C SER E 32 -19.31 -21.80 56.83
N LEU E 33 -18.80 -20.95 57.72
CA LEU E 33 -18.84 -19.48 57.51
C LEU E 33 -17.90 -19.11 56.36
N PRO E 34 -18.16 -17.95 55.67
CA PRO E 34 -17.29 -17.69 54.50
C PRO E 34 -15.83 -17.23 54.75
N LYS E 35 -15.54 -16.01 55.23
CA LYS E 35 -14.16 -15.49 55.25
C LYS E 35 -13.91 -14.58 56.44
N LEU E 36 -14.37 -13.34 56.35
CA LEU E 36 -14.08 -12.34 57.38
C LEU E 36 -14.73 -12.78 58.70
N VAL E 37 -16.01 -13.12 58.62
CA VAL E 37 -16.79 -13.59 59.77
C VAL E 37 -16.24 -14.93 60.28
N GLU E 38 -15.79 -15.79 59.35
CA GLU E 38 -15.10 -17.02 59.74
C GLU E 38 -13.86 -16.68 60.58
N GLN E 39 -13.04 -15.74 60.12
CA GLN E 39 -11.82 -15.33 60.84
C GLN E 39 -12.12 -14.79 62.25
N VAL E 40 -13.28 -14.14 62.43
CA VAL E 40 -13.76 -13.71 63.74
C VAL E 40 -14.05 -14.94 64.63
N ALA E 41 -14.90 -15.84 64.12
CA ALA E 41 -15.21 -17.11 64.83
C ALA E 41 -13.95 -17.95 65.12
N LEU E 42 -12.98 -17.87 64.22
CA LEU E 42 -11.73 -18.60 64.32
C LEU E 42 -10.75 -18.02 65.35
N ASN E 43 -10.67 -16.69 65.44
CA ASN E 43 -9.80 -16.05 66.45
C ASN E 43 -10.43 -15.92 67.85
N ALA E 44 -11.51 -16.67 68.10
CA ALA E 44 -12.21 -16.65 69.38
C ALA E 44 -12.53 -18.05 69.86
N TRP E 45 -12.53 -18.24 71.18
CA TRP E 45 -12.85 -19.53 71.77
C TRP E 45 -14.25 -19.47 72.34
N LYS E 46 -15.00 -20.54 72.15
CA LYS E 46 -16.43 -20.55 72.41
C LYS E 46 -16.74 -21.12 73.79
N GLU E 47 -16.97 -20.24 74.76
CA GLU E 47 -17.60 -20.62 76.04
C GLU E 47 -19.11 -20.76 75.76
N GLU E 48 -19.78 -21.68 76.46
CA GLU E 48 -21.20 -21.98 76.20
C GLU E 48 -21.88 -22.18 77.56
N SER E 49 -23.02 -21.52 77.77
CA SER E 49 -23.82 -21.60 79.01
C SER E 49 -25.21 -22.16 78.69
N ASP E 50 -26.05 -22.33 79.71
CA ASP E 50 -27.39 -22.98 79.58
C ASP E 50 -28.22 -22.51 78.37
N ASN E 51 -28.21 -21.19 78.11
CA ASN E 51 -28.89 -20.60 76.95
C ASN E 51 -28.11 -19.44 76.30
N ALA E 52 -26.78 -19.40 76.50
CA ALA E 52 -25.94 -18.30 76.03
C ALA E 52 -24.64 -18.82 75.40
N VAL E 53 -24.10 -18.01 74.49
CA VAL E 53 -22.81 -18.26 73.86
C VAL E 53 -22.06 -16.92 73.83
N CYS E 54 -20.96 -16.82 74.57
CA CYS E 54 -20.11 -15.63 74.56
C CYS E 54 -18.75 -16.02 74.00
N LEU E 55 -18.51 -15.65 72.74
CA LEU E 55 -17.25 -15.99 72.06
C LEU E 55 -16.13 -15.07 72.52
N HIS E 56 -15.22 -15.60 73.35
CA HIS E 56 -14.05 -14.85 73.82
C HIS E 56 -13.04 -14.69 72.68
N LEU E 57 -13.08 -13.54 72.02
CA LEU E 57 -12.20 -13.21 70.90
C LEU E 57 -10.87 -12.69 71.41
N ARG E 58 -9.77 -13.17 70.86
CA ARG E 58 -8.45 -12.64 71.16
C ARG E 58 -8.50 -11.15 70.85
N SER E 59 -8.37 -10.31 71.88
CA SER E 59 -8.30 -8.84 71.70
C SER E 59 -7.13 -8.43 70.78
N SER E 60 -6.14 -9.33 70.64
CA SER E 60 -5.10 -9.27 69.60
C SER E 60 -5.62 -9.06 68.15
N GLN E 61 -6.85 -9.53 67.87
CA GLN E 61 -7.52 -9.31 66.58
C GLN E 61 -8.88 -8.59 66.76
N ARG E 62 -8.95 -7.70 67.76
CA ARG E 62 -10.15 -6.89 68.02
C ARG E 62 -10.65 -6.15 66.76
N HIS E 63 -9.71 -5.72 65.90
CA HIS E 63 -10.08 -4.98 64.70
C HIS E 63 -10.86 -5.81 63.66
N LEU E 64 -10.77 -7.13 63.72
CA LEU E 64 -11.64 -7.98 62.87
C LEU E 64 -13.10 -7.94 63.33
N ASN E 65 -13.30 -7.96 64.65
CA ASN E 65 -14.62 -8.12 65.23
C ASN E 65 -15.50 -6.90 65.02
N ASN E 66 -16.58 -7.10 64.27
CA ASN E 66 -17.61 -6.07 64.04
C ASN E 66 -19.02 -6.65 64.20
N ARG E 67 -20.01 -5.82 64.56
CA ARG E 67 -21.40 -6.29 64.73
C ARG E 67 -21.96 -6.99 63.47
N GLY E 68 -21.59 -6.47 62.30
CA GLY E 68 -21.91 -7.09 61.02
C GLY E 68 -21.43 -8.54 60.91
N ALA E 69 -20.30 -8.85 61.56
CA ALA E 69 -19.84 -10.24 61.69
C ALA E 69 -20.65 -10.96 62.76
N GLN E 70 -20.79 -10.36 63.94
CA GLN E 70 -21.50 -10.96 65.09
C GLN E 70 -22.89 -11.48 64.70
N GLN E 71 -23.66 -10.67 63.98
CA GLN E 71 -25.02 -11.06 63.56
C GLN E 71 -25.06 -12.26 62.59
N LYS E 72 -24.12 -12.30 61.64
CA LYS E 72 -23.99 -13.44 60.70
C LYS E 72 -23.49 -14.68 61.48
N LEU E 73 -22.57 -14.47 62.40
CA LEU E 73 -22.10 -15.53 63.30
C LEU E 73 -23.27 -16.07 64.15
N ALA E 74 -24.14 -15.16 64.61
CA ALA E 74 -25.27 -15.50 65.48
C ALA E 74 -26.30 -16.36 64.75
N GLU E 75 -26.65 -15.94 63.54
CA GLU E 75 -27.52 -16.72 62.64
C GLU E 75 -26.96 -18.13 62.41
N ALA E 76 -25.65 -18.22 62.17
CA ALA E 76 -24.97 -19.51 61.98
C ALA E 76 -25.00 -20.38 63.26
N LEU E 77 -24.58 -19.81 64.40
CA LEU E 77 -24.69 -20.50 65.70
C LEU E 77 -26.12 -20.97 66.02
N SER E 78 -27.09 -20.11 65.67
CA SER E 78 -28.52 -20.44 65.82
C SER E 78 -28.96 -21.61 64.91
N MET E 79 -28.45 -21.64 63.68
CA MET E 79 -28.68 -22.74 62.73
C MET E 79 -28.10 -24.07 63.28
N LEU E 80 -26.92 -23.96 63.89
CA LEU E 80 -26.24 -25.08 64.56
C LEU E 80 -27.07 -25.61 65.73
N LYS E 81 -27.29 -24.72 66.72
CA LYS E 81 -28.06 -25.03 67.94
C LYS E 81 -29.51 -25.46 67.63
N GLY E 82 -30.03 -25.02 66.48
CA GLY E 82 -31.43 -25.28 66.10
C GLY E 82 -32.44 -24.41 66.85
N SER E 83 -31.95 -23.55 67.75
CA SER E 83 -32.77 -22.62 68.52
C SER E 83 -31.98 -21.31 68.68
N THR E 84 -32.63 -20.24 69.14
CA THR E 84 -32.01 -18.92 69.16
C THR E 84 -30.86 -18.87 70.18
N VAL E 85 -29.64 -18.66 69.69
CA VAL E 85 -28.46 -18.48 70.55
C VAL E 85 -28.24 -16.98 70.66
N GLU E 86 -28.11 -16.48 71.88
CA GLU E 86 -27.71 -15.10 72.09
C GLU E 86 -26.21 -15.08 71.96
N LEU E 87 -25.74 -14.95 70.73
CA LEU E 87 -24.31 -14.91 70.48
C LEU E 87 -23.80 -13.48 70.57
N THR E 88 -22.80 -13.30 71.43
CA THR E 88 -22.10 -12.02 71.59
C THR E 88 -20.61 -12.28 71.41
N ILE E 89 -19.89 -11.26 70.95
CA ILE E 89 -18.42 -11.27 70.90
C ILE E 89 -17.95 -10.34 72.02
N VAL E 90 -17.11 -10.86 72.91
CA VAL E 90 -16.59 -10.13 74.06
C VAL E 90 -15.07 -10.02 73.89
N GLU E 91 -14.44 -9.02 74.50
CA GLU E 91 -13.05 -8.73 74.22
C GLU E 91 -12.21 -8.89 75.49
N ASP E 92 -11.68 -10.10 75.65
CA ASP E 92 -10.90 -10.55 76.80
C ASP E 92 -9.75 -11.39 76.21
N ASP E 93 -8.52 -10.86 76.25
CA ASP E 93 -7.32 -11.51 75.65
C ASP E 93 -6.67 -12.68 76.44
N ASN E 94 -7.16 -12.96 77.65
CA ASN E 94 -6.72 -14.12 78.47
C ASN E 94 -6.62 -15.45 77.69
N PRO E 95 -5.48 -16.16 77.80
CA PRO E 95 -5.24 -17.36 76.97
C PRO E 95 -5.77 -18.71 77.50
N ALA E 96 -6.62 -18.72 78.53
CA ALA E 96 -6.95 -19.97 79.29
C ALA E 96 -7.54 -21.13 78.46
N VAL E 97 -8.15 -20.82 77.32
CA VAL E 97 -8.67 -21.82 76.37
C VAL E 97 -8.18 -21.41 74.97
N ARG E 98 -8.05 -22.40 74.07
CA ARG E 98 -7.52 -22.20 72.73
C ARG E 98 -8.65 -22.06 71.72
N THR E 99 -8.49 -21.12 70.79
CA THR E 99 -9.45 -20.87 69.71
C THR E 99 -9.07 -21.90 68.63
N PRO E 100 -9.92 -22.11 67.59
CA PRO E 100 -9.55 -23.05 66.52
C PRO E 100 -8.36 -22.54 65.67
N LEU E 101 -8.16 -21.23 65.61
CA LEU E 101 -6.95 -20.64 65.02
C LEU E 101 -5.71 -20.98 65.83
N GLU E 102 -5.73 -20.69 67.13
CA GLU E 102 -4.60 -20.98 68.02
C GLU E 102 -4.31 -22.50 68.13
N TRP E 103 -5.36 -23.29 67.93
CA TRP E 103 -5.42 -24.75 68.02
C TRP E 103 -4.58 -25.49 66.99
N ARG E 104 -4.71 -25.06 65.74
CA ARG E 104 -3.92 -25.56 64.61
C ARG E 104 -2.43 -25.67 64.96
N GLN E 105 -1.80 -24.61 65.45
CA GLN E 105 -0.32 -24.48 65.34
C GLN E 105 0.57 -25.44 66.15
N ALA E 106 0.19 -25.72 67.39
CA ALA E 106 1.07 -26.45 68.35
C ALA E 106 1.49 -27.85 67.87
N ILE E 107 0.50 -28.57 67.37
CA ILE E 107 0.67 -29.96 66.93
C ILE E 107 1.66 -29.97 65.75
N TYR E 108 1.49 -29.03 64.81
CA TYR E 108 2.37 -28.85 63.65
C TYR E 108 3.80 -28.65 64.10
N GLU E 109 4.02 -27.77 65.09
CA GLU E 109 5.39 -27.50 65.57
C GLU E 109 6.03 -28.79 66.09
N GLU E 110 5.25 -29.53 66.88
CA GLU E 110 5.76 -30.75 67.50
C GLU E 110 6.14 -31.81 66.43
N LYS E 111 5.27 -31.91 65.43
CA LYS E 111 5.40 -32.87 64.36
C LYS E 111 6.67 -32.55 63.57
N LEU E 112 6.86 -31.25 63.26
CA LEU E 112 8.08 -30.72 62.61
C LEU E 112 9.31 -31.25 63.32
N ALA E 113 9.37 -31.04 64.63
CA ALA E 113 10.55 -31.43 65.43
C ALA E 113 10.88 -32.93 65.31
N GLN E 114 9.84 -33.75 65.46
CA GLN E 114 10.01 -35.21 65.42
C GLN E 114 10.54 -35.67 64.05
N ALA E 115 9.96 -35.10 63.03
CA ALA E 115 10.32 -35.56 61.72
C ALA E 115 11.67 -34.93 61.28
N ARG E 116 12.05 -33.76 61.84
CA ARG E 116 13.42 -33.25 61.65
C ARG E 116 14.42 -34.28 62.16
N GLU E 117 14.13 -34.84 63.34
CA GLU E 117 14.96 -35.91 63.90
C GLU E 117 15.09 -37.13 62.94
N SER E 118 13.97 -37.58 62.37
CA SER E 118 14.00 -38.71 61.42
C SER E 118 14.92 -38.41 60.20
N ILE E 119 14.81 -37.18 59.68
CA ILE E 119 15.61 -36.75 58.54
C ILE E 119 17.08 -36.74 58.91
N ILE E 120 17.41 -36.22 60.10
CA ILE E 120 18.81 -36.16 60.55
C ILE E 120 19.35 -37.60 60.70
N ALA E 121 18.47 -38.52 61.08
CA ALA E 121 18.84 -39.92 61.32
C ALA E 121 18.81 -40.85 60.08
N ASP E 122 18.35 -40.37 58.91
CA ASP E 122 18.38 -41.19 57.67
C ASP E 122 19.77 -41.77 57.42
N ASN E 123 20.80 -41.03 57.86
CA ASN E 123 22.21 -41.34 57.66
C ASN E 123 22.69 -41.25 56.19
N ASN E 124 24.02 -41.22 56.04
CA ASN E 124 24.74 -41.05 54.74
C ASN E 124 26.14 -40.52 55.01
#